data_3OS6
#
_entry.id   3OS6
#
_cell.length_a   201.389
_cell.length_b   201.389
_cell.length_c   201.389
_cell.angle_alpha   90.00
_cell.angle_beta   90.00
_cell.angle_gamma   90.00
#
_symmetry.space_group_name_H-M   'P 21 3'
#
loop_
_entity.id
_entity.type
_entity.pdbx_description
1 polymer 'Isochorismate synthase DhbC'
2 non-polymer 'SULFATE ION'
3 non-polymer 'POLYETHYLENE GLYCOL (N=34)'
4 non-polymer GLYCEROL
5 water water
#
_entity_poly.entity_id   1
_entity_poly.type   'polypeptide(L)'
_entity_poly.pdbx_seq_one_letter_code
;(MSE)NEFTAVKELSEKLLEDYKTESSLFFASPTRTILAEGEFTTVKHHEIESFPELVQAVLRNAKQAGNPNPIVVGALP
FDRRKEVQLIVPEYSRISERLQLDPTNHLEINRNLTFE(MSE)TPVPDHEVY(MSE)KGVKQGIEKIKDGDLKKIVLSRS
LDVKSSGKIDKQKLLRELAEHNKHGYTFAVNLPKDENENSKTLIGASPELLVSRHG(MSE)QVISNPLAGSRPRSDDPVE
DKRRAEELLSSPKDLHEHAVVVEAVAAALRPYCHTLYVPEKPSVIHSEA(MSE)WHLSTEVKGELKNPNTSSLELAIALH
PTPAVCGTP(MSE)EEAREAIQKIEPFDREFFTG(MSE)LGWSDLNGDGEWIVTIRCAEVQENTLRLYAGAGVVAESKPE
DELAETSAKFQT(MSE)LKALGLNDSSLNEK
;
_entity_poly.pdbx_strand_id   A,B,C,D
#
# COMPACT_ATOMS: atom_id res chain seq x y z
N GLU A 9 39.34 -19.77 -0.33
CA GLU A 9 38.63 -18.46 -0.48
C GLU A 9 38.29 -17.90 0.91
N LEU A 10 38.52 -16.61 1.11
CA LEU A 10 38.24 -15.94 2.39
C LEU A 10 36.83 -16.27 2.90
N SER A 11 35.84 -16.28 2.01
CA SER A 11 34.48 -16.55 2.45
C SER A 11 34.41 -17.81 3.32
N GLU A 12 35.05 -18.88 2.87
CA GLU A 12 34.96 -20.16 3.54
C GLU A 12 35.69 -20.10 4.87
N LYS A 13 36.76 -19.32 4.93
CA LYS A 13 37.52 -19.15 6.19
C LYS A 13 36.66 -18.42 7.22
N LEU A 14 35.75 -17.56 6.77
CA LEU A 14 34.92 -16.80 7.71
C LEU A 14 33.91 -17.73 8.33
N LEU A 15 33.40 -18.66 7.52
CA LEU A 15 32.52 -19.72 8.02
C LEU A 15 33.26 -20.64 9.00
N GLU A 16 34.54 -20.91 8.75
CA GLU A 16 35.33 -21.76 9.66
C GLU A 16 35.66 -21.06 10.97
N ASP A 17 35.84 -19.75 10.90
CA ASP A 17 36.15 -18.96 12.09
C ASP A 17 34.93 -18.59 12.92
N TYR A 18 33.73 -18.95 12.49
CA TYR A 18 32.57 -18.60 13.29
C TYR A 18 32.74 -19.22 14.68
N LYS A 19 32.43 -18.43 15.70
CA LYS A 19 32.41 -18.89 17.07
C LYS A 19 31.08 -18.48 17.66
N THR A 20 30.68 -19.24 18.67
CA THR A 20 29.49 -18.96 19.49
C THR A 20 29.43 -17.51 20.06
N GLU A 21 30.59 -16.90 20.24
CA GLU A 21 30.72 -15.51 20.71
C GLU A 21 30.49 -14.43 19.62
N SER A 22 30.64 -14.83 18.35
CA SER A 22 30.54 -13.92 17.21
C SER A 22 29.18 -13.25 17.09
N SER A 23 29.18 -11.96 16.85
CA SER A 23 27.93 -11.20 16.87
C SER A 23 27.06 -11.48 15.62
N LEU A 24 27.69 -11.80 14.52
CA LEU A 24 26.94 -12.05 13.32
C LEU A 24 27.80 -12.85 12.40
N PHE A 25 27.27 -13.99 11.94
CA PHE A 25 27.65 -14.56 10.66
C PHE A 25 26.48 -14.30 9.74
N PHE A 26 26.75 -13.78 8.54
CA PHE A 26 25.68 -13.48 7.58
C PHE A 26 26.21 -13.76 6.19
N ALA A 27 25.70 -14.80 5.55
CA ALA A 27 26.13 -15.17 4.18
C ALA A 27 24.96 -14.88 3.26
N SER A 28 25.16 -13.96 2.34
CA SER A 28 24.13 -13.55 1.41
C SER A 28 24.66 -13.74 -0.01
N PRO A 29 23.80 -13.56 -1.01
CA PRO A 29 24.23 -13.68 -2.40
C PRO A 29 25.20 -12.58 -2.84
N THR A 30 25.37 -11.53 -2.04
CA THR A 30 26.31 -10.46 -2.40
C THR A 30 27.59 -10.45 -1.56
N ARG A 31 27.58 -11.13 -0.40
CA ARG A 31 28.70 -11.03 0.52
C ARG A 31 28.61 -12.04 1.67
N THR A 32 29.72 -12.15 2.39
CA THR A 32 29.74 -12.94 3.61
C THR A 32 30.34 -12.07 4.70
N ILE A 33 29.62 -11.93 5.80
CA ILE A 33 30.08 -11.14 6.90
C ILE A 33 30.30 -12.00 8.13
N LEU A 34 31.46 -11.81 8.75
CA LEU A 34 31.72 -12.35 10.09
C LEU A 34 32.08 -11.17 11.00
N ALA A 35 31.23 -10.90 11.99
CA ALA A 35 31.37 -9.76 12.85
C ALA A 35 31.67 -10.20 14.30
N GLU A 36 32.71 -9.61 14.86
CA GLU A 36 33.17 -9.98 16.20
C GLU A 36 33.09 -8.86 17.24
N GLY A 37 32.65 -9.24 18.44
CA GLY A 37 32.63 -8.32 19.57
C GLY A 37 31.52 -7.29 19.48
N GLU A 38 31.60 -6.28 20.36
CA GLU A 38 30.57 -5.26 20.51
C GLU A 38 31.16 -3.92 20.90
N PHE A 39 31.58 -3.16 19.94
CA PHE A 39 32.12 -1.84 20.19
C PHE A 39 31.00 -0.97 20.84
N THR A 40 29.80 -1.02 20.26
CA THR A 40 28.69 -0.26 20.77
C THR A 40 27.43 -1.05 20.60
N THR A 41 26.63 -1.11 21.65
CA THR A 41 25.29 -1.67 21.55
C THR A 41 24.31 -0.58 21.78
N VAL A 42 23.27 -0.54 20.96
CA VAL A 42 22.27 0.49 21.09
C VAL A 42 20.92 -0.17 21.13
N LYS A 43 20.15 0.18 22.14
CA LYS A 43 18.84 -0.40 22.43
C LYS A 43 17.84 0.75 22.52
N HIS A 44 16.67 0.61 21.92
CA HIS A 44 15.73 1.74 21.79
C HIS A 44 14.29 1.25 21.88
N HIS A 45 13.46 2.10 22.44
CA HIS A 45 12.09 1.76 22.80
C HIS A 45 11.05 1.89 21.67
N GLU A 46 11.34 2.67 20.65
CA GLU A 46 10.40 3.06 19.63
C GLU A 46 11.02 2.81 18.26
N ILE A 47 10.55 1.76 17.62
CA ILE A 47 11.16 1.33 16.38
C ILE A 47 11.15 2.44 15.36
N GLU A 48 10.15 3.29 15.39
CA GLU A 48 10.01 4.33 14.37
C GLU A 48 11.10 5.39 14.43
N SER A 49 11.69 5.65 15.61
CA SER A 49 12.83 6.60 15.69
C SER A 49 14.17 5.90 15.86
N PHE A 50 14.27 4.60 15.62
CA PHE A 50 15.57 3.89 15.68
C PHE A 50 16.59 4.24 14.56
N PRO A 51 16.13 4.43 13.30
CA PRO A 51 17.14 4.70 12.29
C PRO A 51 18.04 5.86 12.55
N GLU A 52 17.52 6.97 13.05
CA GLU A 52 18.36 8.15 13.27
C GLU A 52 19.38 7.98 14.40
N LEU A 53 18.99 7.23 15.43
CA LEU A 53 19.89 6.92 16.50
C LEU A 53 20.99 6.06 15.92
N VAL A 54 20.60 5.03 15.20
CA VAL A 54 21.58 4.14 14.59
C VAL A 54 22.55 4.92 13.70
N GLN A 55 22.09 5.88 12.92
CA GLN A 55 23.07 6.66 12.15
C GLN A 55 23.96 7.49 13.05
N ALA A 56 23.41 8.04 14.14
CA ALA A 56 24.23 8.82 15.08
C ALA A 56 25.41 7.97 15.61
N VAL A 57 25.08 6.75 15.93
CA VAL A 57 26.02 5.82 16.55
C VAL A 57 27.06 5.33 15.51
N LEU A 58 26.63 5.13 14.26
CA LEU A 58 27.58 4.77 13.20
C LEU A 58 28.53 5.92 12.90
N ARG A 59 28.04 7.13 12.91
CA ARG A 59 28.88 8.31 12.68
C ARG A 59 29.96 8.41 13.73
N ASN A 60 29.55 8.17 14.98
CA ASN A 60 30.46 8.21 16.09
C ASN A 60 31.51 7.12 15.97
N ALA A 61 31.12 5.94 15.56
CA ALA A 61 32.08 4.85 15.37
C ALA A 61 33.10 5.18 14.30
N LYS A 62 32.71 5.89 13.25
CA LYS A 62 33.67 6.34 12.24
C LYS A 62 34.69 7.30 12.84
N GLN A 63 34.17 8.38 13.45
CA GLN A 63 34.94 9.50 14.08
C GLN A 63 36.00 8.98 15.05
N ALA A 64 35.69 7.86 15.69
CA ALA A 64 36.61 7.06 16.43
C ALA A 64 37.53 6.13 15.58
N GLY A 65 37.20 5.73 14.35
CA GLY A 65 38.08 4.79 13.59
C GLY A 65 37.87 4.55 12.08
N ASN A 66 37.25 3.39 11.75
CA ASN A 66 37.15 2.88 10.34
C ASN A 66 36.04 3.57 9.56
N PRO A 67 36.21 3.70 8.23
CA PRO A 67 35.51 4.71 7.38
C PRO A 67 34.02 4.46 7.15
N ASN A 68 33.66 3.19 7.02
CA ASN A 68 32.26 2.81 6.78
C ASN A 68 31.78 1.64 7.68
N PRO A 69 31.75 1.87 9.05
CA PRO A 69 31.38 0.88 10.08
C PRO A 69 29.97 0.38 9.88
N ILE A 70 29.61 -0.75 10.48
CA ILE A 70 28.31 -1.34 10.23
C ILE A 70 27.59 -1.59 11.58
N VAL A 71 26.28 -1.79 11.51
CA VAL A 71 25.53 -2.37 12.60
C VAL A 71 25.01 -3.70 12.11
N VAL A 72 24.85 -4.61 13.07
CA VAL A 72 24.33 -5.91 12.78
C VAL A 72 23.39 -6.30 13.91
N GLY A 73 22.48 -7.20 13.57
CA GLY A 73 21.67 -7.86 14.54
C GLY A 73 20.29 -8.27 14.08
N ALA A 74 19.43 -8.58 15.06
CA ALA A 74 18.10 -9.12 14.80
C ALA A 74 17.10 -8.33 15.56
N LEU A 75 15.98 -8.03 14.94
CA LEU A 75 14.86 -7.42 15.60
C LEU A 75 13.70 -8.39 15.66
N PRO A 76 12.86 -8.23 16.67
CA PRO A 76 11.73 -9.11 16.86
C PRO A 76 10.56 -8.96 15.88
N PHE A 77 9.71 -10.00 15.83
CA PHE A 77 8.44 -9.96 15.14
C PHE A 77 7.60 -8.82 15.62
N ASP A 78 7.40 -8.73 16.93
CA ASP A 78 6.53 -7.68 17.48
C ASP A 78 7.18 -6.29 17.54
N ARG A 79 6.75 -5.41 16.65
CA ARG A 79 7.35 -4.06 16.49
C ARG A 79 7.30 -3.16 17.69
N ARG A 80 6.49 -3.53 18.66
CA ARG A 80 6.33 -2.71 19.84
C ARG A 80 7.40 -3.02 20.87
N LYS A 81 8.11 -4.13 20.75
CA LYS A 81 9.22 -4.41 21.64
C LYS A 81 10.38 -3.49 21.43
N GLU A 82 11.20 -3.43 22.48
CA GLU A 82 12.48 -2.75 22.41
C GLU A 82 13.32 -3.37 21.26
N VAL A 83 14.07 -2.53 20.56
CA VAL A 83 14.93 -3.04 19.50
C VAL A 83 16.38 -2.76 19.81
N GLN A 84 17.25 -3.61 19.28
CA GLN A 84 18.65 -3.56 19.61
C GLN A 84 19.55 -4.03 18.45
N LEU A 85 20.63 -3.32 18.24
CA LEU A 85 21.64 -3.70 17.27
C LEU A 85 23.02 -3.39 17.81
N ILE A 86 24.03 -3.97 17.18
CA ILE A 86 25.40 -3.86 17.61
C ILE A 86 26.32 -3.35 16.52
N VAL A 87 27.19 -2.43 16.87
CA VAL A 87 28.31 -2.07 16.03
C VAL A 87 29.44 -2.99 16.50
N PRO A 88 29.91 -3.89 15.64
CA PRO A 88 30.89 -4.85 16.09
C PRO A 88 32.26 -4.25 16.26
N GLU A 89 33.11 -4.91 17.02
CA GLU A 89 34.52 -4.44 17.20
C GLU A 89 35.32 -4.59 15.93
N TYR A 90 35.15 -5.71 15.25
CA TYR A 90 35.59 -5.71 13.86
C TYR A 90 34.85 -6.74 13.07
N SER A 91 34.77 -6.46 11.77
CA SER A 91 34.09 -7.31 10.86
C SER A 91 34.97 -7.61 9.66
N ARG A 92 34.92 -8.85 9.21
CA ARG A 92 35.51 -9.19 7.95
C ARG A 92 34.37 -9.40 7.03
N ILE A 93 34.53 -8.90 5.81
CA ILE A 93 33.50 -8.97 4.80
C ILE A 93 34.18 -9.44 3.54
N SER A 94 33.66 -10.51 2.95
CA SER A 94 34.24 -11.06 1.75
C SER A 94 33.16 -11.22 0.71
N GLU A 95 33.51 -11.82 -0.42
CA GLU A 95 32.53 -12.15 -1.46
C GLU A 95 31.57 -13.19 -0.93
N ARG A 96 30.55 -13.47 -1.73
CA ARG A 96 29.60 -14.54 -1.42
C ARG A 96 30.32 -15.89 -1.33
N LEU A 97 29.77 -16.77 -0.50
CA LEU A 97 30.28 -18.14 -0.34
C LEU A 97 30.25 -18.92 -1.64
N GLN A 98 31.24 -19.77 -1.82
CA GLN A 98 31.33 -20.67 -2.97
C GLN A 98 31.78 -22.04 -2.45
N LEU A 99 30.95 -22.68 -1.63
CA LEU A 99 31.37 -23.92 -0.96
C LEU A 99 31.34 -25.13 -1.93
N ASP A 100 32.41 -25.95 -1.89
CA ASP A 100 32.50 -27.18 -2.70
C ASP A 100 33.07 -28.31 -1.84
N ASN A 110 27.45 -39.77 17.02
CA ASN A 110 26.08 -39.52 16.62
C ASN A 110 25.20 -39.20 17.84
N LEU A 111 24.43 -38.11 17.74
CA LEU A 111 23.61 -37.60 18.85
C LEU A 111 22.14 -38.04 18.73
N THR A 112 21.51 -38.35 19.87
CA THR A 112 20.08 -38.70 19.90
C THR A 112 19.27 -37.42 20.17
N PHE A 113 18.02 -37.39 19.72
CA PHE A 113 17.17 -36.19 19.85
C PHE A 113 15.78 -36.50 20.40
N GLU A 114 15.32 -35.66 21.33
CA GLU A 114 13.97 -35.70 21.88
C GLU A 114 13.25 -34.55 21.16
N THR A 116 9.49 -32.19 20.82
CA THR A 116 8.25 -31.82 21.50
C THR A 116 7.52 -30.65 20.79
N PRO A 117 6.38 -30.94 20.14
CA PRO A 117 5.60 -29.89 19.51
C PRO A 117 4.90 -28.95 20.49
N VAL A 118 5.21 -27.66 20.40
CA VAL A 118 4.56 -26.62 21.22
C VAL A 118 3.91 -25.61 20.29
N PRO A 119 2.59 -25.69 20.10
CA PRO A 119 1.62 -26.65 20.61
C PRO A 119 1.65 -28.00 19.89
N ASP A 120 0.77 -28.91 20.31
CA ASP A 120 0.54 -30.18 19.60
C ASP A 120 -0.32 -29.95 18.36
N HIS A 121 -0.44 -30.97 17.51
CA HIS A 121 -1.04 -30.82 16.18
C HIS A 121 -2.54 -30.43 16.18
N GLU A 122 -3.24 -30.76 17.26
CA GLU A 122 -4.66 -30.44 17.39
C GLU A 122 -4.83 -28.99 17.83
N VAL A 123 -4.25 -28.65 18.98
CA VAL A 123 -4.23 -27.27 19.51
C VAL A 123 -3.90 -26.23 18.42
N TYR A 124 -2.95 -26.58 17.54
CA TYR A 124 -2.61 -25.76 16.37
C TYR A 124 -3.74 -25.68 15.37
N LYS A 126 -6.87 -26.29 16.12
CA LYS A 126 -7.82 -25.49 16.89
C LYS A 126 -7.61 -24.00 16.60
N GLY A 127 -6.37 -23.55 16.78
CA GLY A 127 -5.98 -22.18 16.46
C GLY A 127 -6.38 -21.75 15.07
N VAL A 128 -6.07 -22.56 14.06
CA VAL A 128 -6.34 -22.17 12.67
C VAL A 128 -7.86 -22.01 12.43
N LYS A 129 -8.66 -22.89 13.02
CA LYS A 129 -10.13 -22.76 12.95
C LYS A 129 -10.56 -21.39 13.46
N GLN A 130 -10.12 -21.03 14.67
CA GLN A 130 -10.35 -19.68 15.22
C GLN A 130 -9.94 -18.58 14.24
N GLY A 131 -8.87 -18.83 13.49
CA GLY A 131 -8.39 -17.86 12.51
C GLY A 131 -9.32 -17.69 11.31
N ILE A 132 -9.70 -18.82 10.72
CA ILE A 132 -10.67 -18.82 9.62
C ILE A 132 -11.93 -18.10 10.08
N GLU A 133 -12.43 -18.50 11.24
CA GLU A 133 -13.59 -17.87 11.88
C GLU A 133 -13.52 -16.33 11.85
N LYS A 134 -12.42 -15.76 12.31
CA LYS A 134 -12.32 -14.30 12.44
C LYS A 134 -12.19 -13.55 11.10
N ILE A 135 -11.68 -14.20 10.05
CA ILE A 135 -11.63 -13.59 8.70
C ILE A 135 -13.01 -13.62 8.05
N LYS A 136 -13.77 -14.69 8.31
CA LYS A 136 -15.14 -14.81 7.78
C LYS A 136 -16.10 -13.78 8.39
N ASP A 137 -15.77 -13.30 9.59
CA ASP A 137 -16.55 -12.22 10.20
C ASP A 137 -16.09 -10.82 9.77
N GLY A 138 -15.10 -10.75 8.87
CA GLY A 138 -14.66 -9.48 8.29
C GLY A 138 -13.77 -8.61 9.16
N ASP A 139 -13.21 -9.20 10.22
CA ASP A 139 -12.29 -8.49 11.10
C ASP A 139 -10.91 -8.50 10.45
N LEU A 140 -10.55 -9.65 9.89
CA LEU A 140 -9.26 -9.81 9.23
C LEU A 140 -9.47 -10.32 7.82
N LYS A 141 -8.48 -10.03 6.96
CA LYS A 141 -8.42 -10.58 5.60
C LYS A 141 -7.37 -11.68 5.52
N LYS A 142 -6.19 -11.42 6.07
CA LYS A 142 -5.07 -12.35 6.05
C LYS A 142 -4.57 -12.59 7.46
N ILE A 143 -4.41 -13.85 7.85
CA ILE A 143 -3.71 -14.17 9.12
C ILE A 143 -2.65 -15.29 8.99
N VAL A 144 -1.41 -15.03 9.44
CA VAL A 144 -0.38 -16.09 9.46
C VAL A 144 -0.34 -16.72 10.85
N LEU A 145 -0.37 -18.06 10.92
CA LEU A 145 -0.29 -18.77 12.20
C LEU A 145 0.83 -19.80 12.19
N SER A 146 1.49 -19.90 13.33
CA SER A 146 2.73 -20.60 13.39
C SER A 146 2.81 -21.44 14.64
N ARG A 147 3.78 -22.34 14.64
CA ARG A 147 4.01 -23.22 15.76
C ARG A 147 5.50 -23.46 15.87
N SER A 148 5.90 -24.11 16.95
CA SER A 148 7.29 -24.38 17.20
C SER A 148 7.52 -25.84 17.56
N LEU A 149 8.77 -26.22 17.70
CA LEU A 149 9.16 -27.61 17.84
C LEU A 149 10.43 -27.60 18.69
N ASP A 150 10.27 -27.85 19.99
CA ASP A 150 11.40 -27.88 20.90
C ASP A 150 12.17 -29.14 20.63
N VAL A 151 13.49 -29.05 20.71
CA VAL A 151 14.31 -30.22 20.55
C VAL A 151 15.35 -30.23 21.65
N LYS A 152 15.57 -31.43 22.17
CA LYS A 152 16.56 -31.70 23.20
C LYS A 152 17.55 -32.70 22.60
N SER A 153 18.83 -32.38 22.67
CA SER A 153 19.90 -33.24 22.19
C SER A 153 20.56 -33.96 23.37
N SER A 154 21.10 -35.16 23.11
CA SER A 154 21.91 -35.87 24.10
C SER A 154 23.28 -35.21 24.29
N GLY A 155 23.73 -34.42 23.31
CA GLY A 155 24.99 -33.67 23.43
C GLY A 155 24.80 -32.16 23.28
N LYS A 156 25.89 -31.43 23.43
CA LYS A 156 25.95 -30.01 23.07
C LYS A 156 25.95 -29.87 21.54
N ILE A 157 25.10 -28.98 21.04
CA ILE A 157 25.01 -28.80 19.61
C ILE A 157 26.23 -28.05 19.16
N ASP A 158 26.92 -28.62 18.19
CA ASP A 158 28.04 -27.97 17.56
C ASP A 158 27.49 -26.89 16.57
N LYS A 159 27.47 -25.64 17.01
CA LYS A 159 26.85 -24.53 16.28
C LYS A 159 27.56 -24.26 14.95
N GLN A 160 28.88 -24.29 14.98
CA GLN A 160 29.63 -24.09 13.77
C GLN A 160 29.25 -25.11 12.70
N LYS A 161 29.05 -26.36 13.08
CA LYS A 161 28.76 -27.40 12.11
C LYS A 161 27.34 -27.27 11.64
N LEU A 162 26.44 -26.91 12.53
CA LEU A 162 25.08 -26.63 12.14
C LEU A 162 25.05 -25.48 11.08
N LEU A 163 25.83 -24.43 11.32
CA LEU A 163 25.93 -23.31 10.40
C LEU A 163 26.48 -23.75 9.04
N ARG A 164 27.51 -24.60 9.02
CA ARG A 164 28.06 -25.05 7.77
C ARG A 164 27.02 -25.89 6.98
N GLU A 165 26.33 -26.78 7.67
CA GLU A 165 25.29 -27.56 7.04
C GLU A 165 24.22 -26.66 6.42
N LEU A 166 23.81 -25.61 7.12
CA LEU A 166 22.77 -24.73 6.59
C LEU A 166 23.29 -24.04 5.32
N ALA A 167 24.52 -23.54 5.39
CA ALA A 167 25.11 -22.81 4.32
C ALA A 167 25.29 -23.67 3.05
N GLU A 168 25.74 -24.91 3.23
CA GLU A 168 26.00 -25.79 2.12
C GLU A 168 24.72 -26.12 1.33
N HIS A 169 23.59 -26.18 2.05
CA HIS A 169 22.32 -26.56 1.48
C HIS A 169 21.43 -25.34 1.21
N ASN A 170 22.04 -24.16 1.22
CA ASN A 170 21.34 -22.96 0.91
C ASN A 170 22.16 -22.00 0.02
N LYS A 171 22.35 -22.41 -1.23
CA LYS A 171 23.03 -21.66 -2.28
C LYS A 171 22.36 -20.30 -2.51
N HIS A 172 21.05 -20.22 -2.45
CA HIS A 172 20.41 -18.99 -2.92
C HIS A 172 19.87 -18.07 -1.84
N GLY A 173 19.89 -18.53 -0.61
CA GLY A 173 19.28 -17.78 0.44
C GLY A 173 20.25 -16.97 1.26
N TYR A 174 19.85 -16.75 2.50
CA TYR A 174 20.61 -15.98 3.46
C TYR A 174 20.77 -16.85 4.72
N THR A 175 22.03 -17.22 5.00
CA THR A 175 22.39 -18.06 6.14
C THR A 175 23.02 -17.18 7.23
N PHE A 176 22.58 -17.37 8.44
CA PHE A 176 22.91 -16.45 9.52
C PHE A 176 23.03 -17.15 10.89
N ALA A 177 23.86 -16.56 11.74
CA ALA A 177 23.94 -16.86 13.18
C ALA A 177 24.03 -15.51 13.92
N VAL A 178 23.10 -15.27 14.82
CA VAL A 178 23.09 -14.03 15.56
C VAL A 178 23.12 -14.32 17.02
N ASN A 179 24.08 -13.70 17.69
CA ASN A 179 24.18 -13.88 19.13
C ASN A 179 23.03 -13.09 19.75
N LEU A 180 22.19 -13.75 20.55
CA LEU A 180 21.01 -13.14 21.14
C LEU A 180 21.24 -12.79 22.62
N PRO A 181 20.53 -11.77 23.14
CA PRO A 181 20.53 -11.47 24.57
C PRO A 181 20.30 -12.74 25.39
N LYS A 182 21.20 -12.97 26.35
CA LYS A 182 21.24 -14.22 27.11
C LYS A 182 20.12 -14.35 28.12
N ASP A 183 19.97 -15.58 28.60
CA ASP A 183 19.20 -15.89 29.81
C ASP A 183 20.09 -15.90 31.06
N GLU A 184 21.31 -16.46 30.94
CA GLU A 184 22.28 -16.49 32.05
C GLU A 184 23.69 -16.10 31.60
N ASN A 187 24.11 -19.31 29.89
CA ASN A 187 24.41 -20.05 28.66
C ASN A 187 24.10 -19.30 27.35
N SER A 188 24.95 -19.48 26.33
CA SER A 188 24.86 -18.67 25.12
C SER A 188 23.63 -19.02 24.26
N LYS A 189 22.99 -17.98 23.73
CA LYS A 189 21.76 -18.13 22.94
C LYS A 189 22.01 -17.60 21.52
N THR A 190 21.84 -18.48 20.55
CA THR A 190 22.09 -18.14 19.15
C THR A 190 20.87 -18.37 18.27
N LEU A 191 20.56 -17.37 17.44
CA LEU A 191 19.52 -17.49 16.41
C LEU A 191 20.21 -17.87 15.13
N ILE A 192 19.83 -19.02 14.60
CA ILE A 192 20.53 -19.59 13.48
C ILE A 192 19.49 -20.02 12.42
N GLY A 193 19.83 -19.95 11.15
CA GLY A 193 18.89 -20.27 10.11
C GLY A 193 19.38 -20.03 8.69
N ALA A 194 18.51 -20.32 7.72
CA ALA A 194 18.78 -20.18 6.30
C ALA A 194 17.47 -19.72 5.66
N SER A 195 17.33 -18.41 5.53
CA SER A 195 16.10 -17.82 5.05
C SER A 195 16.22 -17.59 3.57
N PRO A 196 15.13 -17.81 2.83
CA PRO A 196 15.11 -17.51 1.37
C PRO A 196 14.65 -16.09 1.04
N GLU A 197 14.28 -15.32 2.05
CA GLU A 197 13.54 -14.08 1.82
C GLU A 197 14.22 -12.77 2.25
N LEU A 198 14.63 -11.98 1.27
CA LEU A 198 15.11 -10.62 1.51
C LEU A 198 13.93 -9.72 1.81
N LEU A 199 13.92 -9.10 3.01
CA LEU A 199 12.96 -8.03 3.31
C LEU A 199 13.33 -6.78 2.50
N VAL A 200 14.58 -6.34 2.58
CA VAL A 200 14.98 -5.20 1.78
C VAL A 200 16.50 -5.12 1.72
N SER A 201 17.05 -4.65 0.58
CA SER A 201 18.42 -4.24 0.48
C SER A 201 18.47 -2.87 -0.07
N ARG A 202 19.57 -2.16 0.22
CA ARG A 202 19.86 -0.90 -0.37
C ARG A 202 21.29 -0.97 -0.86
N HIS A 203 21.52 -0.45 -2.06
CA HIS A 203 22.84 -0.34 -2.66
C HIS A 203 22.82 0.99 -3.40
N GLY A 204 23.59 1.97 -2.97
CA GLY A 204 23.40 3.31 -3.47
C GLY A 204 21.95 3.75 -3.37
N GLN A 206 19.60 2.22 -5.08
CA GLN A 206 18.79 1.07 -5.48
C GLN A 206 18.29 0.26 -4.28
N VAL A 207 16.97 0.06 -4.24
CA VAL A 207 16.27 -0.69 -3.26
C VAL A 207 15.67 -1.94 -3.86
N ILE A 208 15.75 -3.06 -3.15
CA ILE A 208 15.14 -4.29 -3.64
C ILE A 208 14.47 -4.93 -2.44
N SER A 209 13.23 -5.37 -2.61
CA SER A 209 12.57 -6.22 -1.64
C SER A 209 12.11 -7.45 -2.39
N ASN A 210 12.07 -8.61 -1.73
CA ASN A 210 11.66 -9.84 -2.40
C ASN A 210 10.61 -10.58 -1.60
N PRO A 211 9.41 -10.06 -1.55
CA PRO A 211 8.36 -10.78 -0.87
C PRO A 211 8.07 -12.18 -1.46
N LEU A 212 7.95 -13.14 -0.56
CA LEU A 212 7.56 -14.52 -0.86
C LEU A 212 6.21 -14.77 -0.21
N ALA A 213 5.24 -15.24 -0.97
CA ALA A 213 3.95 -15.60 -0.36
C ALA A 213 3.35 -16.58 -1.30
N GLY A 214 2.96 -17.74 -0.75
CA GLY A 214 2.52 -18.86 -1.53
C GLY A 214 3.63 -19.89 -1.62
N SER A 215 3.36 -21.12 -1.18
CA SER A 215 4.36 -22.17 -1.14
C SER A 215 3.82 -23.60 -1.36
N ARG A 216 4.73 -24.51 -1.72
CA ARG A 216 4.48 -25.93 -1.80
C ARG A 216 5.79 -26.59 -1.46
N PRO A 217 5.74 -27.76 -0.81
CA PRO A 217 6.99 -28.47 -0.56
C PRO A 217 7.58 -29.03 -1.85
N ARG A 218 8.91 -29.03 -1.92
CA ARG A 218 9.64 -29.73 -2.94
C ARG A 218 9.32 -31.22 -2.86
N SER A 219 9.59 -31.95 -3.94
CA SER A 219 9.44 -33.40 -4.00
C SER A 219 10.72 -34.00 -4.55
N ASP A 220 11.10 -35.18 -4.08
CA ASP A 220 12.25 -35.89 -4.59
C ASP A 220 11.99 -36.54 -5.95
N ASP A 221 10.71 -36.65 -6.31
CA ASP A 221 10.32 -37.08 -7.63
C ASP A 221 10.31 -35.84 -8.52
N PRO A 222 11.28 -35.71 -9.44
CA PRO A 222 11.37 -34.47 -10.21
C PRO A 222 10.18 -34.17 -11.14
N VAL A 223 9.40 -35.16 -11.52
CA VAL A 223 8.17 -34.84 -12.24
C VAL A 223 7.16 -34.23 -11.28
N GLU A 224 6.99 -34.82 -10.10
CA GLU A 224 6.05 -34.27 -9.12
C GLU A 224 6.51 -32.88 -8.63
N ASP A 225 7.83 -32.74 -8.49
CA ASP A 225 8.45 -31.49 -8.11
C ASP A 225 8.03 -30.38 -9.07
N LYS A 226 8.18 -30.62 -10.37
CA LYS A 226 7.82 -29.63 -11.36
C LYS A 226 6.32 -29.37 -11.41
N ARG A 227 5.53 -30.41 -11.25
CA ARG A 227 4.09 -30.26 -11.24
C ARG A 227 3.70 -29.28 -10.13
N ARG A 228 4.29 -29.42 -8.95
CA ARG A 228 3.94 -28.54 -7.83
C ARG A 228 4.30 -27.08 -8.09
N ALA A 229 5.47 -26.86 -8.65
CA ALA A 229 5.89 -25.55 -9.05
C ALA A 229 4.86 -24.92 -9.98
N GLU A 230 4.47 -25.70 -10.99
CA GLU A 230 3.57 -25.21 -12.02
C GLU A 230 2.19 -24.92 -11.43
N GLU A 231 1.79 -25.72 -10.47
CA GLU A 231 0.51 -25.54 -9.85
C GLU A 231 0.48 -24.28 -9.00
N LEU A 232 1.55 -24.06 -8.25
CA LEU A 232 1.71 -22.85 -7.41
C LEU A 232 1.67 -21.62 -8.29
N LEU A 233 2.43 -21.68 -9.37
CA LEU A 233 2.53 -20.56 -10.32
C LEU A 233 1.21 -20.20 -10.98
N SER A 234 0.26 -21.13 -11.01
CA SER A 234 -1.03 -20.84 -11.64
C SER A 234 -2.24 -20.96 -10.72
N SER A 235 -2.01 -21.14 -9.43
CA SER A 235 -3.10 -21.18 -8.46
C SER A 235 -3.70 -19.78 -8.24
N PRO A 236 -4.98 -19.58 -8.58
CA PRO A 236 -5.60 -18.28 -8.41
C PRO A 236 -5.62 -17.80 -6.98
N LYS A 237 -5.83 -18.70 -6.04
CA LYS A 237 -5.86 -18.36 -4.64
C LYS A 237 -4.48 -17.83 -4.21
N ASP A 238 -3.43 -18.51 -4.63
CA ASP A 238 -2.10 -18.14 -4.24
C ASP A 238 -1.65 -16.91 -4.98
N LEU A 239 -1.96 -16.80 -6.28
CA LEU A 239 -1.63 -15.57 -7.01
C LEU A 239 -2.29 -14.34 -6.37
N HIS A 240 -3.52 -14.52 -5.91
CA HIS A 240 -4.27 -13.39 -5.41
C HIS A 240 -3.64 -12.92 -4.11
N GLU A 241 -3.32 -13.87 -3.24
CA GLU A 241 -2.73 -13.52 -1.97
C GLU A 241 -1.31 -12.94 -2.14
N HIS A 242 -0.58 -13.43 -3.14
CA HIS A 242 0.70 -12.87 -3.46
C HIS A 242 0.58 -11.40 -3.91
N ALA A 243 -0.39 -11.09 -4.76
CA ALA A 243 -0.58 -9.72 -5.22
C ALA A 243 -0.90 -8.80 -4.05
N VAL A 244 -1.53 -9.32 -3.01
CA VAL A 244 -1.82 -8.49 -1.82
C VAL A 244 -0.53 -8.14 -1.06
N VAL A 245 0.32 -9.15 -0.86
CA VAL A 245 1.60 -8.91 -0.25
C VAL A 245 2.43 -7.91 -1.11
N VAL A 246 2.43 -8.11 -2.43
CA VAL A 246 3.16 -7.22 -3.31
C VAL A 246 2.62 -5.78 -3.19
N GLU A 247 1.30 -5.62 -3.09
CA GLU A 247 0.73 -4.28 -2.93
C GLU A 247 1.22 -3.61 -1.64
N ALA A 248 1.37 -4.38 -0.57
CA ALA A 248 1.81 -3.81 0.69
C ALA A 248 3.30 -3.41 0.65
N VAL A 249 4.12 -4.20 -0.02
CA VAL A 249 5.51 -3.84 -0.21
C VAL A 249 5.59 -2.51 -0.97
N ALA A 250 4.90 -2.43 -2.09
CA ALA A 250 4.89 -1.20 -2.90
C ALA A 250 4.41 -0.01 -2.06
N ALA A 251 3.29 -0.18 -1.37
CA ALA A 251 2.74 0.82 -0.46
C ALA A 251 3.77 1.35 0.50
N ALA A 252 4.57 0.44 1.07
CA ALA A 252 5.57 0.84 2.07
C ALA A 252 6.71 1.60 1.43
N LEU A 253 7.03 1.24 0.19
CA LEU A 253 8.17 1.81 -0.51
C LEU A 253 7.88 3.09 -1.28
N ARG A 254 6.63 3.27 -1.70
CA ARG A 254 6.23 4.45 -2.49
C ARG A 254 6.72 5.80 -1.94
N PRO A 255 6.50 6.06 -0.66
CA PRO A 255 6.93 7.33 -0.15
C PRO A 255 8.45 7.57 -0.17
N TYR A 256 9.26 6.52 -0.32
CA TYR A 256 10.72 6.67 -0.29
C TYR A 256 11.37 6.71 -1.71
N CYS A 257 10.63 6.30 -2.74
CA CYS A 257 11.18 6.18 -4.11
C CYS A 257 10.57 7.09 -5.15
N HIS A 258 11.37 7.66 -6.07
CA HIS A 258 10.78 8.36 -7.21
C HIS A 258 10.25 7.38 -8.22
N THR A 259 10.88 6.22 -8.34
CA THR A 259 10.39 5.21 -9.23
C THR A 259 10.43 3.83 -8.60
N LEU A 260 9.44 3.02 -8.91
CA LEU A 260 9.38 1.63 -8.50
C LEU A 260 9.15 0.74 -9.70
N TYR A 261 9.69 -0.46 -9.68
CA TYR A 261 9.41 -1.46 -10.70
C TYR A 261 8.77 -2.62 -10.00
N VAL A 262 7.51 -2.88 -10.32
CA VAL A 262 6.75 -3.95 -9.74
C VAL A 262 6.34 -4.95 -10.84
N PRO A 263 6.88 -6.18 -10.76
CA PRO A 263 6.60 -7.08 -11.82
C PRO A 263 5.17 -7.46 -11.84
N GLU A 264 4.65 -7.57 -13.06
CA GLU A 264 3.29 -7.98 -13.31
C GLU A 264 2.92 -9.26 -12.61
N LYS A 265 3.78 -10.25 -12.71
CA LYS A 265 3.49 -11.58 -12.20
C LYS A 265 4.68 -12.12 -11.38
N PRO A 266 4.38 -12.99 -10.42
CA PRO A 266 5.45 -13.60 -9.64
C PRO A 266 6.15 -14.72 -10.38
N SER A 267 7.38 -15.00 -10.01
CA SER A 267 8.04 -16.21 -10.44
C SER A 267 7.97 -17.25 -9.30
N VAL A 268 8.51 -18.43 -9.54
CA VAL A 268 8.66 -19.40 -8.51
C VAL A 268 10.12 -19.54 -8.24
N ILE A 269 10.51 -19.58 -6.97
CA ILE A 269 11.89 -19.87 -6.60
C ILE A 269 11.87 -21.05 -5.65
N HIS A 270 13.02 -21.66 -5.42
CA HIS A 270 13.10 -22.80 -4.52
C HIS A 270 14.22 -22.70 -3.47
N SER A 271 13.98 -23.29 -2.30
CA SER A 271 15.06 -23.76 -1.43
C SER A 271 14.99 -25.27 -1.57
N GLU A 272 15.85 -26.02 -0.88
CA GLU A 272 15.77 -27.49 -0.87
C GLU A 272 14.44 -27.98 -0.33
N ALA A 273 13.83 -27.24 0.58
CA ALA A 273 12.61 -27.66 1.24
C ALA A 273 11.32 -27.23 0.51
N TRP A 275 9.04 -24.68 -2.59
CA TRP A 275 8.75 -23.73 -3.66
C TRP A 275 8.10 -22.50 -3.07
N HIS A 276 8.43 -21.32 -3.59
CA HIS A 276 7.82 -20.07 -3.17
C HIS A 276 7.46 -19.22 -4.34
N LEU A 277 6.30 -18.58 -4.28
CA LEU A 277 5.96 -17.51 -5.19
C LEU A 277 6.71 -16.26 -4.77
N SER A 278 7.43 -15.66 -5.72
CA SER A 278 8.37 -14.59 -5.49
C SER A 278 8.23 -13.42 -6.49
N THR A 279 8.29 -12.20 -5.98
CA THR A 279 8.36 -10.96 -6.77
C THR A 279 9.52 -10.08 -6.28
N GLU A 280 10.39 -9.64 -7.18
CA GLU A 280 11.41 -8.68 -6.83
C GLU A 280 10.91 -7.31 -7.14
N VAL A 281 10.65 -6.53 -6.11
CA VAL A 281 10.29 -5.16 -6.25
C VAL A 281 11.56 -4.29 -6.15
N LYS A 282 11.83 -3.48 -7.17
CA LYS A 282 12.97 -2.59 -7.18
C LYS A 282 12.52 -1.15 -7.12
N GLY A 283 13.31 -0.29 -6.52
CA GLY A 283 13.03 1.13 -6.48
C GLY A 283 14.28 1.92 -6.57
N GLU A 284 14.14 3.22 -6.79
CA GLU A 284 15.23 4.16 -6.79
C GLU A 284 14.82 5.26 -5.80
N LEU A 285 15.65 5.48 -4.80
CA LEU A 285 15.28 6.31 -3.70
C LEU A 285 15.29 7.78 -4.10
N LYS A 286 14.46 8.57 -3.41
CA LYS A 286 14.51 10.02 -3.51
C LYS A 286 15.65 10.63 -2.74
N ASN A 287 15.95 10.07 -1.59
CA ASN A 287 16.83 10.73 -0.66
C ASN A 287 18.02 9.84 -0.31
N PRO A 288 19.22 10.29 -0.59
CA PRO A 288 20.36 9.48 -0.28
C PRO A 288 20.53 9.13 1.16
N ASN A 289 19.97 9.91 2.07
CA ASN A 289 20.08 9.60 3.50
C ASN A 289 19.13 8.55 4.02
N THR A 290 18.27 7.99 3.20
CA THR A 290 17.40 6.91 3.67
C THR A 290 18.22 5.61 3.74
N SER A 291 18.29 5.05 4.95
CA SER A 291 19.09 3.89 5.20
C SER A 291 18.30 2.62 4.98
N SER A 292 19.02 1.54 4.74
CA SER A 292 18.40 0.25 4.57
C SER A 292 17.58 -0.05 5.82
N LEU A 293 18.07 0.36 7.00
CA LEU A 293 17.39 0.00 8.22
C LEU A 293 16.05 0.72 8.25
N GLU A 294 16.02 1.95 7.79
CA GLU A 294 14.79 2.71 7.76
C GLU A 294 13.76 2.03 6.81
N LEU A 295 14.20 1.58 5.65
CA LEU A 295 13.28 0.87 4.76
C LEU A 295 12.77 -0.43 5.36
N ALA A 296 13.64 -1.14 6.06
CA ALA A 296 13.27 -2.42 6.64
C ALA A 296 12.17 -2.20 7.60
N ILE A 297 12.33 -1.16 8.41
CA ILE A 297 11.32 -0.85 9.42
C ILE A 297 10.03 -0.47 8.74
N ALA A 298 10.09 0.28 7.63
CA ALA A 298 8.84 0.68 6.93
C ALA A 298 8.11 -0.55 6.44
N LEU A 299 8.88 -1.61 6.13
CA LEU A 299 8.30 -2.82 5.61
C LEU A 299 7.92 -3.82 6.67
N HIS A 300 8.44 -3.70 7.88
CA HIS A 300 8.36 -4.84 8.75
C HIS A 300 7.17 -4.74 9.70
N PRO A 301 6.44 -5.84 9.88
CA PRO A 301 6.48 -7.14 9.20
C PRO A 301 5.55 -7.11 7.99
N THR A 302 5.82 -7.89 6.94
CA THR A 302 4.92 -7.90 5.80
C THR A 302 3.78 -8.85 6.13
N PRO A 303 2.69 -8.71 5.38
CA PRO A 303 1.55 -9.59 5.52
C PRO A 303 1.92 -11.04 5.27
N ALA A 304 3.02 -11.29 4.58
CA ALA A 304 3.49 -12.66 4.40
C ALA A 304 3.68 -13.42 5.71
N VAL A 305 4.10 -12.75 6.78
CA VAL A 305 4.27 -13.42 8.09
C VAL A 305 3.30 -12.92 9.16
N CYS A 306 2.63 -11.80 8.90
CA CYS A 306 1.69 -11.23 9.86
C CYS A 306 0.27 -11.27 9.27
N GLY A 307 -0.16 -10.16 8.69
CA GLY A 307 -1.48 -10.09 8.08
C GLY A 307 -2.01 -8.69 7.76
N THR A 308 -3.26 -8.68 7.29
CA THR A 308 -3.98 -7.46 6.92
C THR A 308 -5.29 -7.42 7.67
N PRO A 309 -5.54 -6.38 8.48
CA PRO A 309 -4.59 -5.30 8.83
C PRO A 309 -3.48 -5.84 9.71
N GLU A 311 -2.01 -4.44 12.57
CA GLU A 311 -2.32 -4.28 14.01
C GLU A 311 -3.42 -5.26 14.44
N GLU A 312 -4.44 -5.41 13.61
CA GLU A 312 -5.55 -6.30 13.94
C GLU A 312 -5.08 -7.75 13.91
N ALA A 313 -4.44 -8.12 12.80
CA ALA A 313 -3.98 -9.49 12.61
C ALA A 313 -2.88 -9.89 13.61
N ARG A 314 -2.02 -8.95 13.98
CA ARG A 314 -1.05 -9.22 15.05
C ARG A 314 -1.75 -9.50 16.36
N GLU A 315 -2.87 -8.82 16.62
CA GLU A 315 -3.65 -9.03 17.86
C GLU A 315 -4.20 -10.47 17.86
N ALA A 316 -4.88 -10.82 16.79
CA ALA A 316 -5.30 -12.17 16.56
C ALA A 316 -4.14 -13.15 16.72
N ILE A 317 -2.97 -12.84 16.15
CA ILE A 317 -1.79 -13.73 16.29
C ILE A 317 -1.35 -13.92 17.75
N GLN A 318 -1.25 -12.82 18.49
CA GLN A 318 -0.80 -12.86 19.88
C GLN A 318 -1.80 -13.65 20.71
N LYS A 319 -3.09 -13.39 20.45
CA LYS A 319 -4.19 -14.01 21.17
C LYS A 319 -4.28 -15.52 20.91
N ILE A 320 -4.08 -15.95 19.66
CA ILE A 320 -4.19 -17.37 19.33
C ILE A 320 -2.96 -18.23 19.66
N GLU A 321 -1.75 -17.66 19.51
CA GLU A 321 -0.52 -18.45 19.63
C GLU A 321 -0.09 -18.61 21.10
N PRO A 322 0.17 -19.84 21.53
CA PRO A 322 0.54 -20.12 22.94
C PRO A 322 2.05 -20.05 23.24
N PHE A 323 2.80 -19.39 22.38
CA PHE A 323 4.19 -19.15 22.62
C PHE A 323 4.41 -17.80 22.06
N ASP A 324 5.54 -17.20 22.39
CA ASP A 324 5.94 -15.93 21.80
C ASP A 324 6.91 -16.24 20.67
N ARG A 325 6.66 -15.61 19.53
CA ARG A 325 7.52 -15.77 18.37
C ARG A 325 8.91 -15.24 18.63
N GLU A 326 8.98 -14.18 19.43
CA GLU A 326 10.22 -13.53 19.73
C GLU A 326 10.87 -13.07 18.41
N PHE A 327 12.02 -13.64 18.06
CA PHE A 327 12.72 -13.22 16.88
C PHE A 327 12.24 -13.87 15.57
N PHE A 328 11.43 -14.92 15.65
CA PHE A 328 10.95 -15.63 14.50
C PHE A 328 9.92 -14.76 13.79
N THR A 329 10.11 -14.59 12.48
CA THR A 329 9.34 -13.63 11.65
C THR A 329 9.66 -12.19 11.98
N GLY A 330 10.74 -12.01 12.73
CA GLY A 330 11.40 -10.69 12.78
C GLY A 330 12.23 -10.45 11.53
N LEU A 332 16.47 -9.56 10.30
CA LEU A 332 17.84 -9.45 10.75
C LEU A 332 18.74 -9.15 9.58
N GLY A 333 19.93 -8.66 9.88
CA GLY A 333 20.86 -8.29 8.83
C GLY A 333 21.86 -7.24 9.25
N TRP A 334 22.24 -6.38 8.31
CA TRP A 334 23.29 -5.40 8.54
C TRP A 334 22.97 -4.09 7.80
N SER A 335 23.56 -2.98 8.26
CA SER A 335 23.48 -1.72 7.59
C SER A 335 24.75 -0.96 7.82
N ASP A 336 25.17 -0.09 6.89
CA ASP A 336 26.44 0.60 7.06
C ASP A 336 26.27 2.10 7.13
N LEU A 337 27.35 2.82 7.36
CA LEU A 337 27.28 4.25 7.55
C LEU A 337 26.78 4.97 6.30
N ASN A 338 27.11 4.47 5.12
CA ASN A 338 26.61 5.03 3.87
C ASN A 338 25.09 4.82 3.72
N GLY A 339 24.55 3.78 4.41
CA GLY A 339 23.14 3.49 4.37
C GLY A 339 22.82 2.19 3.66
N ASP A 340 23.80 1.52 3.11
CA ASP A 340 23.51 0.30 2.38
C ASP A 340 23.29 -0.81 3.38
N GLY A 341 22.74 -1.93 2.91
CA GLY A 341 22.56 -3.05 3.79
C GLY A 341 21.65 -4.11 3.21
N GLU A 342 21.37 -5.14 4.02
CA GLU A 342 20.48 -6.22 3.63
C GLU A 342 19.76 -6.64 4.87
N TRP A 343 18.44 -6.72 4.84
CA TRP A 343 17.66 -7.22 5.95
C TRP A 343 16.79 -8.35 5.44
N ILE A 344 16.76 -9.45 6.14
CA ILE A 344 16.01 -10.64 5.72
C ILE A 344 14.86 -10.87 6.69
N VAL A 345 13.90 -11.66 6.27
CA VAL A 345 12.74 -12.03 7.08
C VAL A 345 13.23 -13.28 7.77
N THR A 346 13.13 -13.28 9.09
CA THR A 346 13.72 -14.31 9.91
C THR A 346 12.80 -15.50 9.96
N ILE A 347 12.95 -16.38 8.99
CA ILE A 347 12.18 -17.64 8.94
C ILE A 347 13.16 -18.80 8.67
N ARG A 348 12.66 -20.02 8.72
CA ARG A 348 13.46 -21.24 8.58
C ARG A 348 14.64 -21.20 9.54
N CYS A 349 14.34 -20.88 10.80
CA CYS A 349 15.36 -20.63 11.80
C CYS A 349 15.10 -21.36 13.10
N ALA A 350 16.08 -21.26 14.00
CA ALA A 350 15.96 -21.89 15.30
C ALA A 350 16.70 -21.08 16.37
N GLU A 351 16.19 -21.01 17.61
CA GLU A 351 17.01 -20.56 18.74
C GLU A 351 17.78 -21.74 19.31
N VAL A 352 19.10 -21.62 19.40
CA VAL A 352 19.93 -22.69 19.93
C VAL A 352 20.56 -22.25 21.25
N GLN A 353 20.42 -23.08 22.26
CA GLN A 353 21.02 -22.81 23.58
C GLN A 353 21.49 -24.15 24.15
N GLU A 354 22.82 -24.30 24.26
CA GLU A 354 23.42 -25.46 24.92
C GLU A 354 23.16 -26.78 24.18
N ASN A 355 22.11 -27.49 24.59
CA ASN A 355 21.70 -28.73 23.94
C ASN A 355 20.21 -28.74 23.56
N THR A 356 19.58 -27.55 23.55
CA THR A 356 18.19 -27.40 23.12
C THR A 356 18.00 -26.40 21.95
N LEU A 357 17.22 -26.79 20.96
CA LEU A 357 16.81 -25.91 19.88
C LEU A 357 15.33 -25.66 19.94
N ARG A 358 14.91 -24.44 19.65
CA ARG A 358 13.52 -24.22 19.29
C ARG A 358 13.42 -23.89 17.81
N LEU A 359 12.82 -24.81 17.07
CA LEU A 359 12.54 -24.61 15.66
C LEU A 359 11.19 -23.94 15.52
N TYR A 360 11.01 -23.17 14.43
CA TYR A 360 9.75 -22.50 14.13
C TYR A 360 9.36 -22.64 12.67
N ALA A 361 8.04 -22.59 12.45
CA ALA A 361 7.43 -22.52 11.11
C ALA A 361 5.98 -22.04 11.19
N GLY A 362 5.54 -21.33 10.15
CA GLY A 362 4.20 -20.76 10.05
C GLY A 362 3.56 -20.93 8.67
N ALA A 363 2.27 -20.63 8.60
CA ALA A 363 1.50 -20.80 7.37
C ALA A 363 0.41 -19.74 7.29
N GLY A 364 0.42 -18.98 6.20
CA GLY A 364 -0.64 -18.01 5.89
C GLY A 364 -2.02 -18.66 5.82
N VAL A 365 -2.99 -18.08 6.52
CA VAL A 365 -4.39 -18.58 6.59
C VAL A 365 -5.36 -17.52 6.02
N VAL A 366 -6.32 -18.03 5.24
CA VAL A 366 -7.37 -17.23 4.58
C VAL A 366 -8.71 -17.91 4.85
N ALA A 367 -9.79 -17.28 4.38
CA ALA A 367 -11.15 -17.79 4.56
C ALA A 367 -11.34 -19.19 3.97
N GLU A 368 -10.80 -19.37 2.77
CA GLU A 368 -10.96 -20.64 2.04
C GLU A 368 -9.88 -21.66 2.40
N SER A 369 -9.30 -21.54 3.59
CA SER A 369 -8.19 -22.42 4.00
C SER A 369 -8.70 -23.72 4.60
N LYS A 370 -7.82 -24.71 4.61
CA LYS A 370 -8.09 -26.03 5.16
C LYS A 370 -7.08 -26.38 6.27
N PRO A 371 -7.53 -26.49 7.53
CA PRO A 371 -6.67 -26.76 8.69
C PRO A 371 -5.57 -27.81 8.53
N GLU A 372 -5.90 -28.93 7.90
CA GLU A 372 -4.94 -30.01 7.75
C GLU A 372 -3.79 -29.64 6.81
N ASP A 373 -4.11 -28.92 5.74
CA ASP A 373 -3.10 -28.48 4.77
C ASP A 373 -2.08 -27.49 5.37
N GLU A 374 -2.49 -26.77 6.41
CA GLU A 374 -1.63 -25.82 7.11
C GLU A 374 -0.68 -26.54 8.06
N LEU A 375 -1.14 -27.62 8.67
CA LEU A 375 -0.27 -28.45 9.53
C LEU A 375 0.83 -29.12 8.71
N ALA A 376 0.45 -29.64 7.55
CA ALA A 376 1.40 -30.27 6.63
C ALA A 376 2.37 -29.23 6.06
N GLU A 377 1.86 -28.06 5.72
CA GLU A 377 2.67 -27.00 5.17
C GLU A 377 3.77 -26.58 6.17
N THR A 378 3.40 -26.43 7.46
CA THR A 378 4.35 -26.06 8.51
C THR A 378 5.44 -27.14 8.72
N SER A 379 5.05 -28.40 8.70
CA SER A 379 6.02 -29.51 8.80
C SER A 379 7.01 -29.54 7.64
N ALA A 380 6.54 -29.18 6.45
CA ALA A 380 7.42 -29.07 5.28
C ALA A 380 8.41 -27.88 5.48
N LYS A 381 7.91 -26.82 6.06
CA LYS A 381 8.72 -25.67 6.35
C LYS A 381 9.81 -26.00 7.39
N PHE A 382 9.54 -26.95 8.32
CA PHE A 382 10.53 -27.37 9.33
C PHE A 382 11.75 -28.12 8.74
N GLN A 383 11.61 -28.62 7.52
CA GLN A 383 12.66 -29.45 6.93
C GLN A 383 14.03 -28.77 6.75
N THR A 384 14.07 -27.45 6.52
CA THR A 384 15.35 -26.76 6.32
C THR A 384 16.20 -26.98 7.55
N LEU A 386 15.53 -29.14 10.17
CA LEU A 386 15.64 -30.55 10.52
C LEU A 386 16.74 -31.22 9.70
N LYS A 387 16.77 -30.92 8.42
CA LYS A 387 17.79 -31.47 7.55
C LYS A 387 19.18 -31.13 8.05
N ALA A 388 19.39 -29.88 8.49
CA ALA A 388 20.70 -29.46 8.98
C ALA A 388 21.12 -30.21 10.27
N LEU A 389 20.13 -30.59 11.06
CA LEU A 389 20.37 -31.43 12.25
C LEU A 389 20.57 -32.92 11.96
N GLY A 390 20.43 -33.35 10.70
CA GLY A 390 20.44 -34.77 10.38
C GLY A 390 19.19 -35.46 10.91
N LEU A 391 18.04 -34.81 10.72
CA LEU A 391 16.73 -35.37 11.07
C LEU A 391 15.74 -35.23 9.92
N ASN A 392 16.25 -35.01 8.69
CA ASN A 392 15.43 -34.65 7.52
C ASN A 392 14.19 -35.54 7.25
N LEU B 10 7.13 18.98 46.13
CA LEU B 10 7.31 18.22 44.85
C LEU B 10 8.42 17.19 45.01
N SER B 11 9.54 17.58 45.63
CA SER B 11 10.66 16.64 45.81
C SER B 11 10.22 15.38 46.50
N GLU B 12 9.36 15.49 47.49
CA GLU B 12 8.88 14.32 48.18
C GLU B 12 7.89 13.56 47.33
N LYS B 13 7.19 14.25 46.46
CA LYS B 13 6.35 13.55 45.49
C LYS B 13 7.25 12.61 44.65
N LEU B 14 8.39 13.12 44.23
CA LEU B 14 9.29 12.31 43.41
C LEU B 14 9.75 11.05 44.14
N LEU B 15 10.07 11.16 45.42
CA LEU B 15 10.38 9.96 46.21
C LEU B 15 9.20 8.99 46.30
N GLU B 16 8.01 9.52 46.55
CA GLU B 16 6.79 8.69 46.55
C GLU B 16 6.55 8.02 45.19
N ASP B 17 6.86 8.70 44.10
CA ASP B 17 6.59 8.13 42.78
C ASP B 17 7.61 7.13 42.27
N TYR B 18 8.67 6.84 43.03
CA TYR B 18 9.70 5.95 42.56
C TYR B 18 9.11 4.55 42.46
N LYS B 19 9.31 3.90 41.32
CA LYS B 19 8.83 2.53 41.08
C LYS B 19 10.03 1.74 40.60
N THR B 20 9.90 0.42 40.50
CA THR B 20 11.03 -0.41 40.05
C THR B 20 11.29 -0.27 38.52
N GLU B 21 10.36 0.37 37.80
CA GLU B 21 10.56 0.83 36.40
C GLU B 21 11.11 2.26 36.24
N SER B 22 11.40 2.95 37.34
CA SER B 22 12.09 4.23 37.26
C SER B 22 13.52 3.87 36.94
N SER B 23 14.19 4.71 36.17
CA SER B 23 15.54 4.37 35.82
C SER B 23 16.56 5.02 36.76
N LEU B 24 16.22 6.17 37.32
CA LEU B 24 17.04 6.79 38.31
C LEU B 24 16.17 7.56 39.31
N PHE B 25 16.43 7.36 40.62
CA PHE B 25 16.12 8.38 41.65
C PHE B 25 17.47 8.90 42.13
N PHE B 26 17.63 10.22 42.28
CA PHE B 26 18.92 10.79 42.66
C PHE B 26 18.70 12.07 43.42
N ALA B 27 18.95 12.00 44.71
CA ALA B 27 18.67 13.09 45.60
C ALA B 27 20.02 13.63 46.07
N SER B 28 20.34 14.81 45.59
CA SER B 28 21.61 15.45 45.89
C SER B 28 21.30 16.69 46.63
N PRO B 29 22.33 17.37 47.12
CA PRO B 29 22.07 18.66 47.76
C PRO B 29 21.58 19.80 46.78
N THR B 30 21.75 19.65 45.47
CA THR B 30 21.30 20.65 44.47
C THR B 30 19.93 20.35 43.84
N ARG B 31 19.40 19.15 44.04
CA ARG B 31 18.20 18.74 43.35
C ARG B 31 17.68 17.36 43.74
N THR B 32 16.54 17.02 43.19
CA THR B 32 16.09 15.65 43.22
C THR B 32 15.62 15.35 41.82
N ILE B 33 16.01 14.19 41.28
CA ILE B 33 15.65 13.74 39.97
C ILE B 33 14.97 12.41 40.05
N LEU B 34 13.84 12.28 39.34
CA LEU B 34 13.25 10.97 39.10
C LEU B 34 13.17 10.81 37.59
N ALA B 35 13.73 9.72 37.09
CA ALA B 35 13.77 9.44 35.67
C ALA B 35 13.02 8.15 35.48
N GLU B 36 12.13 8.14 34.49
CA GLU B 36 11.23 7.03 34.26
C GLU B 36 11.48 6.46 32.89
N GLY B 37 11.59 5.13 32.82
CA GLY B 37 11.73 4.40 31.57
C GLY B 37 13.16 4.36 31.04
N GLU B 38 13.34 3.59 30.00
CA GLU B 38 14.57 3.52 29.29
C GLU B 38 14.15 3.80 27.86
N PHE B 39 14.28 5.02 27.40
CA PHE B 39 14.00 5.24 26.03
C PHE B 39 15.16 4.69 25.17
N THR B 40 16.39 5.06 25.49
CA THR B 40 17.53 4.58 24.80
C THR B 40 18.56 4.11 25.82
N THR B 41 19.21 2.98 25.52
CA THR B 41 20.30 2.46 26.24
C THR B 41 21.44 2.41 25.30
N VAL B 42 22.62 2.84 25.75
CA VAL B 42 23.82 2.80 24.94
C VAL B 42 24.90 2.13 25.79
N LYS B 43 25.51 1.07 25.26
CA LYS B 43 26.62 0.35 25.86
C LYS B 43 27.84 0.49 24.98
N HIS B 44 29.01 0.49 25.59
CA HIS B 44 30.21 0.77 24.80
C HIS B 44 31.39 0.03 25.42
N HIS B 45 32.34 -0.40 24.61
CA HIS B 45 33.41 -1.26 25.09
C HIS B 45 34.53 -0.52 25.79
N GLU B 46 34.74 0.75 25.46
CA GLU B 46 35.88 1.50 25.92
C GLU B 46 35.43 2.75 26.67
N ILE B 47 35.66 2.78 27.97
CA ILE B 47 35.29 3.92 28.78
C ILE B 47 35.85 5.24 28.25
N GLU B 48 37.06 5.24 27.74
CA GLU B 48 37.71 6.46 27.30
C GLU B 48 37.02 7.12 26.13
N SER B 49 36.34 6.36 25.25
CA SER B 49 35.66 7.02 24.12
C SER B 49 34.16 7.09 24.36
N PHE B 50 33.72 6.87 25.58
CA PHE B 50 32.29 6.90 25.87
C PHE B 50 31.65 8.27 25.88
N PRO B 51 32.34 9.30 26.42
CA PRO B 51 31.72 10.63 26.42
C PRO B 51 31.24 11.15 25.06
N GLU B 52 32.04 10.96 23.99
CA GLU B 52 31.61 11.41 22.67
C GLU B 52 30.40 10.64 22.18
N LEU B 53 30.34 9.35 22.43
CA LEU B 53 29.17 8.59 22.04
C LEU B 53 27.92 9.12 22.77
N VAL B 54 28.08 9.39 24.06
CA VAL B 54 26.97 9.87 24.85
C VAL B 54 26.47 11.19 24.31
N GLN B 55 27.37 12.11 24.01
CA GLN B 55 26.91 13.41 23.48
C GLN B 55 26.17 13.21 22.13
N ALA B 56 26.64 12.31 21.29
CA ALA B 56 25.96 12.06 20.03
C ALA B 56 24.55 11.52 20.27
N VAL B 57 24.39 10.69 21.29
CA VAL B 57 23.10 10.11 21.57
C VAL B 57 22.15 11.16 22.12
N LEU B 58 22.70 12.06 22.94
CA LEU B 58 21.92 13.13 23.50
C LEU B 58 21.49 14.13 22.43
N ARG B 59 22.38 14.50 21.52
CA ARG B 59 22.02 15.35 20.41
C ARG B 59 20.92 14.76 19.59
N ASN B 60 21.00 13.46 19.36
CA ASN B 60 19.94 12.77 18.62
C ASN B 60 18.61 12.83 19.34
N ALA B 61 18.64 12.56 20.62
CA ALA B 61 17.48 12.67 21.42
C ALA B 61 16.84 14.07 21.35
N LYS B 62 17.63 15.14 21.46
CA LYS B 62 17.14 16.50 21.30
C LYS B 62 16.40 16.62 19.96
N GLN B 63 17.09 16.28 18.88
CA GLN B 63 16.59 16.56 17.55
C GLN B 63 15.42 15.66 17.21
N ALA B 64 15.29 14.53 17.91
CA ALA B 64 14.12 13.68 17.77
C ALA B 64 12.97 14.13 18.69
N GLY B 65 13.11 15.26 19.39
CA GLY B 65 11.98 15.85 20.14
C GLY B 65 11.89 15.69 21.65
N ASN B 66 13.02 15.35 22.28
CA ASN B 66 13.12 15.40 23.74
C ASN B 66 13.71 16.76 24.12
N PRO B 67 12.96 17.55 24.91
CA PRO B 67 13.44 18.91 25.11
C PRO B 67 14.60 19.03 26.06
N ASN B 68 14.64 18.15 27.07
CA ASN B 68 15.74 18.05 28.04
C ASN B 68 16.41 16.64 28.14
N PRO B 69 17.25 16.28 27.16
CA PRO B 69 17.75 14.94 27.26
C PRO B 69 18.90 14.83 28.28
N ILE B 70 18.80 13.79 29.11
CA ILE B 70 19.85 13.45 30.05
C ILE B 70 20.23 12.00 29.88
N VAL B 71 21.44 11.65 30.32
CA VAL B 71 21.74 10.27 30.53
C VAL B 71 21.86 10.09 32.04
N VAL B 72 21.47 8.90 32.50
CA VAL B 72 21.56 8.48 33.91
C VAL B 72 22.04 7.02 33.94
N GLY B 73 22.73 6.63 34.98
CA GLY B 73 23.03 5.22 35.19
C GLY B 73 24.25 5.08 36.08
N ALA B 74 24.87 3.90 36.00
CA ALA B 74 26.00 3.57 36.83
C ALA B 74 27.05 2.87 36.03
N LEU B 75 28.31 3.13 36.35
CA LEU B 75 29.48 2.52 35.67
C LEU B 75 30.20 1.70 36.72
N PRO B 76 30.94 0.65 36.30
CA PRO B 76 31.53 -0.26 37.25
C PRO B 76 32.84 0.25 37.84
N PHE B 77 33.29 -0.43 38.89
CA PHE B 77 34.58 -0.16 39.52
C PHE B 77 35.64 -0.34 38.45
N ASP B 78 35.63 -1.48 37.80
CA ASP B 78 36.67 -1.81 36.86
C ASP B 78 36.52 -1.11 35.48
N ARG B 79 37.40 -0.16 35.24
CA ARG B 79 37.36 0.68 34.03
C ARG B 79 37.43 -0.10 32.73
N ARG B 80 37.90 -1.34 32.77
CA ARG B 80 38.05 -2.11 31.54
C ARG B 80 36.77 -2.78 31.07
N LYS B 81 35.79 -2.86 31.97
CA LYS B 81 34.51 -3.43 31.63
C LYS B 81 33.72 -2.54 30.66
N GLU B 82 32.77 -3.16 30.00
CA GLU B 82 31.81 -2.45 29.17
C GLU B 82 31.05 -1.44 30.08
N VAL B 83 30.71 -0.29 29.51
CA VAL B 83 29.93 0.71 30.21
C VAL B 83 28.62 0.98 29.53
N GLN B 84 27.66 1.45 30.29
CA GLN B 84 26.31 1.60 29.78
C GLN B 84 25.60 2.74 30.51
N LEU B 85 24.87 3.58 29.80
CA LEU B 85 23.94 4.53 30.37
C LEU B 85 22.59 4.54 29.63
N ILE B 86 21.60 5.19 30.20
CA ILE B 86 20.23 5.27 29.68
C ILE B 86 19.75 6.70 29.49
N VAL B 87 19.09 6.97 28.38
CA VAL B 87 18.37 8.19 28.23
C VAL B 87 16.95 7.83 28.58
N PRO B 88 16.40 8.41 29.63
CA PRO B 88 15.03 8.10 30.02
C PRO B 88 14.02 8.75 29.12
N GLU B 89 12.81 8.21 29.11
CA GLU B 89 11.64 8.81 28.41
C GLU B 89 11.33 10.20 28.90
N TYR B 90 11.20 10.33 30.19
CA TYR B 90 11.09 11.64 30.78
C TYR B 90 11.71 11.60 32.15
N SER B 91 12.02 12.81 32.62
CA SER B 91 12.62 13.02 33.88
C SER B 91 11.97 14.25 34.50
N ARG B 92 11.81 14.22 35.81
CA ARG B 92 11.33 15.35 36.58
C ARG B 92 12.43 15.73 37.51
N ILE B 93 12.57 17.04 37.67
CA ILE B 93 13.65 17.61 38.42
C ILE B 93 13.09 18.68 39.37
N SER B 94 13.23 18.45 40.67
CA SER B 94 12.77 19.38 41.68
C SER B 94 13.94 19.88 42.53
N GLU B 95 13.63 20.64 43.57
CA GLU B 95 14.65 21.14 44.49
C GLU B 95 14.99 19.95 45.39
N ARG B 96 15.91 20.17 46.33
CA ARG B 96 16.44 19.07 47.12
C ARG B 96 15.40 18.57 48.10
N LEU B 97 15.65 17.38 48.61
CA LEU B 97 14.70 16.65 49.42
C LEU B 97 14.61 17.27 50.84
N GLN B 98 13.40 17.53 51.34
CA GLN B 98 13.19 18.05 52.72
C GLN B 98 12.31 17.03 53.50
N LEU B 99 12.91 16.27 54.42
CA LEU B 99 12.17 15.18 55.12
C LEU B 99 12.42 15.09 56.65
N ASP B 100 11.35 14.95 57.44
CA ASP B 100 11.48 14.57 58.86
C ASP B 100 11.37 13.03 58.97
N PRO B 101 12.32 12.35 59.68
CA PRO B 101 12.27 10.88 59.83
C PRO B 101 10.88 10.33 60.19
N THR B 102 10.49 9.22 59.55
CA THR B 102 9.13 8.66 59.65
C THR B 102 9.14 7.21 60.17
N LEU B 111 9.67 -11.87 59.40
CA LEU B 111 10.76 -12.00 58.41
C LEU B 111 11.97 -12.76 58.95
N THR B 112 12.54 -13.62 58.11
CA THR B 112 13.87 -14.09 58.35
C THR B 112 14.81 -13.32 57.38
N PHE B 113 15.90 -12.76 57.90
CA PHE B 113 17.02 -12.42 57.08
C PHE B 113 18.13 -13.42 57.31
N GLU B 114 18.77 -13.80 56.22
CA GLU B 114 19.86 -14.73 56.17
C GLU B 114 21.12 -14.02 55.67
N THR B 116 25.15 -13.96 54.65
CA THR B 116 26.30 -14.69 54.20
C THR B 116 27.46 -13.74 53.86
N PRO B 117 28.43 -13.61 54.75
CA PRO B 117 29.57 -12.77 54.40
C PRO B 117 30.41 -13.40 53.28
N VAL B 118 30.77 -12.59 52.29
CA VAL B 118 31.58 -13.02 51.19
C VAL B 118 32.76 -12.07 51.02
N PRO B 119 33.95 -12.45 51.50
CA PRO B 119 34.30 -13.71 52.17
C PRO B 119 34.07 -13.62 53.67
N ASP B 120 34.44 -14.66 54.42
CA ASP B 120 34.29 -14.60 55.86
C ASP B 120 35.33 -13.66 56.46
N HIS B 121 35.14 -13.30 57.72
CA HIS B 121 35.92 -12.25 58.37
C HIS B 121 37.43 -12.59 58.32
N GLU B 122 37.77 -13.87 58.39
CA GLU B 122 39.18 -14.27 58.50
C GLU B 122 39.86 -14.18 57.15
N VAL B 123 39.19 -14.63 56.09
CA VAL B 123 39.72 -14.50 54.73
C VAL B 123 39.90 -13.02 54.36
N TYR B 124 38.97 -12.18 54.77
CA TYR B 124 39.11 -10.74 54.58
C TYR B 124 40.41 -10.23 55.28
N LYS B 126 43.03 -11.98 56.14
CA LYS B 126 44.16 -12.55 55.44
C LYS B 126 44.50 -11.65 54.27
N GLY B 127 43.45 -11.22 53.56
CA GLY B 127 43.63 -10.44 52.36
C GLY B 127 44.26 -9.13 52.79
N VAL B 128 43.82 -8.59 53.92
CA VAL B 128 44.43 -7.36 54.39
C VAL B 128 45.94 -7.55 54.66
N LYS B 129 46.34 -8.67 55.23
CA LYS B 129 47.78 -8.96 55.43
C LYS B 129 48.51 -9.02 54.08
N GLN B 130 47.90 -9.64 53.08
CA GLN B 130 48.50 -9.65 51.75
C GLN B 130 48.74 -8.25 51.18
N GLY B 131 47.84 -7.32 51.43
CA GLY B 131 47.98 -5.96 50.93
C GLY B 131 49.11 -5.22 51.61
N ILE B 132 49.18 -5.35 52.92
CA ILE B 132 50.24 -4.79 53.69
C ILE B 132 51.57 -5.26 53.09
N GLU B 133 51.78 -6.58 53.10
CA GLU B 133 52.97 -7.17 52.51
C GLU B 133 53.33 -6.54 51.16
N LYS B 134 52.39 -6.47 50.24
CA LYS B 134 52.71 -5.96 48.92
C LYS B 134 53.26 -4.53 49.00
N ILE B 135 52.73 -3.74 49.93
CA ILE B 135 53.22 -2.38 50.15
C ILE B 135 54.62 -2.42 50.81
N LYS B 136 54.80 -3.27 51.80
CA LYS B 136 56.10 -3.40 52.44
C LYS B 136 57.21 -3.88 51.49
N ASP B 137 56.86 -4.45 50.33
CA ASP B 137 57.82 -4.78 49.28
C ASP B 137 57.91 -3.68 48.22
N GLY B 138 57.18 -2.59 48.38
CA GLY B 138 57.18 -1.46 47.43
C GLY B 138 56.50 -1.70 46.09
N ASP B 139 55.68 -2.74 45.98
CA ASP B 139 54.85 -2.95 44.77
C ASP B 139 53.69 -1.94 44.67
N LEU B 140 53.20 -1.50 45.82
CA LEU B 140 52.10 -0.56 45.92
C LEU B 140 52.32 0.44 47.07
N LYS B 141 51.71 1.62 46.92
CA LYS B 141 51.69 2.67 47.93
C LYS B 141 50.42 2.57 48.74
N LYS B 142 49.30 2.53 48.03
CA LYS B 142 47.97 2.54 48.63
C LYS B 142 47.15 1.34 48.18
N ILE B 143 46.50 0.63 49.10
CA ILE B 143 45.43 -0.36 48.67
C ILE B 143 44.09 -0.34 49.48
N VAL B 144 42.95 -0.19 48.80
CA VAL B 144 41.64 -0.32 49.44
C VAL B 144 41.08 -1.75 49.26
N LEU B 145 40.84 -2.45 50.36
CA LEU B 145 40.32 -3.79 50.27
C LEU B 145 38.96 -3.86 50.86
N SER B 146 38.13 -4.66 50.23
CA SER B 146 36.73 -4.59 50.59
C SER B 146 36.10 -5.96 50.71
N ARG B 147 34.87 -6.01 51.18
CA ARG B 147 34.17 -7.28 51.29
C ARG B 147 32.71 -7.05 51.13
N SER B 148 31.98 -8.12 50.95
CA SER B 148 30.55 -8.02 50.76
C SER B 148 29.75 -8.90 51.74
N LEU B 149 28.44 -8.71 51.69
CA LEU B 149 27.50 -9.32 52.60
C LEU B 149 26.19 -9.60 51.88
N ASP B 150 25.91 -10.88 51.68
CA ASP B 150 24.68 -11.33 51.01
C ASP B 150 23.54 -11.54 52.01
N VAL B 151 22.38 -10.96 51.72
CA VAL B 151 21.26 -10.98 52.64
C VAL B 151 20.08 -11.50 51.88
N LYS B 152 19.52 -12.63 52.33
CA LYS B 152 18.32 -13.20 51.76
C LYS B 152 17.19 -12.92 52.72
N SER B 153 16.14 -12.28 52.26
CA SER B 153 14.98 -12.02 53.10
C SER B 153 13.96 -13.11 52.87
N SER B 154 13.12 -13.36 53.85
CA SER B 154 12.02 -14.31 53.65
C SER B 154 10.90 -13.66 52.83
N GLY B 155 10.84 -12.34 52.81
CA GLY B 155 9.92 -11.60 51.92
C GLY B 155 10.64 -10.81 50.83
N LYS B 156 9.88 -10.32 49.87
CA LYS B 156 10.40 -9.45 48.81
C LYS B 156 10.77 -8.10 49.38
N ILE B 157 11.97 -7.62 49.07
CA ILE B 157 12.43 -6.33 49.58
C ILE B 157 11.64 -5.20 48.92
N ASP B 158 11.08 -4.33 49.75
CA ASP B 158 10.37 -3.17 49.26
C ASP B 158 11.35 -1.99 48.95
N LYS B 159 11.75 -1.88 47.70
CA LYS B 159 12.81 -0.97 47.33
C LYS B 159 12.45 0.47 47.65
N GLN B 160 11.19 0.80 47.50
CA GLN B 160 10.76 2.15 47.66
C GLN B 160 10.84 2.50 49.14
N LYS B 161 10.46 1.58 50.02
CA LYS B 161 10.61 1.85 51.47
C LYS B 161 12.09 1.94 51.82
N LEU B 162 12.89 0.97 51.34
CA LEU B 162 14.33 1.03 51.54
C LEU B 162 14.90 2.43 51.15
N LEU B 163 14.51 2.91 49.99
CA LEU B 163 14.96 4.18 49.49
C LEU B 163 14.58 5.31 50.42
N ARG B 164 13.37 5.25 50.96
CA ARG B 164 12.91 6.30 51.83
C ARG B 164 13.66 6.28 53.15
N GLU B 165 13.86 5.11 53.74
CA GLU B 165 14.72 5.01 54.94
C GLU B 165 16.10 5.63 54.74
N LEU B 166 16.67 5.45 53.57
CA LEU B 166 18.00 5.98 53.31
C LEU B 166 17.95 7.50 53.20
N ALA B 167 16.96 7.99 52.46
CA ALA B 167 16.81 9.42 52.23
C ALA B 167 16.64 10.16 53.53
N GLU B 168 15.73 9.67 54.37
CA GLU B 168 15.45 10.31 55.64
C GLU B 168 16.68 10.37 56.57
N HIS B 169 17.64 9.46 56.41
CA HIS B 169 18.79 9.42 57.28
C HIS B 169 20.07 9.87 56.58
N ASN B 170 19.93 10.58 55.47
CA ASN B 170 21.03 11.07 54.72
C ASN B 170 20.75 12.52 54.32
N LYS B 171 20.94 13.44 55.24
CA LYS B 171 20.70 14.87 54.94
C LYS B 171 21.70 15.48 53.95
N HIS B 172 22.98 15.07 54.01
CA HIS B 172 24.06 15.77 53.33
C HIS B 172 24.68 15.11 52.09
N GLY B 173 24.46 13.81 51.90
CA GLY B 173 25.04 13.08 50.79
C GLY B 173 24.07 12.92 49.63
N TYR B 174 24.18 11.79 48.96
CA TYR B 174 23.47 11.57 47.73
C TYR B 174 22.72 10.30 47.87
N THR B 175 21.38 10.33 47.76
CA THR B 175 20.59 9.10 47.90
C THR B 175 20.16 8.68 46.53
N PHE B 176 20.31 7.41 46.22
CA PHE B 176 20.10 6.97 44.86
C PHE B 176 19.49 5.56 44.71
N ALA B 177 18.77 5.38 43.59
CA ALA B 177 18.40 4.07 43.11
C ALA B 177 18.56 4.09 41.59
N VAL B 178 19.23 3.06 41.07
CA VAL B 178 19.45 2.90 39.67
C VAL B 178 19.11 1.49 39.27
N ASN B 179 18.31 1.39 38.22
CA ASN B 179 18.05 0.11 37.55
C ASN B 179 19.32 -0.41 36.84
N LEU B 180 19.66 -1.68 37.03
CA LEU B 180 20.90 -2.20 36.48
C LEU B 180 20.62 -3.31 35.45
N PRO B 181 21.61 -3.61 34.57
CA PRO B 181 21.51 -4.73 33.62
C PRO B 181 21.14 -6.05 34.30
N LYS B 182 20.06 -6.65 33.81
CA LYS B 182 19.71 -8.01 34.17
C LYS B 182 19.66 -8.86 32.91
N ASP B 183 19.64 -10.17 33.15
CA ASP B 183 19.21 -11.16 32.18
C ASP B 183 17.67 -11.30 32.27
N GLU B 184 17.04 -11.81 31.22
CA GLU B 184 15.57 -11.79 31.14
C GLU B 184 14.97 -13.21 31.06
N GLU B 186 15.89 -12.94 34.55
CA GLU B 186 15.80 -12.75 35.99
C GLU B 186 14.91 -11.53 36.30
N ASN B 187 14.58 -11.34 37.59
CA ASN B 187 13.85 -10.16 38.08
C ASN B 187 14.75 -8.90 38.10
N SER B 188 14.16 -7.74 38.36
CA SER B 188 14.94 -6.51 38.29
C SER B 188 16.01 -6.37 39.39
N LYS B 189 17.14 -5.79 39.00
CA LYS B 189 18.29 -5.60 39.81
C LYS B 189 18.49 -4.09 40.03
N THR B 190 18.51 -3.63 41.29
CA THR B 190 18.58 -2.20 41.57
C THR B 190 19.79 -1.87 42.44
N LEU B 191 20.46 -0.77 42.13
CA LEU B 191 21.58 -0.33 42.89
C LEU B 191 21.07 0.79 43.74
N ILE B 192 21.19 0.65 45.05
CA ILE B 192 20.54 1.57 45.93
C ILE B 192 21.50 1.93 47.07
N GLY B 193 21.41 3.16 47.58
CA GLY B 193 22.33 3.57 48.60
C GLY B 193 22.30 5.05 48.89
N ALA B 194 23.29 5.45 49.68
CA ALA B 194 23.41 6.80 50.23
C ALA B 194 24.90 7.11 50.38
N SER B 195 25.46 7.72 49.35
CA SER B 195 26.90 8.04 49.34
C SER B 195 27.15 9.49 49.79
N PRO B 196 28.14 9.68 50.65
CA PRO B 196 28.56 10.98 51.08
C PRO B 196 29.46 11.65 50.08
N GLU B 197 29.88 10.90 49.05
CA GLU B 197 31.00 11.32 48.20
C GLU B 197 30.69 11.69 46.74
N LEU B 198 30.90 12.96 46.41
CA LEU B 198 30.81 13.46 45.02
C LEU B 198 32.12 13.19 44.30
N LEU B 199 32.06 12.50 43.14
CA LEU B 199 33.21 12.28 42.31
C LEU B 199 33.44 13.59 41.56
N VAL B 200 32.42 14.09 40.86
CA VAL B 200 32.57 15.37 40.22
C VAL B 200 31.19 15.88 39.86
N SER B 201 31.06 17.20 39.85
CA SER B 201 29.92 17.84 39.26
C SER B 201 30.41 18.97 38.35
N ARG B 202 29.57 19.29 37.35
CA ARG B 202 29.74 20.42 36.46
CA ARG B 202 29.74 20.44 36.47
C ARG B 202 28.43 21.21 36.41
N HIS B 203 28.51 22.51 36.69
N HIS B 203 28.48 22.49 36.70
CA HIS B 203 27.41 23.46 36.57
CA HIS B 203 27.34 23.38 36.52
C HIS B 203 28.01 24.67 35.85
C HIS B 203 27.93 24.66 35.87
N GLY B 204 27.57 24.88 34.60
CA GLY B 204 28.16 25.94 33.78
C GLY B 204 29.60 25.56 33.45
N GLN B 206 31.77 25.50 36.06
CA GLN B 206 32.31 25.21 37.38
C GLN B 206 32.37 23.73 37.66
N VAL B 207 33.55 23.29 38.04
CA VAL B 207 33.81 21.90 38.34
C VAL B 207 34.09 21.76 39.82
N ILE B 208 33.51 20.75 40.47
CA ILE B 208 33.79 20.46 41.86
C ILE B 208 33.98 18.97 42.01
N SER B 209 35.00 18.57 42.77
CA SER B 209 35.15 17.19 43.17
C SER B 209 35.39 17.18 44.68
N ASN B 210 34.93 16.13 45.36
CA ASN B 210 34.98 16.09 46.83
C ASN B 210 35.55 14.79 47.35
N PRO B 211 36.84 14.57 47.15
CA PRO B 211 37.43 13.33 47.61
C PRO B 211 37.31 13.19 49.10
N LEU B 212 37.00 11.99 49.55
CA LEU B 212 36.89 11.66 50.94
C LEU B 212 37.92 10.58 51.18
N ALA B 213 38.72 10.73 52.22
CA ALA B 213 39.70 9.69 52.53
C ALA B 213 40.04 9.92 53.95
N GLY B 214 39.86 8.88 54.77
CA GLY B 214 40.05 8.97 56.23
C GLY B 214 38.67 8.94 56.92
N SER B 215 38.52 8.08 57.93
CA SER B 215 37.28 7.69 58.52
C SER B 215 37.35 7.36 59.99
N ARG B 216 36.29 7.69 60.71
CA ARG B 216 36.05 7.19 62.07
C ARG B 216 34.54 6.99 62.15
N PRO B 217 34.09 5.98 62.89
CA PRO B 217 32.64 5.82 63.11
C PRO B 217 32.09 6.88 64.07
N ARG B 218 30.86 7.30 63.83
CA ARG B 218 30.12 8.19 64.72
C ARG B 218 29.89 7.54 66.07
N SER B 219 29.63 8.35 67.09
CA SER B 219 29.23 7.84 68.44
C SER B 219 27.99 8.58 68.85
N ASP B 220 27.14 7.89 69.57
CA ASP B 220 25.92 8.46 70.16
C ASP B 220 26.27 9.30 71.40
N ASP B 221 27.44 9.11 71.99
CA ASP B 221 27.91 10.00 73.03
C ASP B 221 28.47 11.28 72.38
N PRO B 222 27.86 12.43 72.66
CA PRO B 222 28.25 13.62 71.90
C PRO B 222 29.66 14.05 72.25
N VAL B 223 30.12 13.74 73.42
CA VAL B 223 31.51 14.04 73.74
C VAL B 223 32.47 13.14 72.96
N GLU B 224 32.19 11.83 72.93
CA GLU B 224 33.06 10.88 72.21
C GLU B 224 33.00 11.17 70.70
N ASP B 225 31.83 11.51 70.22
CA ASP B 225 31.59 11.77 68.81
C ASP B 225 32.52 12.90 68.37
N LYS B 226 32.53 14.00 69.11
CA LYS B 226 33.41 15.11 68.81
C LYS B 226 34.86 14.75 69.00
N ARG B 227 35.19 13.98 70.02
CA ARG B 227 36.57 13.60 70.18
C ARG B 227 37.09 12.88 68.91
N ARG B 228 36.25 12.11 68.23
CA ARG B 228 36.70 11.29 67.13
C ARG B 228 36.86 12.15 65.89
N ALA B 229 36.02 13.17 65.75
CA ALA B 229 36.19 14.15 64.71
C ALA B 229 37.53 14.84 64.89
N GLU B 230 37.86 15.19 66.13
CA GLU B 230 39.12 15.90 66.36
C GLU B 230 40.32 15.02 66.10
N GLU B 231 40.22 13.77 66.48
CA GLU B 231 41.30 12.85 66.31
C GLU B 231 41.54 12.63 64.82
N LEU B 232 40.45 12.52 64.05
CA LEU B 232 40.60 12.25 62.63
C LEU B 232 41.32 13.43 61.99
N LEU B 233 40.83 14.60 62.35
CA LEU B 233 41.34 15.87 61.85
C LEU B 233 42.75 16.15 62.30
N SER B 234 43.28 15.40 63.24
CA SER B 234 44.69 15.63 63.65
C SER B 234 45.58 14.38 63.46
N SER B 235 45.03 13.38 62.78
CA SER B 235 45.74 12.13 62.62
C SER B 235 46.76 12.28 61.48
N PRO B 236 48.05 12.18 61.81
CA PRO B 236 49.04 12.36 60.75
C PRO B 236 48.92 11.34 59.60
N LYS B 237 48.73 10.08 59.93
CA LYS B 237 48.52 9.05 58.94
C LYS B 237 47.30 9.40 58.05
N ASP B 238 46.19 9.83 58.65
CA ASP B 238 44.99 10.15 57.85
C ASP B 238 45.16 11.44 57.08
N LEU B 239 45.77 12.45 57.68
CA LEU B 239 45.95 13.69 56.96
C LEU B 239 46.84 13.51 55.73
N HIS B 240 47.88 12.72 55.88
CA HIS B 240 48.86 12.61 54.83
C HIS B 240 48.22 11.81 53.72
N GLU B 241 47.62 10.69 54.09
CA GLU B 241 46.93 9.90 53.10
C GLU B 241 45.79 10.67 52.38
N HIS B 242 45.11 11.57 53.10
CA HIS B 242 44.08 12.35 52.47
C HIS B 242 44.72 13.28 51.44
N ALA B 243 45.83 13.92 51.84
CA ALA B 243 46.56 14.87 51.00
C ALA B 243 46.99 14.24 49.66
N VAL B 244 47.30 12.94 49.70
CA VAL B 244 47.77 12.23 48.54
C VAL B 244 46.60 11.96 47.64
N VAL B 245 45.44 11.58 48.19
CA VAL B 245 44.25 11.46 47.36
C VAL B 245 43.90 12.81 46.69
N VAL B 246 43.99 13.91 47.42
CA VAL B 246 43.66 15.22 46.89
C VAL B 246 44.59 15.58 45.75
N GLU B 247 45.88 15.33 45.92
CA GLU B 247 46.89 15.58 44.87
C GLU B 247 46.57 14.84 43.59
N ALA B 248 46.10 13.60 43.69
CA ALA B 248 45.73 12.85 42.50
C ALA B 248 44.47 13.42 41.83
N VAL B 249 43.49 13.91 42.62
CA VAL B 249 42.28 14.47 42.03
C VAL B 249 42.66 15.76 41.35
N ALA B 250 43.48 16.57 41.99
CA ALA B 250 43.89 17.82 41.41
C ALA B 250 44.70 17.59 40.11
N ALA B 251 45.57 16.60 40.08
CA ALA B 251 46.37 16.32 38.87
C ALA B 251 45.48 15.84 37.78
N ALA B 252 44.40 15.10 38.08
CA ALA B 252 43.52 14.67 37.00
C ALA B 252 42.64 15.81 36.47
N LEU B 253 42.23 16.75 37.33
CA LEU B 253 41.43 17.86 36.84
C LEU B 253 42.21 19.03 36.22
N ARG B 254 43.48 19.18 36.56
CA ARG B 254 44.26 20.39 36.17
C ARG B 254 44.28 20.69 34.66
N PRO B 255 44.44 19.66 33.82
CA PRO B 255 44.47 19.92 32.37
C PRO B 255 43.17 20.47 31.86
N TYR B 256 42.04 20.16 32.50
CA TYR B 256 40.76 20.64 32.05
C TYR B 256 40.40 22.02 32.55
N CYS B 257 41.17 22.60 33.47
CA CYS B 257 40.73 23.83 34.10
C CYS B 257 41.68 25.01 33.92
N HIS B 258 41.17 26.22 34.07
CA HIS B 258 42.01 27.41 34.07
C HIS B 258 42.90 27.43 35.28
N THR B 259 42.28 27.23 36.41
CA THR B 259 42.98 27.31 37.65
C THR B 259 42.14 26.48 38.61
N LEU B 260 42.81 25.89 39.57
CA LEU B 260 42.21 24.97 40.50
C LEU B 260 42.35 25.53 41.86
N TYR B 261 41.29 25.54 42.62
CA TYR B 261 41.42 25.86 43.99
C TYR B 261 41.42 24.58 44.81
N VAL B 262 42.54 24.29 45.46
CA VAL B 262 42.70 23.12 46.33
C VAL B 262 42.95 23.55 47.80
N PRO B 263 41.93 23.48 48.66
CA PRO B 263 42.11 23.88 50.07
C PRO B 263 43.33 23.26 50.75
N GLU B 264 44.04 24.06 51.51
CA GLU B 264 45.25 23.60 52.19
C GLU B 264 44.88 22.60 53.30
N LYS B 265 43.73 22.79 53.93
CA LYS B 265 43.28 21.94 55.05
C LYS B 265 42.03 21.17 54.67
N PRO B 266 41.98 19.88 54.99
CA PRO B 266 40.72 19.22 54.84
C PRO B 266 39.77 19.62 55.92
N SER B 267 38.50 19.35 55.70
CA SER B 267 37.47 19.51 56.66
C SER B 267 36.92 18.14 57.06
N VAL B 268 36.17 18.13 58.14
CA VAL B 268 35.49 16.92 58.60
C VAL B 268 34.04 17.06 58.16
N ILE B 269 33.50 16.05 57.53
CA ILE B 269 32.08 16.01 57.26
C ILE B 269 31.58 14.72 57.89
N HIS B 270 30.28 14.52 57.94
CA HIS B 270 29.72 13.30 58.49
C HIS B 270 28.54 12.80 57.73
N SER B 271 28.32 11.50 57.79
CA SER B 271 26.98 10.90 57.60
C SER B 271 26.60 10.45 59.00
N GLU B 272 25.42 9.86 59.13
CA GLU B 272 24.98 9.25 60.41
C GLU B 272 25.92 8.20 60.91
N ALA B 273 26.58 7.52 59.99
CA ALA B 273 27.39 6.38 60.38
C ALA B 273 28.86 6.73 60.56
N TRP B 275 32.34 9.77 60.36
CA TRP B 275 33.14 10.98 60.12
C TRP B 275 34.05 10.72 58.94
N HIS B 276 34.26 11.71 58.08
CA HIS B 276 35.20 11.56 56.99
C HIS B 276 36.03 12.82 56.80
N LEU B 277 37.30 12.69 56.46
CA LEU B 277 38.03 13.86 56.01
C LEU B 277 37.62 14.15 54.56
N SER B 278 37.53 15.44 54.22
CA SER B 278 36.94 15.88 53.00
C SER B 278 37.59 17.13 52.50
N THR B 279 37.84 17.20 51.21
CA THR B 279 38.33 18.40 50.57
C THR B 279 37.50 18.60 49.31
N GLU B 280 37.04 19.84 49.11
CA GLU B 280 36.41 20.22 47.89
C GLU B 280 37.39 20.90 46.96
N VAL B 281 37.69 20.25 45.85
CA VAL B 281 38.58 20.74 44.83
C VAL B 281 37.70 21.41 43.79
N LYS B 282 37.94 22.69 43.50
CA LYS B 282 37.10 23.49 42.57
C LYS B 282 37.93 24.10 41.46
N GLY B 283 37.33 24.14 40.26
CA GLY B 283 37.99 24.72 39.11
C GLY B 283 36.99 25.27 38.13
N GLU B 284 37.48 26.11 37.24
CA GLU B 284 36.71 26.60 36.13
C GLU B 284 37.26 25.98 34.87
N LEU B 285 36.41 25.34 34.08
CA LEU B 285 36.85 24.74 32.85
C LEU B 285 37.40 25.73 31.85
N LYS B 286 38.32 25.25 31.03
CA LYS B 286 38.78 25.93 29.82
C LYS B 286 37.78 25.79 28.68
N ASN B 287 37.33 24.57 28.50
CA ASN B 287 36.52 24.21 27.35
C ASN B 287 35.08 23.92 27.79
N PRO B 288 34.14 24.77 27.39
CA PRO B 288 32.74 24.51 27.67
C PRO B 288 32.12 23.19 27.17
N ASN B 289 32.78 22.47 26.28
CA ASN B 289 32.22 21.18 25.84
C ASN B 289 32.72 20.00 26.66
N THR B 290 33.58 20.23 27.65
CA THR B 290 34.02 19.14 28.49
C THR B 290 32.88 18.72 29.40
N SER B 291 32.26 17.58 29.13
CA SER B 291 31.09 17.18 29.87
C SER B 291 31.43 16.62 31.27
N SER B 292 30.48 16.70 32.16
CA SER B 292 30.64 16.10 33.49
C SER B 292 31.05 14.66 33.40
N LEU B 293 30.55 13.94 32.42
CA LEU B 293 30.92 12.53 32.22
C LEU B 293 32.37 12.32 31.88
N GLU B 294 32.87 13.17 31.03
CA GLU B 294 34.25 13.10 30.66
C GLU B 294 35.12 13.36 31.89
N LEU B 295 34.76 14.33 32.69
CA LEU B 295 35.53 14.62 33.84
C LEU B 295 35.45 13.42 34.81
N ALA B 296 34.28 12.82 34.94
CA ALA B 296 34.11 11.69 35.90
C ALA B 296 35.01 10.60 35.48
N ILE B 297 35.09 10.37 34.18
CA ILE B 297 35.92 9.30 33.66
C ILE B 297 37.40 9.63 33.84
N ALA B 298 37.77 10.90 33.73
CA ALA B 298 39.17 11.30 33.97
C ALA B 298 39.56 11.00 35.43
N LEU B 299 38.60 11.12 36.33
CA LEU B 299 38.87 10.92 37.75
C LEU B 299 38.76 9.48 38.20
N HIS B 300 38.00 8.67 37.50
CA HIS B 300 37.57 7.37 38.04
C HIS B 300 38.55 6.25 37.75
N PRO B 301 38.84 5.43 38.75
CA PRO B 301 38.47 5.49 40.16
C PRO B 301 39.52 6.28 40.87
N THR B 302 39.16 7.02 41.91
CA THR B 302 40.20 7.73 42.69
C THR B 302 40.87 6.78 43.64
N PRO B 303 42.02 7.19 44.15
CA PRO B 303 42.78 6.40 45.04
C PRO B 303 42.06 6.06 46.32
N ALA B 304 41.04 6.81 46.66
CA ALA B 304 40.30 6.55 47.86
C ALA B 304 39.59 5.21 47.83
N VAL B 305 39.20 4.77 46.65
CA VAL B 305 38.51 3.48 46.53
C VAL B 305 39.40 2.41 45.89
N CYS B 306 40.53 2.81 45.35
CA CYS B 306 41.36 1.87 44.54
C CYS B 306 42.77 1.84 45.12
N GLY B 307 43.62 2.71 44.57
CA GLY B 307 44.97 2.93 45.11
C GLY B 307 45.97 3.48 44.09
N THR B 308 47.23 3.50 44.51
CA THR B 308 48.30 4.00 43.68
C THR B 308 49.41 2.99 43.66
N PRO B 309 49.93 2.66 42.48
CA PRO B 309 49.36 3.06 41.17
C PRO B 309 48.07 2.35 40.84
N GLU B 311 46.48 0.90 38.32
CA GLU B 311 46.42 -0.38 37.54
C GLU B 311 47.06 -1.51 38.35
N GLU B 312 47.99 -1.14 39.23
CA GLU B 312 48.65 -2.08 40.11
C GLU B 312 47.76 -2.35 41.34
N ALA B 313 47.30 -1.29 42.01
CA ALA B 313 46.32 -1.42 43.09
C ALA B 313 45.16 -2.20 42.53
N ARG B 314 44.73 -1.90 41.32
CA ARG B 314 43.62 -2.67 40.77
C ARG B 314 43.98 -4.15 40.57
N GLU B 315 45.19 -4.46 40.12
CA GLU B 315 45.52 -5.88 39.89
C GLU B 315 45.62 -6.57 41.25
N ALA B 316 46.27 -5.90 42.21
CA ALA B 316 46.27 -6.41 43.58
C ALA B 316 44.83 -6.63 44.10
N ILE B 317 43.95 -5.64 43.90
CA ILE B 317 42.58 -5.76 44.33
C ILE B 317 41.92 -6.95 43.66
N GLN B 318 42.04 -7.01 42.35
CA GLN B 318 41.39 -8.10 41.59
C GLN B 318 41.90 -9.48 42.06
N LYS B 319 43.20 -9.58 42.36
CA LYS B 319 43.75 -10.86 42.81
C LYS B 319 43.34 -11.20 44.27
N ILE B 320 43.32 -10.22 45.14
CA ILE B 320 43.11 -10.52 46.53
C ILE B 320 41.63 -10.73 46.81
N GLU B 321 40.75 -9.92 46.23
CA GLU B 321 39.32 -10.00 46.56
C GLU B 321 38.70 -11.17 45.86
N PRO B 322 38.01 -12.00 46.60
CA PRO B 322 37.38 -13.21 46.07
C PRO B 322 35.94 -12.99 45.61
N PHE B 323 35.62 -11.76 45.22
CA PHE B 323 34.32 -11.45 44.64
C PHE B 323 34.54 -10.31 43.69
N ASP B 324 33.56 -10.07 42.83
N ASP B 324 33.54 -10.08 42.85
CA ASP B 324 33.58 -8.96 41.88
CA ASP B 324 33.58 -8.99 41.93
C ASP B 324 32.82 -7.83 42.55
C ASP B 324 32.83 -7.84 42.58
N ARG B 325 33.46 -6.67 42.64
CA ARG B 325 32.84 -5.49 43.16
C ARG B 325 31.69 -5.06 42.27
N GLU B 326 31.81 -5.33 40.98
CA GLU B 326 30.78 -4.92 40.04
C GLU B 326 30.61 -3.40 40.13
N PHE B 327 29.45 -2.90 40.57
CA PHE B 327 29.17 -1.49 40.61
C PHE B 327 29.63 -0.77 41.85
N PHE B 328 29.97 -1.51 42.88
CA PHE B 328 30.48 -0.93 44.12
C PHE B 328 31.87 -0.34 43.88
N THR B 329 32.06 0.89 44.36
CA THR B 329 33.17 1.75 44.08
C THR B 329 33.32 2.11 42.60
N GLY B 330 32.25 1.90 41.82
CA GLY B 330 32.15 2.58 40.52
C GLY B 330 31.64 4.01 40.71
N LEU B 332 28.18 6.77 39.60
CA LEU B 332 26.82 6.87 39.12
C LEU B 332 26.27 8.28 39.19
N GLY B 333 25.30 8.56 38.35
CA GLY B 333 24.74 9.90 38.31
C GLY B 333 24.03 10.23 37.01
N TRP B 334 24.20 11.47 36.54
CA TRP B 334 23.48 11.97 35.38
C TRP B 334 24.33 13.05 34.71
N SER B 335 24.01 13.30 33.45
CA SER B 335 24.66 14.37 32.69
C SER B 335 23.68 14.79 31.59
N ASP B 336 23.69 16.08 31.24
CA ASP B 336 22.70 16.58 30.29
C ASP B 336 23.33 17.03 28.97
N LEU B 337 22.52 17.47 28.02
CA LEU B 337 23.00 17.91 26.72
C LEU B 337 24.02 19.04 26.84
N ASN B 338 23.84 19.95 27.79
CA ASN B 338 24.87 21.00 27.93
C ASN B 338 26.15 20.50 28.58
N GLY B 339 26.16 19.29 29.13
CA GLY B 339 27.35 18.82 29.80
C GLY B 339 27.34 18.97 31.32
N ASP B 340 26.31 19.63 31.87
CA ASP B 340 26.17 19.66 33.30
C ASP B 340 25.82 18.27 33.80
N GLY B 341 26.23 17.97 35.04
CA GLY B 341 25.86 16.71 35.65
C GLY B 341 26.51 16.53 37.04
N GLU B 342 26.19 15.41 37.68
CA GLU B 342 26.74 14.99 38.97
C GLU B 342 27.03 13.51 38.97
N TRP B 343 28.24 13.14 39.39
CA TRP B 343 28.64 11.75 39.47
C TRP B 343 29.20 11.52 40.86
N ILE B 344 28.69 10.50 41.54
CA ILE B 344 29.09 10.17 42.90
C ILE B 344 29.90 8.87 42.92
N VAL B 345 30.74 8.68 43.93
CA VAL B 345 31.44 7.41 44.13
C VAL B 345 30.40 6.49 44.73
N THR B 346 30.24 5.30 44.16
CA THR B 346 29.18 4.42 44.55
C THR B 346 29.65 3.59 45.81
N ILE B 347 29.29 4.09 47.00
CA ILE B 347 29.60 3.38 48.26
C ILE B 347 28.36 3.47 49.20
N ARG B 348 28.43 2.83 50.38
CA ARG B 348 27.29 2.74 51.29
C ARG B 348 26.02 2.31 50.52
N CYS B 349 26.15 1.21 49.79
CA CYS B 349 25.13 0.82 48.83
C CYS B 349 24.90 -0.70 48.79
N ALA B 350 23.91 -1.12 47.99
CA ALA B 350 23.52 -2.54 47.87
C ALA B 350 22.90 -2.82 46.51
N GLU B 351 23.19 -3.98 45.92
CA GLU B 351 22.39 -4.45 44.81
C GLU B 351 21.23 -5.18 45.42
N VAL B 352 20.04 -4.85 44.96
CA VAL B 352 18.83 -5.44 45.46
C VAL B 352 18.10 -6.11 44.29
N GLN B 353 17.73 -7.36 44.50
CA GLN B 353 17.02 -8.11 43.49
C GLN B 353 16.04 -9.02 44.21
N GLU B 354 14.75 -8.69 44.13
CA GLU B 354 13.71 -9.57 44.64
C GLU B 354 13.84 -9.77 46.16
N ASN B 355 14.27 -10.95 46.61
N ASN B 355 14.29 -10.94 46.60
CA ASN B 355 14.38 -11.18 48.04
CA ASN B 355 14.39 -11.20 48.02
C ASN B 355 15.81 -11.06 48.58
C ASN B 355 15.80 -11.05 48.57
N THR B 356 16.74 -10.63 47.76
CA THR B 356 18.12 -10.66 48.17
C THR B 356 18.79 -9.30 47.97
N LEU B 357 19.85 -9.05 48.73
CA LEU B 357 20.67 -7.86 48.61
C LEU B 357 22.11 -8.28 48.71
N ARG B 358 22.99 -7.54 48.02
CA ARG B 358 24.38 -7.61 48.34
C ARG B 358 24.88 -6.27 48.78
N LEU B 359 25.40 -6.22 50.01
CA LEU B 359 25.89 -5.01 50.62
C LEU B 359 27.38 -5.05 50.47
N TYR B 360 28.02 -3.88 50.44
CA TYR B 360 29.47 -3.82 50.26
C TYR B 360 30.12 -2.82 51.23
N ALA B 361 31.39 -3.06 51.54
CA ALA B 361 32.17 -2.13 52.33
C ALA B 361 33.67 -2.41 52.13
N GLY B 362 34.45 -1.33 52.12
CA GLY B 362 35.90 -1.37 52.00
C GLY B 362 36.67 -0.40 52.89
N ALA B 363 37.96 -0.64 53.04
CA ALA B 363 38.81 0.13 53.96
C ALA B 363 40.15 0.38 53.31
N GLY B 364 40.60 1.64 53.39
CA GLY B 364 41.91 2.03 52.85
C GLY B 364 42.94 1.30 53.66
N VAL B 365 43.89 0.65 52.99
CA VAL B 365 44.99 -0.07 53.67
C VAL B 365 46.37 0.50 53.27
N VAL B 366 47.23 0.55 54.28
CA VAL B 366 48.62 1.00 54.17
C VAL B 366 49.54 0.15 55.08
N ALA B 367 50.85 0.24 54.84
CA ALA B 367 51.89 -0.43 55.65
C ALA B 367 51.56 -0.51 57.17
N GLU B 368 51.14 0.63 57.70
CA GLU B 368 50.87 0.77 59.13
C GLU B 368 49.58 0.04 59.60
N SER B 369 48.68 -0.26 58.63
CA SER B 369 47.32 -0.81 58.89
C SER B 369 47.31 -2.07 59.80
N LYS B 370 46.19 -2.29 60.50
CA LYS B 370 46.06 -3.41 61.40
C LYS B 370 44.77 -4.20 61.07
N PRO B 371 44.91 -5.46 60.60
CA PRO B 371 43.79 -6.31 60.17
C PRO B 371 42.44 -6.16 60.89
N GLU B 372 42.41 -6.32 62.19
CA GLU B 372 41.16 -6.21 62.94
C GLU B 372 40.54 -4.81 62.78
N ASP B 373 41.35 -3.76 62.72
CA ASP B 373 40.85 -2.39 62.70
C ASP B 373 40.15 -2.14 61.39
N GLU B 374 40.82 -2.59 60.32
CA GLU B 374 40.26 -2.59 58.99
C GLU B 374 38.92 -3.35 58.91
N LEU B 375 38.85 -4.56 59.50
CA LEU B 375 37.58 -5.27 59.54
C LEU B 375 36.52 -4.45 60.32
N ALA B 376 36.93 -3.87 61.43
CA ALA B 376 36.03 -3.07 62.21
C ALA B 376 35.52 -1.89 61.36
N GLU B 377 36.41 -1.28 60.60
CA GLU B 377 36.03 -0.13 59.78
C GLU B 377 34.99 -0.49 58.69
N THR B 378 35.16 -1.67 58.07
CA THR B 378 34.17 -2.15 57.09
C THR B 378 32.80 -2.34 57.76
N SER B 379 32.81 -2.89 58.98
CA SER B 379 31.55 -3.05 59.75
C SER B 379 30.84 -1.76 60.08
N ALA B 380 31.62 -0.78 60.52
CA ALA B 380 31.10 0.58 60.81
C ALA B 380 30.46 1.16 59.50
N LYS B 381 31.09 0.86 58.35
CA LYS B 381 30.65 1.36 57.04
C LYS B 381 29.37 0.62 56.54
N PHE B 382 29.26 -0.67 56.91
CA PHE B 382 28.03 -1.41 56.63
C PHE B 382 26.81 -0.82 57.34
N GLN B 383 26.97 -0.08 58.44
CA GLN B 383 25.79 0.42 59.20
C GLN B 383 24.81 1.26 58.39
N THR B 384 25.28 2.01 57.37
CA THR B 384 24.38 2.88 56.63
C THR B 384 23.27 1.99 56.00
N LEU B 386 22.69 -1.29 56.75
CA LEU B 386 22.01 -2.24 57.66
C LEU B 386 20.92 -1.54 58.45
N LYS B 387 21.16 -0.26 58.80
CA LYS B 387 20.17 0.51 59.48
C LYS B 387 18.95 0.69 58.59
N ALA B 388 19.15 0.91 57.29
CA ALA B 388 18.03 1.11 56.40
C ALA B 388 17.18 -0.14 56.36
N LEU B 389 17.81 -1.30 56.57
CA LEU B 389 17.08 -2.58 56.63
C LEU B 389 16.61 -3.02 58.02
N GLY B 390 16.73 -2.18 59.04
CA GLY B 390 16.44 -2.63 60.42
C GLY B 390 17.36 -3.72 60.98
N LEU B 391 18.57 -3.90 60.42
CA LEU B 391 19.49 -4.90 60.94
C LEU B 391 20.74 -4.30 61.60
N ASN B 392 20.78 -2.99 61.82
CA ASN B 392 21.99 -2.41 62.42
C ASN B 392 22.28 -2.88 63.86
N LEU C 10 -3.60 31.06 -33.20
CA LEU C 10 -4.90 30.31 -32.98
C LEU C 10 -4.60 28.84 -32.74
N SER C 11 -3.68 28.27 -33.52
CA SER C 11 -3.37 26.85 -33.35
C SER C 11 -2.95 26.56 -31.92
N GLU C 12 -2.10 27.41 -31.37
CA GLU C 12 -1.68 27.22 -29.98
C GLU C 12 -2.82 27.48 -29.00
N LYS C 13 -3.76 28.35 -29.37
CA LYS C 13 -4.98 28.52 -28.55
C LYS C 13 -5.71 27.18 -28.43
N LEU C 14 -5.78 26.44 -29.53
CA LEU C 14 -6.49 25.17 -29.54
C LEU C 14 -5.82 24.20 -28.62
N LEU C 15 -4.49 24.15 -28.64
CA LEU C 15 -3.77 23.34 -27.66
C LEU C 15 -4.05 23.74 -26.21
N GLU C 16 -4.06 25.04 -25.91
CA GLU C 16 -4.33 25.44 -24.51
CA GLU C 16 -4.38 25.55 -24.56
C GLU C 16 -5.80 25.21 -24.15
N ASP C 17 -6.70 25.15 -25.12
CA ASP C 17 -8.11 24.85 -24.81
C ASP C 17 -8.47 23.39 -24.67
N TYR C 18 -7.53 22.49 -24.94
CA TYR C 18 -7.83 21.08 -24.84
C TYR C 18 -8.21 20.79 -23.41
N LYS C 19 -9.25 19.98 -23.21
CA LYS C 19 -9.74 19.57 -21.87
C LYS C 19 -10.13 18.13 -21.98
N THR C 20 -10.32 17.42 -20.86
CA THR C 20 -10.61 15.97 -20.89
C THR C 20 -12.02 15.65 -21.48
N GLU C 21 -12.88 16.66 -21.60
CA GLU C 21 -14.13 16.56 -22.36
C GLU C 21 -14.06 16.97 -23.86
N SER C 22 -12.86 17.30 -24.36
CA SER C 22 -12.66 17.48 -25.79
C SER C 22 -12.67 16.08 -26.40
N SER C 23 -13.23 15.96 -27.58
CA SER C 23 -13.33 14.67 -28.21
C SER C 23 -12.05 14.30 -28.94
N LEU C 24 -11.43 15.30 -29.54
CA LEU C 24 -10.24 15.09 -30.31
C LEU C 24 -9.40 16.39 -30.33
N PHE C 25 -8.10 16.23 -30.01
CA PHE C 25 -7.08 17.19 -30.45
C PHE C 25 -6.25 16.45 -31.48
N PHE C 26 -5.99 17.05 -32.63
CA PHE C 26 -5.25 16.38 -33.71
C PHE C 26 -4.44 17.42 -34.44
N ALA C 27 -3.14 17.33 -34.32
CA ALA C 27 -2.23 18.32 -34.85
C ALA C 27 -1.39 17.61 -35.91
N SER C 28 -1.69 17.91 -37.15
CA SER C 28 -1.06 17.32 -38.28
C SER C 28 -0.34 18.41 -38.95
N PRO C 29 0.44 18.08 -39.95
CA PRO C 29 1.13 19.09 -40.75
C PRO C 29 0.20 19.98 -41.63
N THR C 30 -1.04 19.58 -41.85
CA THR C 30 -1.97 20.38 -42.66
C THR C 30 -2.95 21.25 -41.84
N ARG C 31 -2.95 21.05 -40.52
CA ARG C 31 -3.95 21.68 -39.71
C ARG C 31 -3.85 21.33 -38.23
N THR C 32 -4.68 21.97 -37.42
CA THR C 32 -4.83 21.54 -36.06
C THR C 32 -6.31 21.56 -35.82
N ILE C 33 -6.85 20.50 -35.22
CA ILE C 33 -8.26 20.39 -34.91
C ILE C 33 -8.47 20.22 -33.43
N LEU C 34 -9.41 20.95 -32.87
CA LEU C 34 -9.91 20.69 -31.53
C LEU C 34 -11.42 20.48 -31.67
N ALA C 35 -11.91 19.34 -31.21
CA ALA C 35 -13.29 18.99 -31.32
C ALA C 35 -13.78 18.85 -29.92
N GLU C 36 -14.97 19.39 -29.63
CA GLU C 36 -15.50 19.44 -28.29
C GLU C 36 -16.83 18.70 -28.19
N GLY C 37 -16.92 17.79 -27.22
CA GLY C 37 -18.19 17.15 -26.89
C GLY C 37 -18.46 15.94 -27.77
N GLU C 38 -19.36 15.09 -27.34
CA GLU C 38 -19.80 13.99 -28.14
C GLU C 38 -21.24 14.32 -28.45
N PHE C 39 -21.52 14.93 -29.60
CA PHE C 39 -22.91 15.16 -29.92
C PHE C 39 -23.60 13.83 -30.22
N THR C 40 -23.03 13.06 -31.16
CA THR C 40 -23.50 11.76 -31.52
C THR C 40 -22.34 10.77 -31.51
N THR C 41 -22.58 9.58 -31.02
CA THR C 41 -21.67 8.51 -31.07
C THR C 41 -22.33 7.44 -31.87
N VAL C 42 -21.56 6.76 -32.72
CA VAL C 42 -22.09 5.65 -33.53
C VAL C 42 -21.12 4.50 -33.39
N LYS C 43 -21.61 3.35 -32.94
CA LYS C 43 -20.85 2.12 -32.86
C LYS C 43 -21.45 1.10 -33.82
N HIS C 44 -20.63 0.20 -34.35
CA HIS C 44 -21.09 -0.76 -35.36
C HIS C 44 -20.26 -2.02 -35.31
N HIS C 45 -20.87 -3.14 -35.63
CA HIS C 45 -20.26 -4.43 -35.45
C HIS C 45 -19.29 -4.83 -36.52
N GLU C 46 -19.40 -4.27 -37.71
CA GLU C 46 -18.60 -4.71 -38.82
C GLU C 46 -17.87 -3.52 -39.46
N ILE C 47 -16.55 -3.53 -39.33
CA ILE C 47 -15.76 -2.47 -39.88
C ILE C 47 -16.04 -2.24 -41.37
N GLU C 48 -16.28 -3.31 -42.12
CA GLU C 48 -16.45 -3.22 -43.56
C GLU C 48 -17.66 -2.42 -43.99
N SER C 49 -18.71 -2.36 -43.18
CA SER C 49 -19.91 -1.58 -43.56
C SER C 49 -20.00 -0.30 -42.73
N PHE C 50 -18.92 0.09 -42.07
CA PHE C 50 -18.96 1.31 -41.26
C PHE C 50 -18.97 2.62 -42.04
N PRO C 51 -18.19 2.71 -43.12
CA PRO C 51 -18.15 3.94 -43.93
C PRO C 51 -19.51 4.46 -44.36
N GLU C 52 -20.38 3.56 -44.83
CA GLU C 52 -21.71 3.99 -45.29
C GLU C 52 -22.60 4.48 -44.12
N LEU C 53 -22.50 3.85 -42.97
CA LEU C 53 -23.17 4.33 -41.81
C LEU C 53 -22.67 5.71 -41.38
N VAL C 54 -21.36 5.89 -41.43
CA VAL C 54 -20.82 7.17 -41.03
C VAL C 54 -21.33 8.25 -41.97
N GLN C 55 -21.35 8.02 -43.27
CA GLN C 55 -21.82 9.08 -44.16
C GLN C 55 -23.31 9.37 -43.87
N ALA C 56 -24.08 8.34 -43.58
CA ALA C 56 -25.46 8.57 -43.26
C ALA C 56 -25.57 9.45 -42.03
N VAL C 57 -24.69 9.23 -41.06
CA VAL C 57 -24.79 10.01 -39.81
C VAL C 57 -24.32 11.44 -40.06
N LEU C 58 -23.33 11.59 -40.93
CA LEU C 58 -22.87 12.90 -41.25
C LEU C 58 -23.93 13.68 -42.04
N ARG C 59 -24.62 13.04 -42.97
CA ARG C 59 -25.69 13.73 -43.71
C ARG C 59 -26.79 14.19 -42.80
N ASN C 60 -27.16 13.36 -41.84
CA ASN C 60 -28.16 13.73 -40.85
C ASN C 60 -27.70 14.88 -39.99
N ALA C 61 -26.46 14.84 -39.55
CA ALA C 61 -25.91 15.97 -38.84
C ALA C 61 -26.02 17.28 -39.66
N LYS C 62 -25.61 17.29 -40.93
CA LYS C 62 -25.75 18.44 -41.80
C LYS C 62 -27.20 18.96 -41.78
N GLN C 63 -28.16 18.06 -42.03
CA GLN C 63 -29.51 18.51 -42.30
C GLN C 63 -30.21 18.94 -41.01
N ALA C 64 -29.76 18.43 -39.88
CA ALA C 64 -30.20 18.92 -38.58
C ALA C 64 -29.51 20.24 -38.19
N GLY C 65 -28.60 20.77 -39.01
CA GLY C 65 -28.08 22.12 -38.82
C GLY C 65 -26.68 22.27 -38.24
N ASN C 66 -25.87 21.24 -38.38
CA ASN C 66 -24.44 21.35 -38.16
C ASN C 66 -23.81 21.68 -39.50
N PRO C 67 -23.16 22.84 -39.59
CA PRO C 67 -22.78 23.28 -40.93
C PRO C 67 -21.56 22.56 -41.47
N ASN C 68 -20.68 22.12 -40.55
CA ASN C 68 -19.51 21.32 -40.89
C ASN C 68 -19.36 19.97 -40.09
N PRO C 69 -20.14 18.95 -40.44
CA PRO C 69 -20.03 17.81 -39.59
C PRO C 69 -18.81 16.94 -39.94
N ILE C 70 -18.15 16.47 -38.87
CA ILE C 70 -17.04 15.58 -38.95
C ILE C 70 -17.26 14.43 -37.99
N VAL C 71 -16.59 13.32 -38.27
CA VAL C 71 -16.43 12.29 -37.29
C VAL C 71 -14.97 12.33 -36.87
N VAL C 72 -14.74 11.98 -35.60
CA VAL C 72 -13.42 11.86 -35.01
C VAL C 72 -13.40 10.61 -34.09
N GLY C 73 -12.23 9.98 -33.95
CA GLY C 73 -12.08 8.99 -32.94
C GLY C 73 -11.00 8.01 -33.32
N ALA C 74 -11.04 6.86 -32.68
CA ALA C 74 -10.04 5.85 -32.90
C ALA C 74 -10.63 4.47 -33.02
N LEU C 75 -9.99 3.64 -33.84
CA LEU C 75 -10.47 2.28 -34.12
C LEU C 75 -9.38 1.33 -33.64
N PRO C 76 -9.76 0.12 -33.24
CA PRO C 76 -8.82 -0.80 -32.64
C PRO C 76 -7.92 -1.47 -33.63
N PHE C 77 -6.85 -2.09 -33.12
CA PHE C 77 -5.97 -2.88 -33.95
C PHE C 77 -6.74 -4.00 -34.61
N ASP C 78 -7.52 -4.72 -33.81
CA ASP C 78 -8.22 -5.91 -34.27
C ASP C 78 -9.51 -5.58 -35.03
N ARG C 79 -9.48 -5.76 -36.36
CA ARG C 79 -10.58 -5.42 -37.30
C ARG C 79 -11.90 -6.10 -36.96
N ARG C 80 -11.85 -7.15 -36.18
CA ARG C 80 -13.08 -7.89 -35.85
C ARG C 80 -13.85 -7.26 -34.72
N LYS C 81 -13.20 -6.42 -33.95
CA LYS C 81 -13.88 -5.73 -32.87
C LYS C 81 -14.92 -4.71 -33.41
N GLU C 82 -15.82 -4.34 -32.53
CA GLU C 82 -16.77 -3.25 -32.72
C GLU C 82 -15.97 -1.92 -32.95
N VAL C 83 -16.48 -1.07 -33.83
CA VAL C 83 -15.86 0.21 -34.10
C VAL C 83 -16.75 1.34 -33.74
N GLN C 84 -16.18 2.44 -33.32
CA GLN C 84 -16.99 3.60 -33.06
C GLN C 84 -16.29 4.91 -33.28
N LEU C 85 -17.07 5.89 -33.71
CA LEU C 85 -16.63 7.25 -33.89
C LEU C 85 -17.66 8.25 -33.31
N ILE C 86 -17.28 9.51 -33.27
CA ILE C 86 -18.05 10.60 -32.65
C ILE C 86 -18.21 11.76 -33.57
N VAL C 87 -19.38 12.34 -33.63
CA VAL C 87 -19.60 13.59 -34.24
C VAL C 87 -19.62 14.57 -33.10
N PRO C 88 -18.70 15.51 -33.06
CA PRO C 88 -18.67 16.45 -31.95
C PRO C 88 -19.69 17.56 -32.09
N GLU C 89 -20.03 18.19 -30.97
CA GLU C 89 -20.87 19.41 -30.99
C GLU C 89 -20.31 20.49 -31.89
N TYR C 90 -19.06 20.81 -31.70
CA TYR C 90 -18.42 21.70 -32.66
C TYR C 90 -16.94 21.41 -32.71
N SER C 91 -16.31 21.96 -33.73
CA SER C 91 -14.90 21.84 -33.87
C SER C 91 -14.34 23.11 -34.43
N ARG C 92 -13.11 23.44 -34.03
CA ARG C 92 -12.33 24.51 -34.60
C ARG C 92 -11.18 23.89 -35.32
N ILE C 93 -10.84 24.52 -36.43
CA ILE C 93 -9.82 24.03 -37.30
C ILE C 93 -8.92 25.21 -37.66
N SER C 94 -7.69 25.18 -37.22
CA SER C 94 -6.72 26.20 -37.56
C SER C 94 -5.59 25.64 -38.42
N GLU C 95 -4.58 26.46 -38.67
CA GLU C 95 -3.38 26.04 -39.40
C GLU C 95 -2.54 25.18 -38.46
N ARG C 96 -1.41 24.69 -38.95
CA ARG C 96 -0.61 23.77 -38.19
C ARG C 96 0.02 24.44 -37.01
N LEU C 97 0.46 23.62 -36.06
CA LEU C 97 0.96 24.09 -34.79
C LEU C 97 2.37 24.68 -34.94
N GLN C 98 2.62 25.86 -34.35
CA GLN C 98 3.96 26.50 -34.41
C GLN C 98 4.48 26.75 -32.98
N LEU C 99 5.35 25.86 -32.46
CA LEU C 99 5.81 25.97 -31.05
C LEU C 99 7.33 25.93 -30.82
N ASP C 100 7.81 26.71 -29.84
CA ASP C 100 9.17 26.56 -29.30
C ASP C 100 9.09 25.81 -27.94
N PRO C 101 10.09 24.93 -27.62
CA PRO C 101 10.06 24.21 -26.31
C PRO C 101 10.03 25.12 -25.06
N THR C 102 9.05 24.87 -24.19
CA THR C 102 8.76 25.73 -23.03
C THR C 102 9.63 25.39 -21.83
N LEU C 111 6.63 13.16 -6.78
CA LEU C 111 5.97 12.04 -7.46
C LEU C 111 6.71 10.70 -7.30
N THR C 112 5.92 9.66 -7.16
CA THR C 112 6.41 8.33 -7.42
C THR C 112 5.77 7.87 -8.76
N PHE C 113 6.57 7.31 -9.63
CA PHE C 113 6.02 6.48 -10.70
C PHE C 113 6.39 5.05 -10.47
N GLU C 114 5.45 4.19 -10.77
CA GLU C 114 5.54 2.76 -10.60
C GLU C 114 5.40 2.05 -11.97
N THR C 116 5.30 -1.26 -14.44
CA THR C 116 5.03 -2.68 -14.52
C THR C 116 5.06 -3.13 -16.00
N PRO C 117 6.14 -3.78 -16.43
CA PRO C 117 6.14 -4.24 -17.80
C PRO C 117 5.23 -5.44 -18.00
N VAL C 118 4.40 -5.36 -19.04
CA VAL C 118 3.46 -6.39 -19.37
C VAL C 118 3.66 -6.78 -20.84
N PRO C 119 4.38 -7.89 -21.09
CA PRO C 119 4.95 -8.81 -20.12
C PRO C 119 6.39 -8.44 -19.76
N ASP C 120 7.09 -9.28 -18.99
CA ASP C 120 8.49 -8.96 -18.65
C ASP C 120 9.41 -9.13 -19.85
N HIS C 121 10.61 -8.54 -19.77
CA HIS C 121 11.55 -8.55 -20.90
C HIS C 121 11.75 -9.99 -21.45
N GLU C 122 11.75 -11.00 -20.59
CA GLU C 122 12.13 -12.37 -21.02
C GLU C 122 10.98 -13.03 -21.76
N VAL C 123 9.76 -12.89 -21.24
CA VAL C 123 8.57 -13.38 -21.92
C VAL C 123 8.41 -12.72 -23.27
N TYR C 124 8.66 -11.42 -23.34
CA TYR C 124 8.66 -10.74 -24.62
C TYR C 124 9.68 -11.41 -25.59
N LYS C 126 10.91 -14.45 -25.38
CA LYS C 126 10.40 -15.78 -25.71
C LYS C 126 9.48 -15.68 -26.90
N GLY C 127 8.64 -14.64 -26.90
CA GLY C 127 7.59 -14.52 -27.87
C GLY C 127 8.21 -14.24 -29.19
N VAL C 128 9.25 -13.43 -29.20
CA VAL C 128 9.98 -13.17 -30.43
C VAL C 128 10.52 -14.50 -31.02
N LYS C 129 11.06 -15.38 -30.19
CA LYS C 129 11.58 -16.65 -30.71
C LYS C 129 10.45 -17.47 -31.31
N GLN C 130 9.32 -17.53 -30.62
CA GLN C 130 8.15 -18.18 -31.16
C GLN C 130 7.77 -17.68 -32.57
N GLY C 131 7.91 -16.37 -32.79
CA GLY C 131 7.53 -15.79 -34.06
C GLY C 131 8.51 -16.14 -35.17
N ILE C 132 9.79 -16.00 -34.87
CA ILE C 132 10.85 -16.45 -35.75
C ILE C 132 10.54 -17.88 -36.22
N GLU C 133 10.44 -18.79 -35.27
CA GLU C 133 10.11 -20.17 -35.52
C GLU C 133 8.93 -20.28 -36.49
N LYS C 134 7.82 -19.64 -36.19
CA LYS C 134 6.68 -19.74 -37.05
C LYS C 134 7.00 -19.33 -38.50
N ILE C 135 7.91 -18.37 -38.66
CA ILE C 135 8.33 -17.94 -40.00
C ILE C 135 9.25 -19.00 -40.63
N LYS C 136 10.24 -19.46 -39.88
CA LYS C 136 11.12 -20.50 -40.37
C LYS C 136 10.34 -21.73 -40.82
N ASP C 137 9.17 -22.00 -40.21
CA ASP C 137 8.27 -23.09 -40.64
C ASP C 137 7.33 -22.71 -41.78
N GLY C 138 7.47 -21.50 -42.33
CA GLY C 138 6.69 -21.05 -43.49
C GLY C 138 5.23 -20.78 -43.24
N ASP C 139 4.80 -20.81 -41.98
CA ASP C 139 3.41 -20.46 -41.63
C ASP C 139 3.16 -18.93 -41.76
N LEU C 140 4.21 -18.13 -41.56
CA LEU C 140 4.14 -16.66 -41.71
C LEU C 140 5.39 -16.09 -42.42
N LYS C 141 5.19 -14.93 -43.05
CA LYS C 141 6.23 -14.17 -43.74
C LYS C 141 6.74 -13.04 -42.85
N LYS C 142 5.81 -12.22 -42.37
CA LYS C 142 6.12 -11.07 -41.50
C LYS C 142 5.38 -11.16 -40.17
N ILE C 143 6.08 -11.00 -39.04
CA ILE C 143 5.33 -10.72 -37.76
C ILE C 143 5.82 -9.49 -36.90
N VAL C 144 4.91 -8.60 -36.51
CA VAL C 144 5.22 -7.54 -35.55
C VAL C 144 4.77 -7.92 -34.13
N LEU C 145 5.67 -7.89 -33.18
CA LEU C 145 5.38 -8.29 -31.83
C LEU C 145 5.69 -7.17 -30.89
N SER C 146 4.81 -7.00 -29.93
CA SER C 146 4.87 -5.79 -29.16
C SER C 146 4.67 -6.06 -27.69
N ARG C 147 4.81 -5.02 -26.89
CA ARG C 147 4.64 -5.17 -25.45
C ARG C 147 4.22 -3.87 -24.86
N SER C 148 3.82 -3.91 -23.60
CA SER C 148 3.30 -2.71 -22.97
C SER C 148 3.97 -2.43 -21.63
N LEU C 149 3.71 -1.22 -21.14
CA LEU C 149 4.30 -0.76 -19.91
C LEU C 149 3.28 0.01 -19.11
N ASP C 150 2.88 -0.53 -17.96
CA ASP C 150 1.92 0.13 -17.08
C ASP C 150 2.64 1.06 -16.09
N VAL C 151 2.17 2.31 -15.99
CA VAL C 151 2.80 3.33 -15.17
C VAL C 151 1.72 3.90 -14.25
N LYS C 152 1.91 3.73 -12.94
CA LYS C 152 1.07 4.38 -11.92
C LYS C 152 1.80 5.57 -11.33
N SER C 153 1.21 6.75 -11.42
CA SER C 153 1.78 7.94 -10.82
C SER C 153 1.24 8.05 -9.41
N SER C 154 1.97 8.70 -8.54
CA SER C 154 1.41 9.04 -7.22
C SER C 154 0.47 10.24 -7.33
N GLY C 155 0.50 10.95 -8.47
CA GLY C 155 -0.45 12.04 -8.78
C GLY C 155 -1.30 11.80 -10.04
N LYS C 156 -2.37 12.57 -10.18
CA LYS C 156 -3.19 12.54 -11.38
C LYS C 156 -2.39 13.05 -12.57
N ILE C 157 -2.38 12.30 -13.67
CA ILE C 157 -1.67 12.75 -14.86
C ILE C 157 -2.35 13.96 -15.44
N ASP C 158 -1.57 15.00 -15.68
CA ASP C 158 -2.07 16.20 -16.33
C ASP C 158 -2.02 16.05 -17.87
N LYS C 159 -3.15 15.64 -18.45
CA LYS C 159 -3.22 15.29 -19.86
C LYS C 159 -2.87 16.45 -20.77
N GLN C 160 -3.27 17.63 -20.37
CA GLN C 160 -2.99 18.78 -21.18
C GLN C 160 -1.48 19.06 -21.19
N LYS C 161 -0.81 18.91 -20.06
CA LYS C 161 0.64 19.13 -20.06
C LYS C 161 1.31 18.04 -20.90
N LEU C 162 0.90 16.79 -20.69
CA LEU C 162 1.44 15.69 -21.47
C LEU C 162 1.27 15.97 -23.01
N LEU C 163 0.06 16.33 -23.42
CA LEU C 163 -0.20 16.72 -24.77
C LEU C 163 0.74 17.81 -25.27
N ARG C 164 1.00 18.80 -24.44
CA ARG C 164 1.89 19.89 -24.85
C ARG C 164 3.35 19.44 -24.97
N GLU C 165 3.83 18.66 -24.02
CA GLU C 165 5.17 18.05 -24.13
C GLU C 165 5.34 17.24 -25.43
N LEU C 166 4.31 16.51 -25.83
CA LEU C 166 4.39 15.72 -27.06
C LEU C 166 4.44 16.64 -28.28
N ALA C 167 3.55 17.63 -28.29
CA ALA C 167 3.43 18.56 -29.42
C ALA C 167 4.74 19.28 -29.68
N GLU C 168 5.34 19.80 -28.62
CA GLU C 168 6.58 20.58 -28.73
C GLU C 168 7.77 19.77 -29.25
N HIS C 169 7.72 18.45 -29.11
CA HIS C 169 8.82 17.60 -29.50
C HIS C 169 8.48 16.72 -30.70
N ASN C 170 7.41 17.09 -31.40
CA ASN C 170 6.96 16.42 -32.56
C ASN C 170 6.60 17.39 -33.69
N LYS C 171 7.62 17.90 -34.38
CA LYS C 171 7.43 18.87 -35.48
C LYS C 171 6.82 18.23 -36.71
N HIS C 172 7.18 16.98 -37.00
CA HIS C 172 6.85 16.41 -38.32
C HIS C 172 5.66 15.45 -38.40
N GLY C 173 5.23 14.92 -37.25
CA GLY C 173 4.22 13.89 -37.23
C GLY C 173 2.86 14.40 -36.79
N TYR C 174 2.17 13.55 -36.04
CA TYR C 174 0.80 13.80 -35.71
C TYR C 174 0.66 13.66 -34.22
N THR C 175 0.26 14.74 -33.55
CA THR C 175 0.09 14.73 -32.11
C THR C 175 -1.39 14.69 -31.80
N PHE C 176 -1.78 13.79 -30.93
CA PHE C 176 -3.19 13.58 -30.75
C PHE C 176 -3.60 13.26 -29.34
N ALA C 177 -4.85 13.62 -29.01
CA ALA C 177 -5.56 13.10 -27.87
C ALA C 177 -6.99 12.77 -28.31
N VAL C 178 -7.46 11.59 -27.94
CA VAL C 178 -8.79 11.15 -28.22
C VAL C 178 -9.38 10.57 -26.99
N ASN C 179 -10.56 11.00 -26.68
CA ASN C 179 -11.40 10.39 -25.62
C ASN C 179 -11.89 8.99 -26.03
N LEU C 180 -11.72 7.99 -25.18
CA LEU C 180 -12.10 6.63 -25.51
C LEU C 180 -13.28 6.11 -24.64
N PRO C 181 -13.95 5.01 -25.10
CA PRO C 181 -15.01 4.37 -24.29
C PRO C 181 -14.51 3.97 -22.91
N LYS C 182 -15.23 4.44 -21.89
CA LYS C 182 -15.10 3.97 -20.54
C LYS C 182 -16.43 3.32 -20.12
N ASP C 183 -16.42 2.78 -18.90
CA ASP C 183 -17.65 2.38 -18.20
C ASP C 183 -18.22 3.58 -17.42
N GLU C 184 -19.55 3.69 -17.36
CA GLU C 184 -20.23 4.82 -16.69
C GLU C 184 -19.59 5.14 -15.32
N ASN C 185 -19.15 4.08 -14.62
CA ASN C 185 -18.41 4.22 -13.36
C ASN C 185 -17.05 4.92 -13.47
N GLU C 186 -16.12 4.28 -14.18
CA GLU C 186 -14.69 4.68 -14.17
C GLU C 186 -14.41 6.09 -14.73
N ASN C 187 -13.23 6.63 -14.38
CA ASN C 187 -12.71 7.92 -14.88
C ASN C 187 -12.47 7.94 -16.39
N SER C 188 -12.36 9.14 -16.97
CA SER C 188 -12.13 9.23 -18.42
C SER C 188 -10.81 8.61 -18.86
N LYS C 189 -10.87 7.99 -20.03
CA LYS C 189 -9.81 7.27 -20.60
C LYS C 189 -9.43 7.94 -21.92
N THR C 190 -8.14 8.31 -22.06
CA THR C 190 -7.67 9.12 -23.17
C THR C 190 -6.52 8.45 -23.88
N LEU C 191 -6.56 8.48 -25.21
CA LEU C 191 -5.53 7.90 -26.02
C LEU C 191 -4.72 9.08 -26.49
N ILE C 192 -3.42 9.04 -26.19
CA ILE C 192 -2.58 10.21 -26.42
C ILE C 192 -1.22 9.80 -26.97
N GLY C 193 -0.65 10.61 -27.85
CA GLY C 193 0.60 10.24 -28.48
C GLY C 193 1.02 11.14 -29.63
N ALA C 194 2.08 10.73 -30.29
CA ALA C 194 2.75 11.50 -31.33
C ALA C 194 3.25 10.49 -32.36
N SER C 195 2.42 10.23 -33.36
CA SER C 195 2.74 9.23 -34.37
C SER C 195 3.38 9.90 -35.54
N PRO C 196 4.39 9.29 -36.11
CA PRO C 196 5.01 9.79 -37.31
C PRO C 196 4.35 9.31 -38.58
N GLU C 197 3.39 8.38 -38.43
CA GLU C 197 2.86 7.63 -39.60
C GLU C 197 1.41 7.87 -40.00
N LEU C 198 1.23 8.44 -41.19
CA LEU C 198 -0.07 8.65 -41.85
C LEU C 198 -0.49 7.34 -42.49
N LEU C 199 -1.67 6.84 -42.12
CA LEU C 199 -2.23 5.66 -42.78
C LEU C 199 -2.82 6.12 -44.12
N VAL C 200 -3.68 7.14 -44.07
CA VAL C 200 -4.17 7.71 -45.30
C VAL C 200 -4.77 9.06 -45.06
N SER C 201 -4.63 9.90 -46.07
CA SER C 201 -5.36 11.12 -46.10
C SER C 201 -6.03 11.23 -47.46
N ARG C 202 -7.14 11.96 -47.49
CA ARG C 202 -7.83 12.35 -48.69
C ARG C 202 -8.13 13.82 -48.67
N HIS C 203 -7.75 14.51 -49.73
N HIS C 203 -7.72 14.53 -49.71
CA HIS C 203 -8.04 15.93 -49.91
CA HIS C 203 -8.04 15.94 -49.89
C HIS C 203 -8.46 16.13 -51.36
C HIS C 203 -8.46 16.13 -51.36
N GLY C 204 -9.75 16.41 -51.55
CA GLY C 204 -10.34 16.48 -52.88
C GLY C 204 -10.36 15.06 -53.42
N GLN C 206 -7.32 13.60 -54.06
CA GLN C 206 -6.00 13.14 -53.84
C GLN C 206 -5.85 12.29 -52.58
N VAL C 207 -5.27 11.13 -52.77
CA VAL C 207 -5.08 10.17 -51.71
C VAL C 207 -3.59 10.06 -51.44
N ILE C 208 -3.18 10.03 -50.16
CA ILE C 208 -1.81 9.79 -49.79
C ILE C 208 -1.77 8.80 -48.65
N SER C 209 -0.84 7.85 -48.70
CA SER C 209 -0.55 6.97 -47.57
C SER C 209 0.98 6.99 -47.39
N ASN C 210 1.45 6.85 -46.17
CA ASN C 210 2.88 6.98 -45.87
C ASN C 210 3.37 5.84 -44.99
N PRO C 211 3.48 4.64 -45.59
CA PRO C 211 3.98 3.53 -44.84
C PRO C 211 5.39 3.76 -44.36
N LEU C 212 5.60 3.46 -43.10
CA LEU C 212 6.88 3.45 -42.45
C LEU C 212 7.23 2.03 -42.09
N ALA C 213 8.44 1.58 -42.43
CA ALA C 213 8.87 0.21 -42.03
C ALA C 213 10.36 0.26 -42.07
N GLY C 214 10.99 -0.10 -40.97
CA GLY C 214 12.43 0.00 -40.83
C GLY C 214 12.76 1.17 -39.93
N SER C 215 13.57 0.92 -38.90
CA SER C 215 13.84 1.81 -37.83
C SER C 215 15.27 1.74 -37.29
N ARG C 216 15.81 2.86 -36.83
CA ARG C 216 17.03 2.89 -36.03
C ARG C 216 16.75 4.03 -35.06
N PRO C 217 17.32 3.97 -33.85
CA PRO C 217 17.19 5.05 -32.89
C PRO C 217 18.11 6.21 -33.25
N ARG C 218 17.64 7.41 -32.96
CA ARG C 218 18.43 8.63 -33.09
C ARG C 218 19.63 8.58 -32.17
N SER C 219 20.65 9.39 -32.46
CA SER C 219 21.80 9.59 -31.52
C SER C 219 21.98 11.08 -31.37
N ASP C 220 22.39 11.51 -30.18
CA ASP C 220 22.74 12.90 -29.90
C ASP C 220 24.09 13.23 -30.49
N ASP C 221 24.87 12.25 -30.89
CA ASP C 221 26.08 12.52 -31.63
C ASP C 221 25.72 12.71 -33.11
N PRO C 222 25.97 13.92 -33.65
CA PRO C 222 25.47 14.14 -35.00
C PRO C 222 26.19 13.32 -36.04
N VAL C 223 27.41 12.91 -35.81
CA VAL C 223 28.04 12.00 -36.76
C VAL C 223 27.40 10.60 -36.72
N GLU C 224 27.24 10.05 -35.53
CA GLU C 224 26.61 8.72 -35.34
C GLU C 224 25.15 8.77 -35.84
N ASP C 225 24.46 9.86 -35.58
CA ASP C 225 23.09 10.01 -35.93
C ASP C 225 22.95 9.85 -37.46
N LYS C 226 23.80 10.53 -38.23
CA LYS C 226 23.81 10.39 -39.67
C LYS C 226 24.26 9.03 -40.10
N ARG C 227 25.27 8.47 -39.46
CA ARG C 227 25.69 7.17 -39.85
C ARG C 227 24.47 6.21 -39.80
N ARG C 228 23.56 6.35 -38.82
CA ARG C 228 22.48 5.40 -38.64
C ARG C 228 21.42 5.58 -39.71
N ALA C 229 21.17 6.82 -40.09
CA ALA C 229 20.28 7.10 -41.19
C ALA C 229 20.87 6.43 -42.43
N GLU C 230 22.17 6.54 -42.65
CA GLU C 230 22.76 6.04 -43.87
C GLU C 230 22.72 4.52 -43.85
N GLU C 231 22.88 3.95 -42.69
CA GLU C 231 22.87 2.51 -42.57
C GLU C 231 21.46 1.97 -42.85
N LEU C 232 20.44 2.66 -42.36
CA LEU C 232 19.09 2.17 -42.53
C LEU C 232 18.73 2.17 -44.02
N LEU C 233 19.05 3.28 -44.65
CA LEU C 233 18.79 3.54 -46.03
C LEU C 233 19.57 2.61 -46.92
N SER C 234 20.58 1.88 -46.42
CA SER C 234 21.31 0.95 -47.28
C SER C 234 21.23 -0.49 -46.81
N SER C 235 20.38 -0.74 -45.80
CA SER C 235 20.21 -2.05 -45.24
C SER C 235 19.35 -2.91 -46.15
N PRO C 236 19.91 -4.00 -46.66
CA PRO C 236 19.11 -4.85 -47.53
C PRO C 236 17.86 -5.47 -46.90
N LYS C 237 17.99 -6.01 -45.70
CA LYS C 237 16.87 -6.52 -44.97
C LYS C 237 15.81 -5.41 -44.78
N ASP C 238 16.22 -4.21 -44.42
CA ASP C 238 15.22 -3.15 -44.19
C ASP C 238 14.61 -2.63 -45.48
N LEU C 239 15.40 -2.50 -46.53
CA LEU C 239 14.87 -2.03 -47.78
C LEU C 239 13.87 -3.01 -48.40
N HIS C 240 14.15 -4.29 -48.26
CA HIS C 240 13.35 -5.31 -48.89
C HIS C 240 12.06 -5.38 -48.14
N GLU C 241 12.17 -5.42 -46.83
CA GLU C 241 11.01 -5.45 -46.02
C GLU C 241 10.12 -4.18 -46.18
N HIS C 242 10.74 -3.01 -46.34
CA HIS C 242 9.96 -1.79 -46.62
C HIS C 242 9.15 -1.94 -47.92
N ALA C 243 9.84 -2.41 -48.97
CA ALA C 243 9.28 -2.54 -50.31
C ALA C 243 8.05 -3.44 -50.31
N VAL C 244 8.06 -4.42 -49.41
CA VAL C 244 6.97 -5.36 -49.30
C VAL C 244 5.79 -4.68 -48.66
N VAL C 245 6.02 -3.87 -47.62
CA VAL C 245 4.95 -3.10 -47.03
C VAL C 245 4.40 -2.13 -48.10
N VAL C 246 5.27 -1.46 -48.84
CA VAL C 246 4.80 -0.56 -49.86
C VAL C 246 3.96 -1.25 -50.92
N GLU C 247 4.35 -2.44 -51.35
CA GLU C 247 3.58 -3.20 -52.35
C GLU C 247 2.18 -3.52 -51.86
N ALA C 248 2.06 -3.85 -50.59
CA ALA C 248 0.76 -4.11 -50.01
C ALA C 248 -0.12 -2.86 -49.88
N VAL C 249 0.48 -1.71 -49.57
CA VAL C 249 -0.30 -0.48 -49.47
C VAL C 249 -0.77 -0.15 -50.89
N ALA C 250 0.12 -0.26 -51.86
CA ALA C 250 -0.24 0.04 -53.24
C ALA C 250 -1.33 -0.87 -53.75
N ALA C 251 -1.27 -2.16 -53.42
CA ALA C 251 -2.33 -3.12 -53.88
C ALA C 251 -3.66 -2.79 -53.23
N ALA C 252 -3.67 -2.30 -51.98
CA ALA C 252 -4.94 -1.98 -51.36
C ALA C 252 -5.53 -0.73 -51.97
N LEU C 253 -4.68 0.26 -52.33
CA LEU C 253 -5.20 1.48 -52.90
C LEU C 253 -5.52 1.44 -54.38
N ARG C 254 -4.91 0.52 -55.12
CA ARG C 254 -4.97 0.53 -56.59
C ARG C 254 -6.41 0.52 -57.14
N PRO C 255 -7.30 -0.30 -56.60
CA PRO C 255 -8.66 -0.35 -57.13
C PRO C 255 -9.41 0.96 -56.99
N TYR C 256 -9.05 1.80 -56.01
CA TYR C 256 -9.73 3.06 -55.82
C TYR C 256 -9.19 4.21 -56.63
N CYS C 257 -8.10 4.02 -57.36
CA CYS C 257 -7.43 5.14 -57.96
C CYS C 257 -7.24 5.02 -59.46
N HIS C 258 -7.13 6.14 -60.16
CA HIS C 258 -6.82 6.13 -61.59
C HIS C 258 -5.44 5.61 -61.78
N THR C 259 -4.51 6.16 -61.04
CA THR C 259 -3.15 5.76 -61.19
C THR C 259 -2.48 6.07 -59.86
N LEU C 260 -1.43 5.33 -59.55
CA LEU C 260 -0.76 5.38 -58.28
C LEU C 260 0.65 5.74 -58.57
N TYR C 261 1.17 6.69 -57.85
CA TYR C 261 2.55 6.96 -57.90
C TYR C 261 3.20 6.33 -56.67
N VAL C 262 4.08 5.34 -56.91
CA VAL C 262 4.87 4.69 -55.88
C VAL C 262 6.38 4.93 -56.07
N PRO C 263 7.00 5.83 -55.29
CA PRO C 263 8.44 6.09 -55.42
C PRO C 263 9.29 4.83 -55.43
N GLU C 264 10.23 4.79 -56.35
CA GLU C 264 11.12 3.66 -56.51
C GLU C 264 11.96 3.49 -55.25
N LYS C 265 12.35 4.61 -54.63
CA LYS C 265 13.24 4.59 -53.44
C LYS C 265 12.54 5.14 -52.21
N PRO C 266 12.74 4.52 -51.06
CA PRO C 266 12.25 5.14 -49.88
C PRO C 266 13.13 6.29 -49.44
N SER C 267 12.58 7.14 -48.61
CA SER C 267 13.31 8.20 -48.00
C SER C 267 13.47 7.90 -46.52
N VAL C 268 14.37 8.61 -45.87
CA VAL C 268 14.50 8.50 -44.43
C VAL C 268 13.77 9.70 -43.82
N ILE C 269 12.96 9.49 -42.81
CA ILE C 269 12.42 10.57 -42.05
C ILE C 269 12.78 10.31 -40.61
N HIS C 270 12.51 11.27 -39.75
CA HIS C 270 12.78 11.13 -38.34
C HIS C 270 11.69 11.69 -37.43
N SER C 271 11.60 11.12 -36.25
CA SER C 271 11.09 11.83 -35.07
C SER C 271 12.31 12.07 -34.19
N GLU C 272 12.10 12.73 -33.06
CA GLU C 272 13.19 12.88 -32.03
C GLU C 272 13.76 11.56 -31.61
N ALA C 273 12.94 10.54 -31.54
CA ALA C 273 13.39 9.26 -31.02
C ALA C 273 13.96 8.32 -32.11
N TRP C 275 14.80 7.13 -36.47
CA TRP C 275 14.85 7.19 -37.93
C TRP C 275 13.87 6.13 -38.45
N HIS C 276 13.22 6.43 -39.56
CA HIS C 276 12.35 5.46 -40.17
C HIS C 276 12.49 5.51 -41.68
N LEU C 277 12.31 4.38 -42.35
CA LEU C 277 12.18 4.40 -43.80
C LEU C 277 10.71 4.69 -44.12
N SER C 278 10.49 5.44 -45.20
CA SER C 278 9.22 6.06 -45.52
C SER C 278 9.05 6.20 -46.99
N THR C 279 7.86 5.87 -47.47
CA THR C 279 7.47 6.06 -48.84
C THR C 279 6.11 6.71 -48.82
N GLU C 280 5.93 7.78 -49.59
CA GLU C 280 4.65 8.36 -49.80
C GLU C 280 4.06 7.80 -51.08
N VAL C 281 2.99 7.02 -50.93
CA VAL C 281 2.21 6.48 -52.04
C VAL C 281 1.08 7.46 -52.31
N LYS C 282 0.97 7.97 -53.55
CA LYS C 282 -0.02 9.00 -53.93
C LYS C 282 -0.87 8.53 -55.10
N GLY C 283 -2.14 8.88 -55.05
CA GLY C 283 -3.06 8.53 -56.10
C GLY C 283 -4.17 9.53 -56.19
N GLU C 284 -4.85 9.49 -57.32
CA GLU C 284 -6.04 10.26 -57.53
C GLU C 284 -7.19 9.28 -57.60
N LEU C 285 -8.20 9.50 -56.78
CA LEU C 285 -9.36 8.62 -56.76
C LEU C 285 -10.13 8.60 -58.07
N LYS C 286 -10.78 7.48 -58.34
CA LYS C 286 -11.77 7.35 -59.41
C LYS C 286 -13.12 7.94 -59.00
N ASN C 287 -13.54 7.64 -57.80
CA ASN C 287 -14.87 7.93 -57.35
C ASN C 287 -14.83 9.01 -56.29
N PRO C 288 -15.33 10.20 -56.58
CA PRO C 288 -15.34 11.22 -55.52
C PRO C 288 -16.12 10.89 -54.23
N ASN C 289 -16.90 9.83 -54.16
CA ASN C 289 -17.57 9.47 -52.90
C ASN C 289 -16.77 8.50 -52.03
N THR C 290 -15.59 8.09 -52.48
CA THR C 290 -14.81 7.18 -51.66
C THR C 290 -14.24 7.96 -50.51
N SER C 291 -14.75 7.78 -49.30
CA SER C 291 -14.32 8.63 -48.19
C SER C 291 -12.98 8.20 -47.64
N SER C 292 -12.35 9.11 -46.91
CA SER C 292 -11.08 8.80 -46.27
C SER C 292 -11.18 7.65 -45.31
N LEU C 293 -12.31 7.51 -44.64
CA LEU C 293 -12.52 6.38 -43.74
C LEU C 293 -12.56 5.08 -44.47
N GLU C 294 -13.19 5.07 -45.62
CA GLU C 294 -13.26 3.88 -46.41
C GLU C 294 -11.86 3.49 -46.82
N LEU C 295 -11.04 4.46 -47.23
CA LEU C 295 -9.69 4.13 -47.64
C LEU C 295 -8.92 3.64 -46.45
N ALA C 296 -9.11 4.26 -45.30
CA ALA C 296 -8.39 3.82 -44.08
C ALA C 296 -8.71 2.37 -43.77
N ILE C 297 -9.99 2.01 -43.85
CA ILE C 297 -10.38 0.65 -43.56
C ILE C 297 -9.85 -0.33 -44.61
N ALA C 298 -9.78 0.07 -45.88
CA ALA C 298 -9.14 -0.79 -46.91
C ALA C 298 -7.68 -1.10 -46.55
N LEU C 299 -6.99 -0.15 -45.90
CA LEU C 299 -5.57 -0.33 -45.62
C LEU C 299 -5.27 -0.97 -44.27
N HIS C 300 -6.22 -0.97 -43.35
CA HIS C 300 -5.91 -1.22 -41.96
C HIS C 300 -6.05 -2.69 -41.60
N PRO C 301 -5.10 -3.25 -40.88
CA PRO C 301 -3.83 -2.73 -40.44
C PRO C 301 -2.84 -3.05 -41.52
N THR C 302 -1.87 -2.22 -41.79
CA THR C 302 -0.88 -2.61 -42.81
C THR C 302 0.12 -3.55 -42.22
N PRO C 303 0.92 -4.17 -43.08
CA PRO C 303 1.89 -5.08 -42.57
C PRO C 303 2.93 -4.43 -41.70
N ALA C 304 3.02 -3.12 -41.69
CA ALA C 304 3.98 -2.48 -40.83
C ALA C 304 3.70 -2.78 -39.35
N VAL C 305 2.45 -2.99 -38.97
CA VAL C 305 2.14 -3.23 -37.56
C VAL C 305 1.59 -4.63 -37.32
N CYS C 306 1.29 -5.37 -38.36
CA CYS C 306 0.62 -6.67 -38.22
C CYS C 306 1.50 -7.73 -38.88
N GLY C 307 1.22 -8.00 -40.15
CA GLY C 307 2.07 -8.84 -40.98
C GLY C 307 1.39 -9.54 -42.16
N THR C 308 2.14 -10.46 -42.74
CA THR C 308 1.72 -11.13 -43.94
C THR C 308 1.80 -12.60 -43.70
N PRO C 309 0.70 -13.32 -43.90
CA PRO C 309 -0.66 -12.85 -44.25
C PRO C 309 -1.44 -12.29 -43.07
N GLU C 311 -4.38 -12.14 -41.52
CA GLU C 311 -5.23 -12.93 -40.59
C GLU C 311 -4.41 -13.98 -39.84
N GLU C 312 -3.32 -14.43 -40.45
CA GLU C 312 -2.40 -15.37 -39.82
C GLU C 312 -1.42 -14.63 -38.88
N ALA C 313 -0.75 -13.57 -39.37
CA ALA C 313 0.05 -12.73 -38.47
C ALA C 313 -0.82 -12.33 -37.32
N ARG C 314 -2.09 -11.99 -37.59
CA ARG C 314 -2.96 -11.58 -36.51
C ARG C 314 -3.26 -12.73 -35.54
N GLU C 315 -3.40 -13.95 -36.03
CA GLU C 315 -3.71 -15.01 -35.08
C GLU C 315 -2.42 -15.31 -34.29
N ALA C 316 -1.30 -15.37 -34.99
CA ALA C 316 -0.01 -15.46 -34.31
C ALA C 316 0.12 -14.36 -33.22
N ILE C 317 -0.21 -13.11 -33.56
CA ILE C 317 -0.06 -12.00 -32.65
C ILE C 317 -0.98 -12.20 -31.44
N GLN C 318 -2.23 -12.49 -31.72
CA GLN C 318 -3.21 -12.69 -30.64
C GLN C 318 -2.78 -13.83 -29.70
N LYS C 319 -2.23 -14.92 -30.26
CA LYS C 319 -1.77 -16.04 -29.44
C LYS C 319 -0.46 -15.72 -28.68
N ILE C 320 0.52 -15.10 -29.33
CA ILE C 320 1.80 -14.90 -28.66
C ILE C 320 1.72 -13.77 -27.62
N GLU C 321 1.05 -12.66 -27.94
CA GLU C 321 1.06 -11.50 -27.04
C GLU C 321 0.13 -11.76 -25.92
N PRO C 322 0.59 -11.60 -24.70
CA PRO C 322 -0.19 -11.84 -23.50
C PRO C 322 -1.00 -10.65 -23.03
N PHE C 323 -1.27 -9.69 -23.91
CA PHE C 323 -2.10 -8.57 -23.54
C PHE C 323 -2.88 -8.19 -24.76
N ASP C 324 -3.92 -7.38 -24.57
N ASP C 324 -3.88 -7.34 -24.56
CA ASP C 324 -4.72 -6.86 -25.70
CA ASP C 324 -4.67 -6.83 -25.66
C ASP C 324 -4.14 -5.50 -26.09
C ASP C 324 -4.12 -5.48 -26.08
N ARG C 325 -3.79 -5.38 -27.36
CA ARG C 325 -3.31 -4.13 -27.94
C ARG C 325 -4.35 -3.05 -27.85
N GLU C 326 -5.60 -3.45 -27.95
CA GLU C 326 -6.71 -2.52 -27.91
C GLU C 326 -6.51 -1.48 -29.02
N PHE C 327 -6.30 -0.20 -28.71
CA PHE C 327 -6.20 0.84 -29.71
C PHE C 327 -4.82 1.03 -30.30
N PHE C 328 -3.84 0.43 -29.70
CA PHE C 328 -2.45 0.51 -30.17
C PHE C 328 -2.26 -0.28 -31.46
N THR C 329 -1.63 0.34 -32.46
CA THR C 329 -1.58 -0.13 -33.84
C THR C 329 -2.96 -0.22 -34.51
N GLY C 330 -3.95 0.45 -33.91
CA GLY C 330 -5.18 0.78 -34.63
C GLY C 330 -4.95 2.01 -35.52
N LEU C 332 -6.49 6.26 -36.04
CA LEU C 332 -7.26 7.36 -35.45
C LEU C 332 -7.19 8.59 -36.35
N GLY C 333 -8.21 9.41 -36.28
CA GLY C 333 -8.26 10.55 -37.19
C GLY C 333 -9.61 11.24 -37.32
N TRP C 334 -9.89 11.87 -38.47
CA TRP C 334 -11.12 12.58 -38.68
C TRP C 334 -11.52 12.39 -40.11
N SER C 335 -12.80 12.61 -40.38
CA SER C 335 -13.32 12.60 -41.73
C SER C 335 -14.54 13.53 -41.79
N ASP C 336 -14.79 14.13 -42.96
CA ASP C 336 -15.82 15.17 -43.07
C ASP C 336 -16.91 14.72 -44.04
N LEU C 337 -17.99 15.47 -44.09
CA LEU C 337 -19.08 15.19 -45.00
C LEU C 337 -18.61 15.02 -46.43
N ASN C 338 -17.63 15.80 -46.88
CA ASN C 338 -17.18 15.59 -48.26
C ASN C 338 -16.33 14.36 -48.45
N GLY C 339 -15.91 13.74 -47.35
CA GLY C 339 -15.05 12.58 -47.41
C GLY C 339 -13.59 12.89 -47.23
N ASP C 340 -13.22 14.16 -47.05
CA ASP C 340 -11.86 14.47 -46.75
C ASP C 340 -11.57 14.03 -45.31
N GLY C 341 -10.29 13.76 -45.01
CA GLY C 341 -9.89 13.42 -43.69
C GLY C 341 -8.45 12.90 -43.64
N GLU C 342 -7.94 12.60 -42.43
CA GLU C 342 -6.63 12.05 -42.16
C GLU C 342 -6.75 10.94 -41.10
N TRP C 343 -6.14 9.79 -41.37
CA TRP C 343 -6.10 8.69 -40.41
C TRP C 343 -4.62 8.29 -40.26
N ILE C 344 -4.15 8.23 -39.00
CA ILE C 344 -2.81 7.89 -38.64
C ILE C 344 -2.73 6.49 -38.02
N VAL C 345 -1.56 5.84 -38.11
CA VAL C 345 -1.36 4.55 -37.43
C VAL C 345 -1.10 4.92 -35.98
N THR C 346 -1.82 4.29 -35.08
CA THR C 346 -1.76 4.71 -33.70
C THR C 346 -0.54 4.05 -33.04
N ILE C 347 0.58 4.75 -33.04
CA ILE C 347 1.76 4.26 -32.35
C ILE C 347 2.42 5.41 -31.56
N ARG C 348 3.49 5.09 -30.81
CA ARG C 348 4.15 6.07 -29.95
C ARG C 348 3.11 6.76 -29.05
N CYS C 349 2.31 5.94 -28.37
CA CYS C 349 1.13 6.44 -27.69
C CYS C 349 0.91 5.81 -26.34
N ALA C 350 -0.10 6.31 -25.62
CA ALA C 350 -0.48 5.73 -24.30
C ALA C 350 -1.96 5.89 -24.02
N GLU C 351 -2.50 4.97 -23.25
CA GLU C 351 -3.82 5.15 -22.71
C GLU C 351 -3.64 5.77 -21.36
N VAL C 352 -4.32 6.86 -21.11
CA VAL C 352 -4.18 7.61 -19.87
C VAL C 352 -5.53 7.71 -19.16
N GLN C 353 -5.54 7.31 -17.91
CA GLN C 353 -6.74 7.30 -17.11
C GLN C 353 -6.35 7.66 -15.66
N GLU C 354 -6.67 8.87 -15.25
CA GLU C 354 -6.47 9.26 -13.88
C GLU C 354 -4.99 9.23 -13.52
N ASN C 355 -4.56 8.30 -12.68
N ASN C 355 -4.58 8.28 -12.70
CA ASN C 355 -3.18 8.27 -12.24
CA ASN C 355 -3.21 8.24 -12.23
C ASN C 355 -2.36 7.24 -13.00
C ASN C 355 -2.36 7.23 -13.00
N THR C 356 -2.91 6.62 -14.03
CA THR C 356 -2.23 5.53 -14.68
C THR C 356 -2.15 5.73 -16.19
N LEU C 357 -1.15 5.08 -16.80
CA LEU C 357 -0.92 5.11 -18.23
C LEU C 357 -0.55 3.71 -18.68
N ARG C 358 -0.95 3.35 -19.89
CA ARG C 358 -0.37 2.17 -20.50
C ARG C 358 0.32 2.63 -21.75
N LEU C 359 1.64 2.36 -21.81
CA LEU C 359 2.45 2.72 -22.97
C LEU C 359 2.65 1.49 -23.80
N TYR C 360 2.93 1.66 -25.09
CA TYR C 360 3.10 0.49 -25.97
C TYR C 360 4.24 0.69 -26.96
N ALA C 361 4.79 -0.44 -27.42
CA ALA C 361 5.83 -0.43 -28.44
C ALA C 361 5.95 -1.82 -29.07
N GLY C 362 6.13 -1.86 -30.38
CA GLY C 362 6.31 -3.07 -31.16
C GLY C 362 7.51 -3.06 -32.10
N ALA C 363 7.87 -4.23 -32.61
CA ALA C 363 9.05 -4.40 -33.47
C ALA C 363 8.74 -5.43 -34.55
N GLY C 364 9.01 -5.07 -35.79
CA GLY C 364 8.79 -5.99 -36.91
C GLY C 364 9.77 -7.12 -36.76
N VAL C 365 9.27 -8.35 -36.83
CA VAL C 365 10.10 -9.55 -36.67
C VAL C 365 10.07 -10.40 -37.97
N VAL C 366 11.27 -10.91 -38.29
CA VAL C 366 11.51 -11.77 -39.44
C VAL C 366 12.52 -12.87 -39.07
N ALA C 367 12.57 -13.91 -39.90
CA ALA C 367 13.48 -15.05 -39.74
C ALA C 367 14.88 -14.68 -39.19
N GLU C 368 15.42 -13.59 -39.74
CA GLU C 368 16.78 -13.13 -39.40
C GLU C 368 16.87 -12.50 -38.01
N SER C 369 15.74 -12.02 -37.48
CA SER C 369 15.67 -11.19 -36.26
C SER C 369 16.39 -11.81 -35.05
N LYS C 370 17.02 -10.95 -34.26
CA LYS C 370 17.71 -11.37 -33.04
C LYS C 370 16.92 -10.77 -31.85
N PRO C 371 16.48 -11.62 -30.90
CA PRO C 371 15.63 -11.22 -29.78
C PRO C 371 16.01 -10.03 -28.95
N GLU C 372 17.27 -9.92 -28.56
CA GLU C 372 17.68 -8.80 -27.73
C GLU C 372 17.58 -7.49 -28.53
N ASP C 373 17.79 -7.57 -29.83
CA ASP C 373 17.72 -6.40 -30.70
C ASP C 373 16.30 -5.87 -30.81
N GLU C 374 15.35 -6.77 -30.98
CA GLU C 374 13.95 -6.43 -31.01
C GLU C 374 13.50 -5.79 -29.68
N LEU C 375 13.95 -6.32 -28.53
CA LEU C 375 13.64 -5.68 -27.25
C LEU C 375 14.24 -4.26 -27.18
N ALA C 376 15.49 -4.15 -27.60
CA ALA C 376 16.14 -2.85 -27.65
C ALA C 376 15.35 -1.89 -28.54
N GLU C 377 14.85 -2.39 -29.66
CA GLU C 377 14.14 -1.52 -30.57
C GLU C 377 12.84 -0.98 -29.91
N THR C 378 12.14 -1.86 -29.17
CA THR C 378 10.88 -1.50 -28.46
C THR C 378 11.18 -0.44 -27.42
N SER C 379 12.30 -0.60 -26.69
CA SER C 379 12.72 0.45 -25.72
C SER C 379 13.04 1.78 -26.34
N ALA C 380 13.72 1.71 -27.49
CA ALA C 380 14.01 2.92 -28.27
C ALA C 380 12.68 3.60 -28.65
N LYS C 381 11.67 2.79 -29.01
CA LYS C 381 10.36 3.31 -29.47
C LYS C 381 9.52 3.87 -28.28
N PHE C 382 9.74 3.29 -27.09
CA PHE C 382 9.13 3.82 -25.86
C PHE C 382 9.59 5.24 -25.52
N GLN C 383 10.77 5.68 -26.00
CA GLN C 383 11.31 7.01 -25.57
C GLN C 383 10.41 8.20 -25.90
N THR C 384 9.58 8.09 -26.95
CA THR C 384 8.74 9.24 -27.33
C THR C 384 7.78 9.59 -26.16
N LEU C 386 8.10 8.21 -23.01
CA LEU C 386 8.74 8.32 -21.69
C LEU C 386 9.34 9.72 -21.49
N LYS C 387 9.82 10.33 -22.58
CA LYS C 387 10.31 11.68 -22.54
C LYS C 387 9.20 12.69 -22.22
N ALA C 388 8.03 12.53 -22.83
CA ALA C 388 6.91 13.41 -22.53
C ALA C 388 6.58 13.33 -21.04
N LEU C 389 6.80 12.14 -20.46
CA LEU C 389 6.55 11.96 -19.02
C LEU C 389 7.68 12.38 -18.09
N GLY C 390 8.83 12.77 -18.62
CA GLY C 390 10.01 13.00 -17.76
C GLY C 390 10.77 11.74 -17.34
N LEU C 391 10.41 10.58 -17.87
CA LEU C 391 11.06 9.34 -17.47
C LEU C 391 12.01 8.74 -18.51
N ASN C 392 12.48 9.52 -19.49
CA ASN C 392 13.38 8.95 -20.51
C ASN C 392 14.76 8.52 -19.95
N GLU D 9 -45.58 -22.93 -28.62
CA GLU D 9 -45.72 -21.67 -29.42
C GLU D 9 -44.37 -20.94 -29.48
N LEU D 10 -44.04 -20.37 -30.63
CA LEU D 10 -42.79 -19.61 -30.78
C LEU D 10 -42.58 -18.59 -29.65
N SER D 11 -43.64 -17.86 -29.28
CA SER D 11 -43.51 -16.87 -28.22
C SER D 11 -42.80 -17.42 -26.97
N GLU D 12 -43.22 -18.59 -26.52
CA GLU D 12 -42.68 -19.20 -25.33
C GLU D 12 -41.21 -19.57 -25.54
N LYS D 13 -40.88 -20.01 -26.75
CA LYS D 13 -39.50 -20.35 -27.08
C LYS D 13 -38.63 -19.12 -26.93
N LEU D 14 -39.19 -17.94 -27.22
CA LEU D 14 -38.42 -16.71 -27.19
C LEU D 14 -38.11 -16.36 -25.76
N LEU D 15 -39.10 -16.54 -24.88
CA LEU D 15 -38.87 -16.40 -23.46
C LEU D 15 -37.86 -17.42 -22.93
N GLU D 16 -37.89 -18.66 -23.43
CA GLU D 16 -36.94 -19.70 -23.00
C GLU D 16 -35.50 -19.36 -23.41
N ASP D 17 -35.34 -18.72 -24.56
CA ASP D 17 -34.02 -18.41 -25.09
C ASP D 17 -33.40 -17.13 -24.56
N TYR D 18 -34.16 -16.35 -23.78
CA TYR D 18 -33.63 -15.12 -23.26
C TYR D 18 -32.29 -15.41 -22.60
N LYS D 19 -31.30 -14.58 -22.88
CA LYS D 19 -30.03 -14.65 -22.18
C LYS D 19 -29.67 -13.29 -21.63
N THR D 20 -28.75 -13.30 -20.68
CA THR D 20 -28.23 -12.07 -20.10
C THR D 20 -27.56 -11.12 -21.13
N GLU D 21 -27.09 -11.67 -22.26
CA GLU D 21 -26.55 -10.89 -23.39
C GLU D 21 -27.60 -10.23 -24.32
N SER D 22 -28.85 -10.70 -24.24
CA SER D 22 -29.90 -10.21 -25.11
C SER D 22 -30.16 -8.73 -24.95
N SER D 23 -30.18 -8.02 -26.07
CA SER D 23 -30.30 -6.58 -26.06
C SER D 23 -31.65 -6.19 -25.50
N LEU D 24 -32.65 -6.98 -25.85
CA LEU D 24 -33.97 -6.72 -25.40
C LEU D 24 -34.86 -7.95 -25.48
N PHE D 25 -35.63 -8.19 -24.41
CA PHE D 25 -36.81 -9.01 -24.49
C PHE D 25 -38.03 -8.14 -24.26
N PHE D 26 -39.04 -8.21 -25.12
CA PHE D 26 -40.22 -7.35 -24.98
C PHE D 26 -41.44 -8.18 -25.30
N ALA D 27 -42.29 -8.35 -24.28
CA ALA D 27 -43.58 -9.05 -24.44
C ALA D 27 -44.71 -8.06 -24.22
N SER D 28 -45.52 -7.89 -25.25
CA SER D 28 -46.59 -6.91 -25.22
C SER D 28 -47.87 -7.60 -25.68
N PRO D 29 -49.00 -6.90 -25.61
CA PRO D 29 -50.27 -7.47 -26.05
C PRO D 29 -50.34 -7.75 -27.53
N THR D 30 -49.47 -7.12 -28.31
CA THR D 30 -49.43 -7.35 -29.77
C THR D 30 -48.31 -8.30 -30.26
N ARG D 31 -47.29 -8.55 -29.43
CA ARG D 31 -46.12 -9.31 -29.90
C ARG D 31 -45.13 -9.66 -28.80
N THR D 32 -44.22 -10.55 -29.15
CA THR D 32 -43.08 -10.85 -28.32
C THR D 32 -41.82 -10.71 -29.18
N ILE D 33 -40.86 -9.93 -28.72
CA ILE D 33 -39.61 -9.73 -29.41
C ILE D 33 -38.47 -10.25 -28.56
N LEU D 34 -37.56 -11.00 -29.17
CA LEU D 34 -36.27 -11.31 -28.54
C LEU D 34 -35.23 -10.81 -29.51
N ALA D 35 -34.42 -9.87 -29.05
CA ALA D 35 -33.45 -9.20 -29.90
C ALA D 35 -32.02 -9.50 -29.43
N GLU D 36 -31.16 -9.92 -30.36
CA GLU D 36 -29.78 -10.34 -30.03
C GLU D 36 -28.70 -9.49 -30.71
N GLY D 37 -27.67 -9.18 -29.91
CA GLY D 37 -26.49 -8.46 -30.36
C GLY D 37 -26.71 -6.97 -30.61
N GLU D 38 -25.71 -6.35 -31.25
CA GLU D 38 -25.70 -4.95 -31.54
C GLU D 38 -25.09 -4.64 -32.87
N PHE D 39 -25.90 -4.58 -33.89
CA PHE D 39 -25.40 -4.28 -35.20
C PHE D 39 -24.94 -2.82 -35.20
N THR D 40 -25.74 -1.94 -34.60
CA THR D 40 -25.42 -0.54 -34.53
C THR D 40 -25.95 -0.03 -33.23
N THR D 41 -25.13 0.75 -32.53
CA THR D 41 -25.56 1.49 -31.37
C THR D 41 -25.45 2.96 -31.69
N VAL D 42 -26.48 3.70 -31.34
CA VAL D 42 -26.46 5.12 -31.59
C VAL D 42 -26.80 5.87 -30.31
N LYS D 43 -25.94 6.82 -29.97
CA LYS D 43 -26.01 7.58 -28.72
C LYS D 43 -26.04 9.05 -29.10
N HIS D 44 -26.86 9.85 -28.44
CA HIS D 44 -27.09 11.23 -28.91
C HIS D 44 -27.34 12.15 -27.74
N HIS D 45 -26.85 13.37 -27.85
CA HIS D 45 -26.84 14.34 -26.76
C HIS D 45 -28.20 15.06 -26.54
N GLU D 46 -29.02 15.14 -27.57
CA GLU D 46 -30.21 15.98 -27.60
C GLU D 46 -31.41 15.17 -28.02
N ILE D 47 -32.20 14.84 -27.03
CA ILE D 47 -33.35 13.99 -27.22
C ILE D 47 -34.28 14.49 -28.32
N GLU D 48 -34.41 15.80 -28.46
CA GLU D 48 -35.27 16.39 -29.48
C GLU D 48 -34.88 16.06 -30.91
N SER D 49 -33.59 15.86 -31.20
CA SER D 49 -33.17 15.55 -32.58
C SER D 49 -32.78 14.07 -32.74
N PHE D 50 -33.08 13.25 -31.76
CA PHE D 50 -32.82 11.80 -31.86
C PHE D 50 -33.62 11.02 -32.92
N PRO D 51 -34.92 11.33 -33.07
CA PRO D 51 -35.68 10.58 -34.05
C PRO D 51 -35.13 10.55 -35.46
N GLU D 52 -34.67 11.69 -35.97
CA GLU D 52 -34.15 11.68 -37.36
C GLU D 52 -32.83 10.89 -37.51
N LEU D 53 -31.99 10.92 -36.48
CA LEU D 53 -30.78 10.13 -36.46
C LEU D 53 -31.15 8.66 -36.49
N VAL D 54 -32.08 8.28 -35.64
CA VAL D 54 -32.53 6.91 -35.59
C VAL D 54 -33.08 6.43 -36.93
N GLN D 55 -33.89 7.26 -37.61
CA GLN D 55 -34.36 6.82 -38.92
C GLN D 55 -33.18 6.68 -39.88
N ALA D 56 -32.20 7.57 -39.80
CA ALA D 56 -31.05 7.48 -40.74
C ALA D 56 -30.34 6.15 -40.52
N VAL D 57 -30.18 5.78 -39.27
CA VAL D 57 -29.48 4.57 -38.94
C VAL D 57 -30.30 3.32 -39.34
N LEU D 58 -31.62 3.39 -39.19
CA LEU D 58 -32.51 2.28 -39.61
C LEU D 58 -32.49 2.12 -41.11
N ARG D 59 -32.48 3.21 -41.81
CA ARG D 59 -32.38 3.16 -43.27
C ARG D 59 -31.09 2.48 -43.71
N ASN D 60 -30.00 2.82 -43.02
CA ASN D 60 -28.72 2.24 -43.33
C ASN D 60 -28.76 0.75 -43.05
N ALA D 61 -29.39 0.34 -41.98
CA ALA D 61 -29.41 -1.06 -41.62
C ALA D 61 -30.19 -1.88 -42.68
N LYS D 62 -31.22 -1.29 -43.26
CA LYS D 62 -31.93 -1.93 -44.35
C LYS D 62 -31.00 -2.16 -45.54
N GLN D 63 -30.38 -1.07 -46.00
CA GLN D 63 -29.51 -1.02 -47.21
C GLN D 63 -28.41 -2.07 -47.16
N ALA D 64 -27.99 -2.38 -45.93
CA ALA D 64 -27.13 -3.49 -45.66
C ALA D 64 -27.85 -4.86 -45.61
N GLY D 65 -29.14 -4.97 -45.24
CA GLY D 65 -29.79 -6.29 -45.15
C GLY D 65 -31.32 -6.43 -45.19
N ASN D 66 -31.93 -6.68 -44.01
CA ASN D 66 -33.37 -7.05 -43.88
C ASN D 66 -34.27 -5.82 -43.96
N PRO D 67 -35.51 -5.99 -44.46
CA PRO D 67 -36.36 -4.92 -45.06
C PRO D 67 -37.00 -3.92 -44.10
N ASN D 68 -37.36 -4.38 -42.90
CA ASN D 68 -37.93 -3.47 -41.90
C ASN D 68 -37.27 -3.64 -40.50
N PRO D 69 -35.95 -3.25 -40.37
CA PRO D 69 -35.11 -3.39 -39.15
C PRO D 69 -35.67 -2.57 -38.02
N ILE D 70 -35.26 -2.86 -36.78
CA ILE D 70 -35.85 -2.17 -35.62
C ILE D 70 -34.73 -1.54 -34.73
N VAL D 71 -35.08 -0.59 -33.88
CA VAL D 71 -34.25 -0.19 -32.79
C VAL D 71 -34.95 -0.62 -31.51
N VAL D 72 -34.18 -0.92 -30.49
CA VAL D 72 -34.72 -1.28 -29.21
C VAL D 72 -33.88 -0.62 -28.14
N GLY D 73 -34.48 -0.49 -26.99
CA GLY D 73 -33.76 -0.03 -25.83
C GLY D 73 -34.54 0.79 -24.84
N ALA D 74 -33.80 1.43 -23.95
CA ALA D 74 -34.37 2.19 -22.82
C ALA D 74 -33.78 3.56 -22.78
N LEU D 75 -34.62 4.56 -22.57
CA LEU D 75 -34.21 5.92 -22.31
C LEU D 75 -34.48 6.29 -20.87
N PRO D 76 -33.68 7.22 -20.35
CA PRO D 76 -33.83 7.61 -18.95
C PRO D 76 -35.03 8.54 -18.62
N PHE D 77 -35.35 8.61 -17.33
CA PHE D 77 -36.28 9.61 -16.81
C PHE D 77 -35.87 11.01 -17.18
N ASP D 78 -34.64 11.39 -16.88
CA ASP D 78 -34.21 12.76 -17.14
C ASP D 78 -33.92 13.04 -18.62
N ARG D 79 -34.75 13.84 -19.25
CA ARG D 79 -34.66 14.13 -20.69
C ARG D 79 -33.38 14.80 -21.18
N ARG D 80 -32.60 15.31 -20.26
CA ARG D 80 -31.42 16.06 -20.61
C ARG D 80 -30.22 15.15 -20.70
N LYS D 81 -30.33 13.97 -20.14
CA LYS D 81 -29.31 12.99 -20.35
C LYS D 81 -29.22 12.53 -21.77
N GLU D 82 -28.05 12.00 -22.06
CA GLU D 82 -27.79 11.33 -23.30
C GLU D 82 -28.73 10.14 -23.52
N VAL D 83 -29.12 9.92 -24.76
CA VAL D 83 -30.01 8.83 -25.07
C VAL D 83 -29.33 7.87 -26.02
N GLN D 84 -29.73 6.61 -25.92
CA GLN D 84 -29.10 5.53 -26.62
C GLN D 84 -30.08 4.42 -27.00
N LEU D 85 -29.96 3.92 -28.22
CA LEU D 85 -30.70 2.75 -28.65
C LEU D 85 -29.82 1.88 -29.54
N ILE D 86 -30.28 0.68 -29.78
CA ILE D 86 -29.52 -0.35 -30.43
C ILE D 86 -30.29 -0.96 -31.59
N VAL D 87 -29.67 -1.07 -32.75
CA VAL D 87 -30.23 -1.89 -33.82
C VAL D 87 -29.64 -3.28 -33.65
N PRO D 88 -30.45 -4.30 -33.36
CA PRO D 88 -29.91 -5.61 -33.07
C PRO D 88 -29.37 -6.33 -34.28
N GLU D 89 -28.52 -7.32 -34.06
CA GLU D 89 -28.02 -8.18 -35.17
C GLU D 89 -29.12 -9.07 -35.69
N TYR D 90 -29.86 -9.69 -34.80
CA TYR D 90 -31.16 -10.16 -35.24
C TYR D 90 -32.17 -10.22 -34.15
N SER D 91 -33.40 -10.12 -34.59
CA SER D 91 -34.52 -10.15 -33.74
C SER D 91 -35.52 -11.18 -34.24
N ARG D 92 -36.03 -11.97 -33.32
CA ARG D 92 -37.18 -12.80 -33.63
C ARG D 92 -38.38 -12.12 -33.05
N ILE D 93 -39.46 -12.08 -33.81
CA ILE D 93 -40.69 -11.44 -33.40
C ILE D 93 -41.81 -12.43 -33.60
N SER D 94 -42.59 -12.69 -32.56
CA SER D 94 -43.71 -13.60 -32.66
C SER D 94 -44.98 -12.95 -32.17
N GLU D 95 -46.06 -13.75 -32.12
CA GLU D 95 -47.32 -13.29 -31.54
C GLU D 95 -47.14 -13.00 -30.06
N ARG D 96 -48.18 -12.45 -29.44
CA ARG D 96 -48.18 -12.25 -28.01
C ARG D 96 -48.03 -13.59 -27.27
N LEU D 97 -47.39 -13.54 -26.10
CA LEU D 97 -47.27 -14.71 -25.21
C LEU D 97 -48.64 -15.28 -24.83
N GLN D 98 -48.69 -16.60 -24.74
CA GLN D 98 -49.90 -17.35 -24.33
C GLN D 98 -49.45 -18.42 -23.33
N LEU D 99 -48.84 -18.03 -22.22
CA LEU D 99 -48.24 -19.00 -21.29
C LEU D 99 -49.30 -19.79 -20.48
N ASP D 100 -49.07 -21.10 -20.32
CA ASP D 100 -49.93 -21.98 -19.48
C ASP D 100 -49.06 -22.73 -18.49
N ASN D 110 -33.43 -22.79 -2.69
CA ASN D 110 -33.98 -21.62 -2.03
C ASN D 110 -32.88 -20.62 -1.65
N LEU D 111 -33.25 -19.34 -1.60
CA LEU D 111 -32.30 -18.22 -1.42
C LEU D 111 -32.73 -17.28 -0.28
N THR D 112 -31.76 -16.67 0.39
CA THR D 112 -32.04 -15.64 1.40
C THR D 112 -31.82 -14.25 0.77
N PHE D 113 -32.58 -13.26 1.23
CA PHE D 113 -32.45 -11.89 0.73
C PHE D 113 -32.26 -10.87 1.86
N GLU D 114 -31.42 -9.88 1.62
CA GLU D 114 -31.17 -8.76 2.51
C GLU D 114 -31.88 -7.58 1.84
N THR D 116 -32.67 -3.21 1.89
CA THR D 116 -32.32 -1.89 2.40
C THR D 116 -33.09 -0.79 1.68
N PRO D 117 -34.03 -0.13 2.36
CA PRO D 117 -34.74 0.95 1.70
C PRO D 117 -33.89 2.22 1.57
N VAL D 118 -33.65 2.66 0.34
CA VAL D 118 -32.90 3.89 0.07
C VAL D 118 -33.83 4.88 -0.60
N PRO D 119 -34.34 5.88 0.15
CA PRO D 119 -34.18 6.21 1.56
C PRO D 119 -35.09 5.38 2.48
N ASP D 120 -34.88 5.53 3.81
CA ASP D 120 -35.75 4.91 4.82
C ASP D 120 -37.10 5.61 4.90
N HIS D 121 -38.04 5.02 5.64
CA HIS D 121 -39.44 5.45 5.58
C HIS D 121 -39.70 6.87 6.11
N GLU D 122 -38.80 7.35 6.98
CA GLU D 122 -38.90 8.69 7.55
C GLU D 122 -38.49 9.72 6.48
N VAL D 123 -37.24 9.61 6.03
CA VAL D 123 -36.64 10.50 5.02
C VAL D 123 -37.53 10.69 3.76
N TYR D 124 -38.23 9.63 3.38
CA TYR D 124 -39.19 9.66 2.27
C TYR D 124 -40.43 10.47 2.60
N LYS D 126 -40.41 12.79 4.91
CA LYS D 126 -39.83 14.14 4.95
C LYS D 126 -39.93 14.78 3.55
N GLY D 127 -39.39 14.09 2.56
CA GLY D 127 -39.48 14.50 1.17
C GLY D 127 -40.90 14.85 0.74
N VAL D 128 -41.86 13.99 1.07
CA VAL D 128 -43.25 14.24 0.64
C VAL D 128 -43.83 15.53 1.26
N LYS D 129 -43.44 15.86 2.50
CA LYS D 129 -43.88 17.12 3.12
C LYS D 129 -43.30 18.32 2.36
N GLN D 130 -42.00 18.26 2.08
CA GLN D 130 -41.36 19.29 1.25
C GLN D 130 -42.09 19.48 -0.07
N GLY D 131 -42.69 18.40 -0.57
CA GLY D 131 -43.47 18.44 -1.82
C GLY D 131 -44.79 19.13 -1.67
N ILE D 132 -45.55 18.73 -0.66
CA ILE D 132 -46.83 19.37 -0.34
C ILE D 132 -46.56 20.85 -0.10
N GLU D 133 -45.56 21.13 0.74
CA GLU D 133 -45.11 22.50 0.97
C GLU D 133 -44.94 23.31 -0.33
N LYS D 134 -44.20 22.77 -1.28
CA LYS D 134 -43.87 23.53 -2.50
C LYS D 134 -45.05 23.73 -3.45
N ILE D 135 -46.03 22.81 -3.46
CA ILE D 135 -47.24 22.97 -4.29
C ILE D 135 -48.19 24.00 -3.65
N LYS D 136 -48.19 24.06 -2.32
CA LYS D 136 -49.03 25.02 -1.59
C LYS D 136 -48.52 26.46 -1.68
N ASP D 137 -47.28 26.63 -2.13
CA ASP D 137 -46.76 27.96 -2.45
C ASP D 137 -46.98 28.33 -3.92
N GLY D 138 -47.57 27.40 -4.70
CA GLY D 138 -47.92 27.66 -6.09
C GLY D 138 -46.75 27.60 -7.06
N ASP D 139 -45.58 27.18 -6.56
CA ASP D 139 -44.43 26.96 -7.41
C ASP D 139 -44.68 25.71 -8.26
N LEU D 140 -45.37 24.72 -7.68
CA LEU D 140 -45.75 23.50 -8.40
C LEU D 140 -47.25 23.21 -8.30
N LYS D 141 -47.74 22.37 -9.22
CA LYS D 141 -49.13 21.87 -9.23
C LYS D 141 -49.20 20.37 -8.94
N LYS D 142 -48.37 19.58 -9.62
CA LYS D 142 -48.30 18.13 -9.42
C LYS D 142 -46.86 17.70 -9.19
N ILE D 143 -46.60 16.87 -8.18
CA ILE D 143 -45.25 16.25 -8.03
C ILE D 143 -45.20 14.75 -7.68
N VAL D 144 -44.53 13.93 -8.52
CA VAL D 144 -44.36 12.50 -8.20
C VAL D 144 -43.06 12.25 -7.42
N LEU D 145 -43.16 11.52 -6.32
CA LEU D 145 -41.99 11.22 -5.49
C LEU D 145 -41.85 9.75 -5.26
N SER D 146 -40.61 9.32 -5.30
CA SER D 146 -40.34 7.91 -5.41
C SER D 146 -39.19 7.51 -4.52
N ARG D 147 -39.11 6.22 -4.26
CA ARG D 147 -38.05 5.66 -3.44
C ARG D 147 -37.64 4.34 -4.05
N SER D 148 -36.56 3.78 -3.52
CA SER D 148 -36.04 2.49 -3.98
C SER D 148 -35.78 1.52 -2.80
N LEU D 149 -35.28 0.35 -3.16
CA LEU D 149 -35.20 -0.77 -2.25
C LEU D 149 -34.06 -1.61 -2.83
N ASP D 150 -32.88 -1.55 -2.22
CA ASP D 150 -31.77 -2.36 -2.67
C ASP D 150 -31.96 -3.73 -2.07
N VAL D 151 -31.74 -4.77 -2.86
CA VAL D 151 -31.86 -6.13 -2.38
C VAL D 151 -30.58 -6.92 -2.69
N LYS D 152 -29.87 -7.38 -1.65
CA LYS D 152 -28.71 -8.28 -1.85
C LYS D 152 -29.21 -9.71 -1.64
N SER D 153 -28.79 -10.61 -2.52
CA SER D 153 -29.19 -12.02 -2.50
C SER D 153 -27.97 -12.86 -2.16
N SER D 154 -28.20 -14.03 -1.57
CA SER D 154 -27.11 -14.96 -1.27
C SER D 154 -26.53 -15.59 -2.54
N GLY D 155 -27.34 -15.70 -3.60
CA GLY D 155 -26.85 -16.23 -4.88
C GLY D 155 -26.97 -15.27 -6.04
N LYS D 156 -26.34 -15.64 -7.16
CA LYS D 156 -26.62 -15.01 -8.47
C LYS D 156 -28.11 -15.13 -8.82
N ILE D 157 -28.74 -14.00 -9.10
CA ILE D 157 -30.14 -14.00 -9.49
C ILE D 157 -30.28 -14.61 -10.87
N ASP D 158 -31.12 -15.63 -10.99
CA ASP D 158 -31.44 -16.21 -12.26
C ASP D 158 -32.39 -15.27 -13.04
N LYS D 159 -31.84 -14.48 -13.95
CA LYS D 159 -32.58 -13.48 -14.70
C LYS D 159 -33.68 -14.07 -15.59
N GLN D 160 -33.35 -15.15 -16.27
CA GLN D 160 -34.31 -15.82 -17.11
C GLN D 160 -35.55 -16.22 -16.30
N LYS D 161 -35.34 -16.79 -15.13
CA LYS D 161 -36.44 -17.26 -14.30
C LYS D 161 -37.24 -16.11 -13.73
N LEU D 162 -36.55 -15.05 -13.36
CA LEU D 162 -37.20 -13.84 -12.90
C LEU D 162 -38.09 -13.26 -14.04
N LEU D 163 -37.59 -13.27 -15.27
CA LEU D 163 -38.36 -12.83 -16.42
C LEU D 163 -39.61 -13.69 -16.64
N ARG D 164 -39.46 -15.01 -16.53
CA ARG D 164 -40.59 -15.87 -16.73
C ARG D 164 -41.69 -15.59 -15.64
N GLU D 165 -41.27 -15.43 -14.39
CA GLU D 165 -42.20 -15.15 -13.32
C GLU D 165 -42.97 -13.86 -13.56
N LEU D 166 -42.25 -12.82 -14.01
CA LEU D 166 -42.89 -11.56 -14.32
C LEU D 166 -43.94 -11.73 -15.42
N ALA D 167 -43.57 -12.45 -16.48
CA ALA D 167 -44.44 -12.61 -17.63
C ALA D 167 -45.68 -13.40 -17.25
N GLU D 168 -45.51 -14.46 -16.47
CA GLU D 168 -46.64 -15.34 -16.12
C GLU D 168 -47.73 -14.62 -15.32
N HIS D 169 -47.33 -13.61 -14.55
CA HIS D 169 -48.22 -12.84 -13.69
C HIS D 169 -48.52 -11.46 -14.26
N ASN D 170 -48.26 -11.26 -15.55
CA ASN D 170 -48.58 -10.03 -16.22
C ASN D 170 -49.18 -10.30 -17.62
N LYS D 171 -50.38 -10.86 -17.64
CA LYS D 171 -51.13 -11.13 -18.85
C LYS D 171 -51.37 -9.84 -19.64
N HIS D 172 -51.65 -8.73 -18.98
CA HIS D 172 -52.09 -7.58 -19.74
C HIS D 172 -51.08 -6.47 -19.96
N GLY D 173 -49.88 -6.61 -19.45
CA GLY D 173 -48.98 -5.52 -19.48
C GLY D 173 -47.84 -5.75 -20.42
N TYR D 174 -46.70 -5.23 -20.07
CA TYR D 174 -45.54 -5.23 -20.97
C TYR D 174 -44.38 -5.69 -20.10
N THR D 175 -43.89 -6.90 -20.37
CA THR D 175 -42.76 -7.49 -19.67
C THR D 175 -41.49 -7.36 -20.51
N PHE D 176 -40.44 -6.92 -19.86
CA PHE D 176 -39.24 -6.53 -20.58
C PHE D 176 -37.94 -6.88 -19.81
N ALA D 177 -36.86 -7.14 -20.56
CA ALA D 177 -35.47 -7.23 -20.04
C ALA D 177 -34.60 -6.43 -21.03
N VAL D 178 -33.86 -5.45 -20.51
CA VAL D 178 -33.04 -4.60 -21.36
C VAL D 178 -31.63 -4.64 -20.85
N ASN D 179 -30.70 -4.98 -21.72
CA ASN D 179 -29.29 -4.93 -21.35
C ASN D 179 -28.89 -3.44 -21.21
N LEU D 180 -28.34 -3.07 -20.08
CA LEU D 180 -27.99 -1.67 -19.80
C LEU D 180 -26.46 -1.52 -19.88
N PRO D 181 -26.00 -0.29 -20.20
CA PRO D 181 -24.60 0.09 -20.14
C PRO D 181 -23.95 -0.32 -18.82
N LYS D 182 -22.89 -1.12 -18.91
CA LYS D 182 -22.26 -1.72 -17.74
C LYS D 182 -21.49 -0.74 -16.91
N ASP D 183 -21.21 -1.19 -15.69
CA ASP D 183 -20.14 -0.63 -14.89
C ASP D 183 -18.84 -1.35 -15.24
N GLU D 186 -16.89 -4.67 -15.18
CA GLU D 186 -17.84 -5.19 -14.18
C GLU D 186 -18.93 -6.08 -14.80
N ASN D 187 -19.83 -6.58 -13.95
CA ASN D 187 -20.90 -7.51 -14.37
C ASN D 187 -22.05 -6.91 -15.20
N SER D 188 -22.81 -7.78 -15.85
CA SER D 188 -23.92 -7.36 -16.70
C SER D 188 -25.06 -6.69 -15.88
N LYS D 189 -25.59 -5.60 -16.43
CA LYS D 189 -26.62 -4.83 -15.77
C LYS D 189 -27.90 -4.90 -16.61
N THR D 190 -28.97 -5.39 -16.00
CA THR D 190 -30.19 -5.63 -16.72
C THR D 190 -31.38 -4.91 -16.09
N LEU D 191 -32.13 -4.17 -16.90
CA LEU D 191 -33.36 -3.55 -16.45
C LEU D 191 -34.49 -4.50 -16.78
N ILE D 192 -35.27 -4.83 -15.77
CA ILE D 192 -36.24 -5.89 -15.92
C ILE D 192 -37.52 -5.47 -15.22
N GLY D 193 -38.66 -5.81 -15.79
CA GLY D 193 -39.91 -5.46 -15.14
C GLY D 193 -41.16 -5.88 -15.88
N ALA D 194 -42.29 -5.48 -15.35
CA ALA D 194 -43.58 -5.78 -15.96
C ALA D 194 -44.47 -4.53 -15.75
N SER D 195 -44.51 -3.67 -16.76
CA SER D 195 -45.21 -2.39 -16.67
C SER D 195 -46.59 -2.53 -17.24
N PRO D 196 -47.58 -1.88 -16.61
CA PRO D 196 -48.96 -1.89 -17.14
C PRO D 196 -49.24 -0.72 -18.07
N GLU D 197 -48.26 0.15 -18.29
CA GLU D 197 -48.52 1.41 -18.97
C GLU D 197 -47.82 1.63 -20.32
N LEU D 198 -48.60 1.68 -21.39
CA LEU D 198 -48.13 2.07 -22.69
C LEU D 198 -48.01 3.58 -22.74
N LEU D 199 -46.81 4.11 -23.01
CA LEU D 199 -46.64 5.54 -23.31
C LEU D 199 -47.20 5.85 -24.70
N VAL D 200 -46.78 5.12 -25.75
CA VAL D 200 -47.34 5.33 -27.07
C VAL D 200 -47.06 4.12 -27.94
N SER D 201 -48.01 3.82 -28.84
CA SER D 201 -47.77 2.94 -29.95
C SER D 201 -48.20 3.58 -31.23
N ARG D 202 -47.61 3.11 -32.33
CA ARG D 202 -47.96 3.55 -33.66
C ARG D 202 -48.08 2.31 -34.47
N HIS D 203 -49.15 2.26 -35.27
CA HIS D 203 -49.44 1.18 -36.17
C HIS D 203 -50.04 1.89 -37.39
N GLY D 204 -49.29 1.99 -38.48
CA GLY D 204 -49.69 2.77 -39.60
C GLY D 204 -49.90 4.22 -39.16
N GLN D 206 -52.26 4.95 -37.02
CA GLN D 206 -52.90 4.92 -35.70
C GLN D 206 -51.92 5.03 -34.53
N VAL D 207 -52.23 5.95 -33.62
CA VAL D 207 -51.50 6.21 -32.43
C VAL D 207 -52.31 5.91 -31.22
N ILE D 208 -51.69 5.33 -30.20
CA ILE D 208 -52.44 5.05 -28.98
C ILE D 208 -51.53 5.39 -27.83
N SER D 209 -52.06 6.07 -26.83
CA SER D 209 -51.33 6.30 -25.58
C SER D 209 -52.26 5.87 -24.47
N ASN D 210 -51.74 5.31 -23.38
CA ASN D 210 -52.55 4.87 -22.26
C ASN D 210 -52.10 5.39 -20.93
N PRO D 211 -52.30 6.68 -20.71
CA PRO D 211 -51.95 7.21 -19.42
C PRO D 211 -52.72 6.52 -18.27
N LEU D 212 -51.99 6.26 -17.19
CA LEU D 212 -52.52 5.71 -15.94
C LEU D 212 -52.14 6.69 -14.87
N ALA D 213 -53.08 7.15 -14.09
CA ALA D 213 -52.79 8.05 -12.94
C ALA D 213 -53.96 7.87 -12.04
N GLY D 214 -53.70 7.53 -10.78
CA GLY D 214 -54.72 7.14 -9.83
C GLY D 214 -54.63 5.64 -9.60
N SER D 215 -54.37 5.22 -8.35
CA SER D 215 -54.22 3.81 -8.04
C SER D 215 -54.69 3.44 -6.65
N ARG D 216 -55.03 2.16 -6.51
CA ARG D 216 -55.30 1.52 -5.23
C ARG D 216 -54.71 0.15 -5.34
N PRO D 217 -54.22 -0.39 -4.22
CA PRO D 217 -53.73 -1.76 -4.25
C PRO D 217 -54.88 -2.75 -4.33
N ARG D 218 -54.64 -3.87 -5.01
CA ARG D 218 -55.52 -5.00 -5.04
C ARG D 218 -55.67 -5.62 -3.62
N SER D 219 -56.76 -6.33 -3.40
CA SER D 219 -57.00 -7.09 -2.18
C SER D 219 -57.30 -8.54 -2.54
N ASP D 220 -56.87 -9.48 -1.71
CA ASP D 220 -57.19 -10.89 -1.88
C ASP D 220 -58.62 -11.23 -1.50
N ASP D 221 -59.25 -10.34 -0.75
CA ASP D 221 -60.66 -10.41 -0.49
C ASP D 221 -61.43 -9.77 -1.66
N PRO D 222 -62.09 -10.59 -2.50
CA PRO D 222 -62.72 -10.09 -3.74
C PRO D 222 -63.76 -8.98 -3.57
N VAL D 223 -64.42 -8.94 -2.42
CA VAL D 223 -65.38 -7.89 -2.15
C VAL D 223 -64.66 -6.57 -1.86
N GLU D 224 -63.64 -6.61 -1.02
CA GLU D 224 -62.85 -5.40 -0.75
C GLU D 224 -62.14 -4.95 -2.04
N ASP D 225 -61.67 -5.93 -2.80
CA ASP D 225 -61.03 -5.69 -4.06
C ASP D 225 -61.96 -4.88 -4.94
N LYS D 226 -63.19 -5.34 -5.09
CA LYS D 226 -64.16 -4.66 -5.95
C LYS D 226 -64.46 -3.29 -5.38
N ARG D 227 -64.49 -3.16 -4.06
CA ARG D 227 -64.84 -1.88 -3.45
C ARG D 227 -63.79 -0.85 -3.79
N ARG D 228 -62.52 -1.25 -3.75
CA ARG D 228 -61.44 -0.32 -4.01
C ARG D 228 -61.45 0.22 -5.41
N ALA D 229 -61.71 -0.68 -6.37
CA ALA D 229 -61.83 -0.30 -7.77
C ALA D 229 -62.89 0.75 -7.92
N GLU D 230 -64.01 0.55 -7.22
CA GLU D 230 -65.18 1.41 -7.39
C GLU D 230 -64.92 2.75 -6.73
N GLU D 231 -64.18 2.74 -5.65
CA GLU D 231 -63.82 3.95 -4.97
C GLU D 231 -62.88 4.81 -5.82
N LEU D 232 -61.89 4.16 -6.45
CA LEU D 232 -60.93 4.82 -7.34
C LEU D 232 -61.67 5.50 -8.46
N LEU D 233 -62.62 4.76 -9.03
CA LEU D 233 -63.34 5.19 -10.21
C LEU D 233 -64.21 6.39 -9.97
N SER D 234 -64.59 6.62 -8.71
CA SER D 234 -65.43 7.78 -8.37
C SER D 234 -64.77 8.76 -7.40
N SER D 235 -63.52 8.55 -7.04
CA SER D 235 -62.79 9.55 -6.26
C SER D 235 -62.63 10.87 -7.04
N PRO D 236 -63.25 11.96 -6.56
CA PRO D 236 -63.13 13.21 -7.29
C PRO D 236 -61.71 13.69 -7.38
N LYS D 237 -60.94 13.51 -6.33
CA LYS D 237 -59.55 13.90 -6.30
C LYS D 237 -58.79 13.16 -7.41
N ASP D 238 -59.00 11.86 -7.51
CA ASP D 238 -58.26 11.08 -8.47
C ASP D 238 -58.77 11.32 -9.88
N LEU D 239 -60.09 11.42 -10.06
CA LEU D 239 -60.64 11.79 -11.37
C LEU D 239 -60.05 13.10 -11.88
N HIS D 240 -59.86 14.05 -10.99
CA HIS D 240 -59.36 15.35 -11.40
C HIS D 240 -57.91 15.26 -11.82
N GLU D 241 -57.08 14.56 -11.04
N GLU D 241 -57.10 14.56 -11.03
CA GLU D 241 -55.67 14.44 -11.39
CA GLU D 241 -55.68 14.42 -11.34
C GLU D 241 -55.47 13.65 -12.69
C GLU D 241 -55.45 13.63 -12.65
N HIS D 242 -56.30 12.62 -12.90
CA HIS D 242 -56.26 11.85 -14.11
C HIS D 242 -56.60 12.69 -15.34
N ALA D 243 -57.64 13.50 -15.23
CA ALA D 243 -58.01 14.40 -16.32
C ALA D 243 -56.86 15.36 -16.63
N VAL D 244 -56.09 15.76 -15.62
CA VAL D 244 -54.91 16.63 -15.89
C VAL D 244 -53.85 15.90 -16.73
N VAL D 245 -53.60 14.64 -16.38
CA VAL D 245 -52.68 13.82 -17.14
C VAL D 245 -53.20 13.62 -18.60
N VAL D 246 -54.48 13.29 -18.73
CA VAL D 246 -55.07 13.12 -20.03
C VAL D 246 -54.94 14.39 -20.91
N GLU D 247 -55.13 15.55 -20.31
CA GLU D 247 -54.95 16.79 -21.03
C GLU D 247 -53.52 16.93 -21.55
N ALA D 248 -52.56 16.51 -20.75
CA ALA D 248 -51.18 16.61 -21.19
C ALA D 248 -50.87 15.61 -22.33
N VAL D 249 -51.45 14.42 -22.31
CA VAL D 249 -51.26 13.47 -23.40
C VAL D 249 -51.89 14.05 -24.68
N ALA D 250 -53.13 14.52 -24.60
CA ALA D 250 -53.76 15.19 -25.74
C ALA D 250 -52.93 16.38 -26.30
N ALA D 251 -52.49 17.28 -25.42
CA ALA D 251 -51.67 18.43 -25.76
C ALA D 251 -50.44 18.04 -26.53
N ALA D 252 -49.79 16.99 -26.10
CA ALA D 252 -48.56 16.51 -26.74
C ALA D 252 -48.86 15.92 -28.12
N LEU D 253 -50.04 15.34 -28.28
CA LEU D 253 -50.40 14.64 -29.48
C LEU D 253 -51.12 15.50 -30.54
N ARG D 254 -51.83 16.54 -30.11
CA ARG D 254 -52.52 17.44 -31.08
C ARG D 254 -51.70 17.87 -32.30
N PRO D 255 -50.49 18.33 -32.09
CA PRO D 255 -49.78 18.80 -33.25
C PRO D 255 -49.46 17.70 -34.27
N TYR D 256 -49.48 16.43 -33.85
CA TYR D 256 -49.20 15.31 -34.75
C TYR D 256 -50.44 14.67 -35.42
N CYS D 257 -51.64 14.95 -34.92
CA CYS D 257 -52.85 14.24 -35.40
C CYS D 257 -53.89 15.12 -36.05
N HIS D 258 -54.52 14.67 -37.16
CA HIS D 258 -55.70 15.40 -37.67
C HIS D 258 -56.91 15.11 -36.82
N THR D 259 -57.00 13.90 -36.27
CA THR D 259 -58.05 13.61 -35.34
C THR D 259 -57.54 12.90 -34.08
N LEU D 260 -58.17 13.17 -32.94
CA LEU D 260 -57.89 12.50 -31.66
C LEU D 260 -59.19 11.99 -31.02
N TYR D 261 -59.13 10.87 -30.33
CA TYR D 261 -60.26 10.34 -29.61
C TYR D 261 -59.87 10.33 -28.17
N VAL D 262 -60.54 11.13 -27.37
CA VAL D 262 -60.25 11.28 -25.96
C VAL D 262 -61.51 10.94 -25.17
N PRO D 263 -61.52 9.79 -24.49
CA PRO D 263 -62.65 9.35 -23.74
C PRO D 263 -63.03 10.32 -22.66
N GLU D 264 -64.33 10.46 -22.49
CA GLU D 264 -64.86 11.34 -21.49
C GLU D 264 -64.36 10.97 -20.12
N LYS D 265 -64.37 9.68 -19.84
CA LYS D 265 -64.08 9.20 -18.48
C LYS D 265 -63.09 8.06 -18.50
N PRO D 266 -62.29 7.95 -17.44
CA PRO D 266 -61.40 6.84 -17.34
C PRO D 266 -62.09 5.55 -16.95
N SER D 267 -61.52 4.42 -17.31
CA SER D 267 -61.89 3.14 -16.75
C SER D 267 -60.89 2.73 -15.69
N VAL D 268 -61.14 1.62 -15.02
CA VAL D 268 -60.16 1.04 -14.12
C VAL D 268 -59.57 -0.17 -14.79
N ILE D 269 -58.27 -0.36 -14.69
CA ILE D 269 -57.65 -1.60 -15.12
C ILE D 269 -56.85 -2.15 -13.96
N HIS D 270 -56.34 -3.37 -14.12
CA HIS D 270 -55.56 -3.97 -13.05
C HIS D 270 -54.33 -4.78 -13.53
N SER D 271 -53.32 -4.81 -12.67
CA SER D 271 -52.30 -5.85 -12.66
C SER D 271 -52.56 -6.63 -11.39
N GLU D 272 -51.78 -7.68 -11.12
CA GLU D 272 -51.92 -8.43 -9.87
C GLU D 272 -51.72 -7.55 -8.64
N ALA D 273 -50.87 -6.55 -8.73
CA ALA D 273 -50.62 -5.68 -7.59
C ALA D 273 -51.60 -4.50 -7.40
N TRP D 275 -54.84 -1.55 -8.86
CA TRP D 275 -55.86 -0.93 -9.68
C TRP D 275 -55.30 0.40 -10.18
N HIS D 276 -55.65 0.75 -11.42
CA HIS D 276 -55.23 1.99 -12.05
C HIS D 276 -56.36 2.65 -12.80
N LEU D 277 -56.55 3.95 -12.63
CA LEU D 277 -57.40 4.75 -13.49
C LEU D 277 -56.70 4.91 -14.85
N SER D 278 -57.38 4.54 -15.92
CA SER D 278 -56.81 4.39 -17.24
C SER D 278 -57.65 5.08 -18.30
N THR D 279 -56.98 5.75 -19.26
CA THR D 279 -57.62 6.29 -20.46
C THR D 279 -56.80 5.95 -21.71
N GLU D 280 -57.46 5.41 -22.73
CA GLU D 280 -56.84 5.22 -24.03
C GLU D 280 -57.15 6.38 -24.91
N VAL D 281 -56.13 7.15 -25.23
CA VAL D 281 -56.20 8.22 -26.15
C VAL D 281 -55.72 7.67 -27.51
N LYS D 282 -56.55 7.80 -28.54
CA LYS D 282 -56.25 7.34 -29.86
C LYS D 282 -56.16 8.50 -30.82
N GLY D 283 -55.30 8.38 -31.83
CA GLY D 283 -55.08 9.43 -32.82
C GLY D 283 -54.87 8.90 -34.19
N GLU D 284 -54.99 9.80 -35.15
CA GLU D 284 -54.64 9.51 -36.52
C GLU D 284 -53.67 10.55 -36.96
N LEU D 285 -52.49 10.08 -37.31
CA LEU D 285 -51.41 10.97 -37.64
C LEU D 285 -51.71 11.76 -38.92
N LYS D 286 -51.10 12.94 -39.04
CA LYS D 286 -51.12 13.72 -40.27
C LYS D 286 -50.04 13.27 -41.20
N ASN D 287 -48.90 12.92 -40.65
CA ASN D 287 -47.74 12.69 -41.47
C ASN D 287 -47.27 11.25 -41.34
N PRO D 288 -47.25 10.51 -42.42
CA PRO D 288 -46.76 9.14 -42.33
C PRO D 288 -45.34 9.00 -41.84
N ASN D 289 -44.51 10.02 -42.00
CA ASN D 289 -43.14 9.94 -41.50
C ASN D 289 -42.98 10.13 -40.00
N THR D 290 -44.02 10.43 -39.23
CA THR D 290 -43.83 10.59 -37.78
C THR D 290 -43.65 9.19 -37.16
N SER D 291 -42.52 8.97 -36.53
CA SER D 291 -42.27 7.69 -35.90
C SER D 291 -42.77 7.59 -34.49
N SER D 292 -42.95 6.35 -34.06
CA SER D 292 -43.37 6.09 -32.71
C SER D 292 -42.38 6.72 -31.78
N LEU D 293 -41.10 6.73 -32.13
CA LEU D 293 -40.10 7.18 -31.17
C LEU D 293 -40.25 8.68 -31.02
N GLU D 294 -40.59 9.36 -32.11
CA GLU D 294 -40.80 10.80 -32.08
C GLU D 294 -42.03 11.11 -31.18
N LEU D 295 -43.07 10.31 -31.31
CA LEU D 295 -44.21 10.50 -30.42
C LEU D 295 -43.85 10.25 -28.96
N ALA D 296 -43.04 9.24 -28.71
CA ALA D 296 -42.68 8.93 -27.32
C ALA D 296 -41.94 10.09 -26.71
N ILE D 297 -40.99 10.61 -27.44
CA ILE D 297 -40.24 11.76 -26.95
C ILE D 297 -41.16 12.95 -26.72
N ALA D 298 -42.12 13.16 -27.61
CA ALA D 298 -43.08 14.30 -27.43
C ALA D 298 -43.84 14.17 -26.14
N LEU D 299 -44.10 12.92 -25.73
CA LEU D 299 -44.90 12.68 -24.54
C LEU D 299 -44.08 12.49 -23.30
N HIS D 300 -42.77 12.34 -23.41
CA HIS D 300 -42.06 11.82 -22.27
C HIS D 300 -41.36 12.93 -21.51
N PRO D 301 -41.42 12.88 -20.17
CA PRO D 301 -42.18 11.98 -19.29
C PRO D 301 -43.56 12.56 -19.05
N THR D 302 -44.59 11.76 -18.77
CA THR D 302 -45.90 12.37 -18.50
C THR D 302 -45.97 12.80 -17.07
N PRO D 303 -46.96 13.66 -16.78
CA PRO D 303 -47.13 14.12 -15.42
C PRO D 303 -47.43 12.99 -14.48
N ALA D 304 -47.86 11.84 -14.98
CA ALA D 304 -48.07 10.68 -14.14
C ALA D 304 -46.82 10.25 -13.37
N VAL D 305 -45.64 10.37 -13.96
CA VAL D 305 -44.40 10.01 -13.22
C VAL D 305 -43.53 11.20 -12.82
N CYS D 306 -43.81 12.38 -13.37
CA CYS D 306 -42.99 13.57 -13.13
C CYS D 306 -43.86 14.63 -12.43
N GLY D 307 -44.39 15.58 -13.20
CA GLY D 307 -45.33 16.57 -12.67
C GLY D 307 -45.62 17.74 -13.61
N THR D 308 -46.33 18.74 -13.05
CA THR D 308 -46.71 19.96 -13.77
C THR D 308 -46.34 21.19 -12.96
N PRO D 309 -45.57 22.12 -13.55
CA PRO D 309 -44.89 22.02 -14.86
C PRO D 309 -43.85 20.90 -14.85
N GLU D 311 -40.69 20.84 -16.10
CA GLU D 311 -39.33 21.37 -15.77
C GLU D 311 -39.22 21.73 -14.29
N GLU D 312 -40.26 22.36 -13.75
CA GLU D 312 -40.25 22.78 -12.36
C GLU D 312 -40.40 21.58 -11.42
N ALA D 313 -41.29 20.65 -11.75
CA ALA D 313 -41.48 19.42 -10.96
C ALA D 313 -40.26 18.49 -11.04
N ARG D 314 -39.67 18.35 -12.22
CA ARG D 314 -38.42 17.60 -12.29
C ARG D 314 -37.38 18.23 -11.40
N GLU D 315 -37.35 19.58 -11.37
CA GLU D 315 -36.41 20.32 -10.53
C GLU D 315 -36.58 19.93 -9.05
N ALA D 316 -37.82 20.04 -8.58
CA ALA D 316 -38.16 19.60 -7.26
C ALA D 316 -37.80 18.13 -7.04
N ILE D 317 -38.09 17.26 -8.01
CA ILE D 317 -37.84 15.83 -7.84
C ILE D 317 -36.37 15.53 -7.61
N GLN D 318 -35.50 16.14 -8.39
CA GLN D 318 -34.10 15.77 -8.32
C GLN D 318 -33.47 16.37 -7.08
N LYS D 319 -33.97 17.54 -6.67
CA LYS D 319 -33.60 18.19 -5.40
C LYS D 319 -34.03 17.37 -4.18
N ILE D 320 -35.26 16.88 -4.18
CA ILE D 320 -35.77 16.13 -3.04
C ILE D 320 -35.24 14.68 -2.96
N GLU D 321 -35.01 14.03 -4.09
CA GLU D 321 -34.73 12.58 -4.08
C GLU D 321 -33.25 12.31 -3.86
N PRO D 322 -32.91 11.44 -2.88
CA PRO D 322 -31.50 11.15 -2.55
C PRO D 322 -30.87 10.01 -3.35
N PHE D 323 -31.48 9.65 -4.46
CA PHE D 323 -30.91 8.67 -5.35
C PHE D 323 -31.21 9.18 -6.73
N ASP D 324 -30.60 8.55 -7.72
CA ASP D 324 -30.92 8.85 -9.11
C ASP D 324 -31.81 7.77 -9.69
N ARG D 325 -32.93 8.21 -10.23
CA ARG D 325 -33.91 7.35 -10.87
C ARG D 325 -33.32 6.56 -12.03
N GLU D 326 -32.48 7.24 -12.79
CA GLU D 326 -31.86 6.65 -13.97
C GLU D 326 -32.96 6.26 -14.97
N PHE D 327 -33.09 4.97 -15.22
CA PHE D 327 -34.02 4.45 -16.17
C PHE D 327 -35.47 4.31 -15.66
N PHE D 328 -35.64 4.30 -14.35
CA PHE D 328 -36.95 4.23 -13.74
C PHE D 328 -37.74 5.51 -14.02
N THR D 329 -38.97 5.31 -14.52
CA THR D 329 -39.84 6.35 -15.10
C THR D 329 -39.30 6.97 -16.37
N GLY D 330 -38.34 6.28 -16.98
CA GLY D 330 -38.02 6.54 -18.35
C GLY D 330 -39.05 5.86 -19.22
N LEU D 332 -39.16 2.71 -22.49
CA LEU D 332 -38.42 1.71 -23.21
C LEU D 332 -39.30 0.99 -24.19
N GLY D 333 -38.70 0.41 -25.20
CA GLY D 333 -39.47 -0.26 -26.21
C GLY D 333 -38.76 -0.48 -27.50
N TRP D 334 -39.54 -0.47 -28.59
CA TRP D 334 -39.03 -0.66 -29.94
C TRP D 334 -39.70 0.24 -30.96
N SER D 335 -39.02 0.44 -32.11
CA SER D 335 -39.52 1.16 -33.24
C SER D 335 -38.91 0.58 -34.52
N ASP D 336 -39.62 0.59 -35.65
CA ASP D 336 -39.12 0.01 -36.88
C ASP D 336 -38.96 1.02 -37.99
N LEU D 337 -38.43 0.57 -39.11
CA LEU D 337 -38.13 1.48 -40.20
C LEU D 337 -39.38 2.17 -40.74
N ASN D 338 -40.51 1.48 -40.74
CA ASN D 338 -41.79 2.02 -41.18
C ASN D 338 -42.27 3.10 -40.21
N GLY D 339 -41.77 3.07 -38.97
CA GLY D 339 -42.17 4.07 -37.99
C GLY D 339 -43.07 3.53 -36.92
N ASP D 340 -43.50 2.27 -37.05
CA ASP D 340 -44.33 1.66 -36.02
C ASP D 340 -43.50 1.31 -34.80
N GLY D 341 -44.18 1.12 -33.67
CA GLY D 341 -43.48 0.78 -32.44
C GLY D 341 -44.35 0.75 -31.20
N GLU D 342 -43.75 0.40 -30.05
CA GLU D 342 -44.44 0.48 -28.76
C GLU D 342 -43.44 1.00 -27.77
N TRP D 343 -43.81 2.01 -26.98
CA TRP D 343 -42.94 2.50 -25.92
C TRP D 343 -43.73 2.53 -24.65
N ILE D 344 -43.16 1.99 -23.58
CA ILE D 344 -43.84 1.88 -22.33
C ILE D 344 -43.20 2.81 -21.32
N VAL D 345 -43.90 3.07 -20.23
CA VAL D 345 -43.39 3.89 -19.14
C VAL D 345 -42.75 2.87 -18.23
N THR D 346 -41.49 3.12 -17.88
CA THR D 346 -40.67 2.16 -17.19
C THR D 346 -40.93 2.22 -15.69
N ILE D 347 -41.94 1.49 -15.27
CA ILE D 347 -42.26 1.34 -13.85
C ILE D 347 -42.40 -0.14 -13.51
N ARG D 348 -42.60 -0.43 -12.24
CA ARG D 348 -42.66 -1.81 -11.70
C ARG D 348 -41.46 -2.62 -12.18
N CYS D 349 -40.29 -2.03 -12.04
CA CYS D 349 -39.05 -2.58 -12.59
C CYS D 349 -37.93 -2.66 -11.58
N ALA D 350 -36.86 -3.34 -11.97
CA ALA D 350 -35.64 -3.45 -11.17
C ALA D 350 -34.38 -3.38 -12.04
N GLU D 351 -33.32 -2.75 -11.53
CA GLU D 351 -31.98 -2.95 -12.04
C GLU D 351 -31.41 -4.20 -11.39
N VAL D 352 -30.95 -5.15 -12.20
CA VAL D 352 -30.34 -6.36 -11.68
C VAL D 352 -28.90 -6.47 -12.15
N GLN D 353 -28.00 -6.59 -11.18
CA GLN D 353 -26.58 -6.76 -11.44
C GLN D 353 -26.09 -7.84 -10.49
N GLU D 354 -25.66 -8.96 -11.06
CA GLU D 354 -24.99 -10.05 -10.32
C GLU D 354 -25.89 -10.73 -9.28
N ASN D 355 -25.78 -10.30 -8.03
CA ASN D 355 -26.62 -10.82 -6.94
C ASN D 355 -27.32 -9.68 -6.19
N THR D 356 -27.43 -8.51 -6.83
CA THR D 356 -28.17 -7.36 -6.28
C THR D 356 -29.24 -6.77 -7.27
N LEU D 357 -30.44 -6.50 -6.76
CA LEU D 357 -31.45 -5.77 -7.49
C LEU D 357 -31.70 -4.44 -6.82
N ARG D 358 -31.86 -3.38 -7.61
CA ARG D 358 -32.51 -2.19 -7.09
C ARG D 358 -33.95 -2.14 -7.63
N LEU D 359 -34.90 -2.11 -6.71
CA LEU D 359 -36.32 -1.98 -7.03
C LEU D 359 -36.75 -0.55 -6.86
N TYR D 360 -37.76 -0.12 -7.60
CA TYR D 360 -38.24 1.26 -7.52
C TYR D 360 -39.74 1.29 -7.46
N ALA D 361 -40.27 2.33 -6.82
CA ALA D 361 -41.69 2.69 -6.85
C ALA D 361 -41.93 4.17 -6.48
N GLY D 362 -42.97 4.77 -7.04
CA GLY D 362 -43.28 6.19 -6.80
C GLY D 362 -44.76 6.50 -6.64
N ALA D 363 -45.08 7.73 -6.23
CA ALA D 363 -46.46 8.11 -5.95
C ALA D 363 -46.69 9.60 -6.12
N GLY D 364 -47.67 9.91 -6.98
CA GLY D 364 -48.11 11.27 -7.26
C GLY D 364 -48.58 12.00 -6.01
N VAL D 365 -47.99 13.17 -5.76
CA VAL D 365 -48.33 14.04 -4.62
C VAL D 365 -48.95 15.38 -5.09
N VAL D 366 -49.98 15.79 -4.34
CA VAL D 366 -50.76 17.00 -4.61
C VAL D 366 -50.97 17.74 -3.29
N ALA D 367 -51.65 18.89 -3.37
CA ALA D 367 -51.98 19.69 -2.19
C ALA D 367 -52.62 18.87 -1.06
N GLU D 368 -53.61 18.05 -1.40
CA GLU D 368 -54.40 17.30 -0.40
C GLU D 368 -53.73 16.01 0.13
N SER D 369 -52.53 15.69 -0.35
CA SER D 369 -51.86 14.41 -0.02
C SER D 369 -51.47 14.25 1.46
N LYS D 370 -51.42 12.99 1.92
CA LYS D 370 -51.02 12.64 3.28
C LYS D 370 -49.84 11.64 3.25
N PRO D 371 -48.70 11.98 3.89
CA PRO D 371 -47.46 11.16 3.88
C PRO D 371 -47.58 9.66 4.11
N GLU D 372 -48.26 9.25 5.18
CA GLU D 372 -48.42 7.84 5.54
C GLU D 372 -48.95 6.99 4.39
N ASP D 373 -49.89 7.56 3.63
CA ASP D 373 -50.56 6.87 2.50
C ASP D 373 -49.73 6.77 1.21
N GLU D 374 -48.72 7.64 1.09
CA GLU D 374 -47.81 7.60 -0.06
C GLU D 374 -46.73 6.54 0.21
N LEU D 375 -46.27 6.45 1.45
CA LEU D 375 -45.39 5.35 1.84
C LEU D 375 -46.09 3.99 1.64
N ALA D 376 -47.37 3.93 1.96
CA ALA D 376 -48.15 2.72 1.79
C ALA D 376 -48.38 2.40 0.31
N GLU D 377 -48.74 3.42 -0.46
CA GLU D 377 -48.92 3.28 -1.91
C GLU D 377 -47.64 2.76 -2.63
N THR D 378 -46.49 3.34 -2.28
CA THR D 378 -45.20 2.88 -2.83
C THR D 378 -44.91 1.40 -2.51
N SER D 379 -45.16 0.96 -1.28
CA SER D 379 -45.00 -0.44 -0.90
C SER D 379 -45.90 -1.38 -1.69
N ALA D 380 -47.14 -0.96 -1.95
CA ALA D 380 -48.06 -1.77 -2.75
C ALA D 380 -47.49 -1.89 -4.17
N LYS D 381 -47.00 -0.79 -4.70
CA LYS D 381 -46.38 -0.77 -6.02
C LYS D 381 -45.12 -1.66 -6.10
N PHE D 382 -44.42 -1.87 -4.97
CA PHE D 382 -43.24 -2.78 -4.96
C PHE D 382 -43.61 -4.26 -5.13
N GLN D 383 -44.87 -4.61 -4.92
CA GLN D 383 -45.30 -6.01 -4.93
C GLN D 383 -45.08 -6.77 -6.24
N THR D 384 -45.13 -6.06 -7.39
CA THR D 384 -44.99 -6.72 -8.69
C THR D 384 -43.61 -7.38 -8.77
N LEU D 386 -41.37 -7.73 -6.08
CA LEU D 386 -41.20 -8.62 -4.93
C LEU D 386 -41.85 -9.98 -5.16
N LYS D 387 -43.04 -10.00 -5.73
CA LYS D 387 -43.75 -11.25 -5.97
C LYS D 387 -42.92 -12.16 -6.86
N ALA D 388 -42.28 -11.57 -7.89
CA ALA D 388 -41.50 -12.36 -8.84
C ALA D 388 -40.22 -12.93 -8.21
N LEU D 389 -39.70 -12.23 -7.21
CA LEU D 389 -38.53 -12.70 -6.47
C LEU D 389 -38.88 -13.75 -5.40
N GLY D 390 -40.17 -14.01 -5.19
CA GLY D 390 -40.62 -14.91 -4.13
C GLY D 390 -40.82 -14.22 -2.78
N LEU D 391 -40.64 -12.89 -2.72
CA LEU D 391 -40.75 -12.11 -1.48
C LEU D 391 -42.09 -11.35 -1.30
N ASN D 392 -43.13 -11.74 -2.04
CA ASN D 392 -44.39 -11.01 -2.08
C ASN D 392 -44.90 -10.46 -0.72
#